data_4EIJ
# 
_entry.id   4EIJ 
# 
_audit_conform.dict_name       mmcif_pdbx.dic 
_audit_conform.dict_version    5.387 
_audit_conform.dict_location   http://mmcif.pdb.org/dictionaries/ascii/mmcif_pdbx.dic 
# 
loop_
_database_2.database_id 
_database_2.database_code 
_database_2.pdbx_database_accession 
_database_2.pdbx_DOI 
PDB   4EIJ         pdb_00004eij 10.2210/pdb4eij/pdb 
RCSB  RCSB071661   ?            ?                   
WWPDB D_1000071661 ?            ?                   
# 
loop_
_pdbx_audit_revision_history.ordinal 
_pdbx_audit_revision_history.data_content_type 
_pdbx_audit_revision_history.major_revision 
_pdbx_audit_revision_history.minor_revision 
_pdbx_audit_revision_history.revision_date 
1 'Structure model' 1 0 2013-05-08 
2 'Structure model' 1 1 2013-05-29 
3 'Structure model' 1 2 2013-06-26 
4 'Structure model' 1 3 2024-02-28 
# 
_pdbx_audit_revision_details.ordinal             1 
_pdbx_audit_revision_details.revision_ordinal    1 
_pdbx_audit_revision_details.data_content_type   'Structure model' 
_pdbx_audit_revision_details.provider            repository 
_pdbx_audit_revision_details.type                'Initial release' 
_pdbx_audit_revision_details.description         ? 
_pdbx_audit_revision_details.details             ? 
# 
loop_
_pdbx_audit_revision_group.ordinal 
_pdbx_audit_revision_group.revision_ordinal 
_pdbx_audit_revision_group.data_content_type 
_pdbx_audit_revision_group.group 
1 2 'Structure model' 'Database references'  
2 3 'Structure model' 'Database references'  
3 4 'Structure model' 'Data collection'      
4 4 'Structure model' 'Database references'  
5 4 'Structure model' 'Derived calculations' 
# 
loop_
_pdbx_audit_revision_category.ordinal 
_pdbx_audit_revision_category.revision_ordinal 
_pdbx_audit_revision_category.data_content_type 
_pdbx_audit_revision_category.category 
1 4 'Structure model' chem_comp_atom 
2 4 'Structure model' chem_comp_bond 
3 4 'Structure model' database_2     
4 4 'Structure model' struct_site    
# 
loop_
_pdbx_audit_revision_item.ordinal 
_pdbx_audit_revision_item.revision_ordinal 
_pdbx_audit_revision_item.data_content_type 
_pdbx_audit_revision_item.item 
1 4 'Structure model' '_database_2.pdbx_DOI'                
2 4 'Structure model' '_database_2.pdbx_database_accession' 
3 4 'Structure model' '_struct_site.pdbx_auth_asym_id'      
4 4 'Structure model' '_struct_site.pdbx_auth_comp_id'      
5 4 'Structure model' '_struct_site.pdbx_auth_seq_id'       
# 
_pdbx_database_status.entry_id                        4EIJ 
_pdbx_database_status.deposit_site                    RCSB 
_pdbx_database_status.process_site                    RCSB 
_pdbx_database_status.recvd_initial_deposition_date   2012-04-05 
_pdbx_database_status.status_code                     REL 
_pdbx_database_status.status_code_sf                  REL 
_pdbx_database_status.status_code_mr                  ? 
_pdbx_database_status.SG_entry                        ? 
_pdbx_database_status.status_code_cs                  ? 
_pdbx_database_status.methods_development_category    ? 
_pdbx_database_status.pdb_format_compatible           Y 
_pdbx_database_status.status_code_nmr_data            ? 
# 
loop_
_audit_author.name 
_audit_author.pdbx_ordinal 
'Cox, R.'     1 
'Green, T.J.' 2 
'Luo, M.'     3 
# 
_citation.id                        primary 
_citation.title                     'Structural and functional characterization of the mumps virus phosphoprotein.' 
_citation.journal_abbrev            J.Virol. 
_citation.journal_volume            87 
_citation.page_first                7558 
_citation.page_last                 7568 
_citation.year                      2013 
_citation.journal_id_ASTM           JOVIAM 
_citation.country                   US 
_citation.journal_id_ISSN           0022-538X 
_citation.journal_id_CSD            0825 
_citation.book_publisher            ? 
_citation.pdbx_database_id_PubMed   23637399 
_citation.pdbx_database_id_DOI      10.1128/JVI.00653-13 
# 
loop_
_citation_author.citation_id 
_citation_author.name 
_citation_author.ordinal 
_citation_author.identifier_ORCID 
primary 'Cox, R.'          1 ? 
primary 'Green, T.J.'      2 ? 
primary 'Purushotham, S.'  3 ? 
primary 'Deivanayagam, C.' 4 ? 
primary 'Bedwell, G.J.'    5 ? 
primary 'Prevelige, P.E.'  6 ? 
primary 'Luo, M.'          7 ? 
# 
loop_
_entity.id 
_entity.type 
_entity.src_method 
_entity.pdbx_description 
_entity.formula_weight 
_entity.pdbx_number_of_molecules 
_entity.pdbx_ec 
_entity.pdbx_mutation 
_entity.pdbx_fragment 
_entity.details 
1 polymer     man 'P protein' 7183.435 2  ? ? 'Oligomerization Domain (UNP Residues 213-277)' ? 
2 non-polymer syn GLYCEROL    92.094   1  ? ? ?                                               ? 
3 water       nat water       18.015   58 ? ? ?                                               ? 
# 
_entity_poly.entity_id                      1 
_entity_poly.type                           'polypeptide(L)' 
_entity_poly.nstd_linkage                   no 
_entity_poly.nstd_monomer                   no 
_entity_poly.pdbx_seq_one_letter_code       QSVISANEIMDLLRGMDARLQHLEQKVDKVLAQGSMVTQIKNELSTVKTTLATIEGMMATVKIMD 
_entity_poly.pdbx_seq_one_letter_code_can   QSVISANEIMDLLRGMDARLQHLEQKVDKVLAQGSMVTQIKNELSTVKTTLATIEGMMATVKIMD 
_entity_poly.pdbx_strand_id                 A,B 
_entity_poly.pdbx_target_identifier         ? 
# 
loop_
_pdbx_entity_nonpoly.entity_id 
_pdbx_entity_nonpoly.name 
_pdbx_entity_nonpoly.comp_id 
2 GLYCEROL GOL 
3 water    HOH 
# 
loop_
_entity_poly_seq.entity_id 
_entity_poly_seq.num 
_entity_poly_seq.mon_id 
_entity_poly_seq.hetero 
1 1  GLN n 
1 2  SER n 
1 3  VAL n 
1 4  ILE n 
1 5  SER n 
1 6  ALA n 
1 7  ASN n 
1 8  GLU n 
1 9  ILE n 
1 10 MET n 
1 11 ASP n 
1 12 LEU n 
1 13 LEU n 
1 14 ARG n 
1 15 GLY n 
1 16 MET n 
1 17 ASP n 
1 18 ALA n 
1 19 ARG n 
1 20 LEU n 
1 21 GLN n 
1 22 HIS n 
1 23 LEU n 
1 24 GLU n 
1 25 GLN n 
1 26 LYS n 
1 27 VAL n 
1 28 ASP n 
1 29 LYS n 
1 30 VAL n 
1 31 LEU n 
1 32 ALA n 
1 33 GLN n 
1 34 GLY n 
1 35 SER n 
1 36 MET n 
1 37 VAL n 
1 38 THR n 
1 39 GLN n 
1 40 ILE n 
1 41 LYS n 
1 42 ASN n 
1 43 GLU n 
1 44 LEU n 
1 45 SER n 
1 46 THR n 
1 47 VAL n 
1 48 LYS n 
1 49 THR n 
1 50 THR n 
1 51 LEU n 
1 52 ALA n 
1 53 THR n 
1 54 ILE n 
1 55 GLU n 
1 56 GLY n 
1 57 MET n 
1 58 MET n 
1 59 ALA n 
1 60 THR n 
1 61 VAL n 
1 62 LYS n 
1 63 ILE n 
1 64 MET n 
1 65 ASP n 
# 
_entity_src_gen.entity_id                          1 
_entity_src_gen.pdbx_src_id                        1 
_entity_src_gen.pdbx_alt_source_flag               sample 
_entity_src_gen.pdbx_seq_type                      ? 
_entity_src_gen.pdbx_beg_seq_num                   ? 
_entity_src_gen.pdbx_end_seq_num                   ? 
_entity_src_gen.gene_src_common_name               ? 
_entity_src_gen.gene_src_genus                     ? 
_entity_src_gen.pdbx_gene_src_gene                 P 
_entity_src_gen.gene_src_species                   ? 
_entity_src_gen.gene_src_strain                    88-1961 
_entity_src_gen.gene_src_tissue                    ? 
_entity_src_gen.gene_src_tissue_fraction           ? 
_entity_src_gen.gene_src_details                   ? 
_entity_src_gen.pdbx_gene_src_fragment             ? 
_entity_src_gen.pdbx_gene_src_scientific_name      'Mumps virus' 
_entity_src_gen.pdbx_gene_src_ncbi_taxonomy_id     11161 
_entity_src_gen.pdbx_gene_src_variant              ? 
_entity_src_gen.pdbx_gene_src_cell_line            ? 
_entity_src_gen.pdbx_gene_src_atcc                 ? 
_entity_src_gen.pdbx_gene_src_organ                ? 
_entity_src_gen.pdbx_gene_src_organelle            ? 
_entity_src_gen.pdbx_gene_src_cell                 ? 
_entity_src_gen.pdbx_gene_src_cellular_location    ? 
_entity_src_gen.host_org_common_name               ? 
_entity_src_gen.pdbx_host_org_scientific_name      'Escherichia coli' 
_entity_src_gen.pdbx_host_org_ncbi_taxonomy_id     469008 
_entity_src_gen.host_org_genus                     ? 
_entity_src_gen.pdbx_host_org_gene                 ? 
_entity_src_gen.pdbx_host_org_organ                ? 
_entity_src_gen.host_org_species                   ? 
_entity_src_gen.pdbx_host_org_tissue               ? 
_entity_src_gen.pdbx_host_org_tissue_fraction      ? 
_entity_src_gen.pdbx_host_org_strain               'BL21(DE3)' 
_entity_src_gen.pdbx_host_org_variant              ? 
_entity_src_gen.pdbx_host_org_cell_line            ? 
_entity_src_gen.pdbx_host_org_atcc                 ? 
_entity_src_gen.pdbx_host_org_culture_collection   ? 
_entity_src_gen.pdbx_host_org_cell                 ? 
_entity_src_gen.pdbx_host_org_organelle            ? 
_entity_src_gen.pdbx_host_org_cellular_location    ? 
_entity_src_gen.pdbx_host_org_vector_type          ? 
_entity_src_gen.pdbx_host_org_vector               ? 
_entity_src_gen.host_org_details                   ? 
_entity_src_gen.expression_system_id               ? 
_entity_src_gen.plasmid_name                       ? 
_entity_src_gen.plasmid_details                    ? 
_entity_src_gen.pdbx_description                   ? 
# 
loop_
_chem_comp.id 
_chem_comp.type 
_chem_comp.mon_nstd_flag 
_chem_comp.name 
_chem_comp.pdbx_synonyms 
_chem_comp.formula 
_chem_comp.formula_weight 
ALA 'L-peptide linking' y ALANINE         ?                               'C3 H7 N O2'     89.093  
ARG 'L-peptide linking' y ARGININE        ?                               'C6 H15 N4 O2 1' 175.209 
ASN 'L-peptide linking' y ASPARAGINE      ?                               'C4 H8 N2 O3'    132.118 
ASP 'L-peptide linking' y 'ASPARTIC ACID' ?                               'C4 H7 N O4'     133.103 
GLN 'L-peptide linking' y GLUTAMINE       ?                               'C5 H10 N2 O3'   146.144 
GLU 'L-peptide linking' y 'GLUTAMIC ACID' ?                               'C5 H9 N O4'     147.129 
GLY 'peptide linking'   y GLYCINE         ?                               'C2 H5 N O2'     75.067  
GOL non-polymer         . GLYCEROL        'GLYCERIN; PROPANE-1,2,3-TRIOL' 'C3 H8 O3'       92.094  
HIS 'L-peptide linking' y HISTIDINE       ?                               'C6 H10 N3 O2 1' 156.162 
HOH non-polymer         . WATER           ?                               'H2 O'           18.015  
ILE 'L-peptide linking' y ISOLEUCINE      ?                               'C6 H13 N O2'    131.173 
LEU 'L-peptide linking' y LEUCINE         ?                               'C6 H13 N O2'    131.173 
LYS 'L-peptide linking' y LYSINE          ?                               'C6 H15 N2 O2 1' 147.195 
MET 'L-peptide linking' y METHIONINE      ?                               'C5 H11 N O2 S'  149.211 
SER 'L-peptide linking' y SERINE          ?                               'C3 H7 N O3'     105.093 
THR 'L-peptide linking' y THREONINE       ?                               'C4 H9 N O3'     119.119 
VAL 'L-peptide linking' y VALINE          ?                               'C5 H11 N O2'    117.146 
# 
loop_
_pdbx_poly_seq_scheme.asym_id 
_pdbx_poly_seq_scheme.entity_id 
_pdbx_poly_seq_scheme.seq_id 
_pdbx_poly_seq_scheme.mon_id 
_pdbx_poly_seq_scheme.ndb_seq_num 
_pdbx_poly_seq_scheme.pdb_seq_num 
_pdbx_poly_seq_scheme.auth_seq_num 
_pdbx_poly_seq_scheme.pdb_mon_id 
_pdbx_poly_seq_scheme.auth_mon_id 
_pdbx_poly_seq_scheme.pdb_strand_id 
_pdbx_poly_seq_scheme.pdb_ins_code 
_pdbx_poly_seq_scheme.hetero 
A 1 1  GLN 1  213 ?   ?   ?   A . n 
A 1 2  SER 2  214 ?   ?   ?   A . n 
A 1 3  VAL 3  215 215 VAL VAL A . n 
A 1 4  ILE 4  216 216 ILE ILE A . n 
A 1 5  SER 5  217 217 SER SER A . n 
A 1 6  ALA 6  218 218 ALA ALA A . n 
A 1 7  ASN 7  219 219 ASN ASN A . n 
A 1 8  GLU 8  220 220 GLU GLU A . n 
A 1 9  ILE 9  221 221 ILE ILE A . n 
A 1 10 MET 10 222 222 MET MET A . n 
A 1 11 ASP 11 223 223 ASP ASP A . n 
A 1 12 LEU 12 224 224 LEU LEU A . n 
A 1 13 LEU 13 225 225 LEU LEU A . n 
A 1 14 ARG 14 226 226 ARG ARG A . n 
A 1 15 GLY 15 227 227 GLY GLY A . n 
A 1 16 MET 16 228 228 MET MET A . n 
A 1 17 ASP 17 229 229 ASP ASP A . n 
A 1 18 ALA 18 230 230 ALA ALA A . n 
A 1 19 ARG 19 231 231 ARG ARG A . n 
A 1 20 LEU 20 232 232 LEU LEU A . n 
A 1 21 GLN 21 233 233 GLN GLN A . n 
A 1 22 HIS 22 234 234 HIS HIS A . n 
A 1 23 LEU 23 235 235 LEU LEU A . n 
A 1 24 GLU 24 236 236 GLU GLU A . n 
A 1 25 GLN 25 237 237 GLN GLN A . n 
A 1 26 LYS 26 238 238 LYS LYS A . n 
A 1 27 VAL 27 239 239 VAL VAL A . n 
A 1 28 ASP 28 240 240 ASP ASP A . n 
A 1 29 LYS 29 241 241 LYS LYS A . n 
A 1 30 VAL 30 242 242 VAL VAL A . n 
A 1 31 LEU 31 243 243 LEU LEU A . n 
A 1 32 ALA 32 244 244 ALA ALA A . n 
A 1 33 GLN 33 245 245 GLN GLN A . n 
A 1 34 GLY 34 246 246 GLY GLY A . n 
A 1 35 SER 35 247 247 SER SER A . n 
A 1 36 MET 36 248 248 MET MET A . n 
A 1 37 VAL 37 249 249 VAL VAL A . n 
A 1 38 THR 38 250 250 THR THR A . n 
A 1 39 GLN 39 251 251 GLN GLN A . n 
A 1 40 ILE 40 252 252 ILE ILE A . n 
A 1 41 LYS 41 253 253 LYS LYS A . n 
A 1 42 ASN 42 254 254 ASN ASN A . n 
A 1 43 GLU 43 255 255 GLU GLU A . n 
A 1 44 LEU 44 256 256 LEU LEU A . n 
A 1 45 SER 45 257 257 SER SER A . n 
A 1 46 THR 46 258 258 THR THR A . n 
A 1 47 VAL 47 259 259 VAL VAL A . n 
A 1 48 LYS 48 260 260 LYS LYS A . n 
A 1 49 THR 49 261 261 THR THR A . n 
A 1 50 THR 50 262 262 THR THR A . n 
A 1 51 LEU 51 263 263 LEU LEU A . n 
A 1 52 ALA 52 264 264 ALA ALA A . n 
A 1 53 THR 53 265 265 THR THR A . n 
A 1 54 ILE 54 266 266 ILE ILE A . n 
A 1 55 GLU 55 267 267 GLU GLU A . n 
A 1 56 GLY 56 268 268 GLY GLY A . n 
A 1 57 MET 57 269 269 MET MET A . n 
A 1 58 MET 58 270 270 MET MET A . n 
A 1 59 ALA 59 271 271 ALA ALA A . n 
A 1 60 THR 60 272 272 THR THR A . n 
A 1 61 VAL 61 273 273 VAL VAL A . n 
A 1 62 LYS 62 274 274 LYS LYS A . n 
A 1 63 ILE 63 275 275 ILE ILE A . n 
A 1 64 MET 64 276 276 MET MET A . n 
A 1 65 ASP 65 277 277 ASP ASP A . n 
B 1 1  GLN 1  213 213 GLN GLN B . n 
B 1 2  SER 2  214 214 SER SER B . n 
B 1 3  VAL 3  215 215 VAL VAL B . n 
B 1 4  ILE 4  216 216 ILE ILE B . n 
B 1 5  SER 5  217 217 SER SER B . n 
B 1 6  ALA 6  218 218 ALA ALA B . n 
B 1 7  ASN 7  219 219 ASN ASN B . n 
B 1 8  GLU 8  220 220 GLU GLU B . n 
B 1 9  ILE 9  221 221 ILE ILE B . n 
B 1 10 MET 10 222 222 MET MET B . n 
B 1 11 ASP 11 223 223 ASP ASP B . n 
B 1 12 LEU 12 224 224 LEU LEU B . n 
B 1 13 LEU 13 225 225 LEU LEU B . n 
B 1 14 ARG 14 226 226 ARG ARG B . n 
B 1 15 GLY 15 227 227 GLY GLY B . n 
B 1 16 MET 16 228 228 MET MET B . n 
B 1 17 ASP 17 229 229 ASP ASP B . n 
B 1 18 ALA 18 230 230 ALA ALA B . n 
B 1 19 ARG 19 231 231 ARG ARG B . n 
B 1 20 LEU 20 232 232 LEU LEU B . n 
B 1 21 GLN 21 233 233 GLN GLN B . n 
B 1 22 HIS 22 234 234 HIS HIS B . n 
B 1 23 LEU 23 235 235 LEU LEU B . n 
B 1 24 GLU 24 236 236 GLU GLU B . n 
B 1 25 GLN 25 237 237 GLN GLN B . n 
B 1 26 LYS 26 238 238 LYS LYS B . n 
B 1 27 VAL 27 239 239 VAL VAL B . n 
B 1 28 ASP 28 240 240 ASP ASP B . n 
B 1 29 LYS 29 241 241 LYS LYS B . n 
B 1 30 VAL 30 242 242 VAL VAL B . n 
B 1 31 LEU 31 243 243 LEU LEU B . n 
B 1 32 ALA 32 244 244 ALA ALA B . n 
B 1 33 GLN 33 245 245 GLN GLN B . n 
B 1 34 GLY 34 246 246 GLY GLY B . n 
B 1 35 SER 35 247 247 SER SER B . n 
B 1 36 MET 36 248 248 MET MET B . n 
B 1 37 VAL 37 249 249 VAL VAL B . n 
B 1 38 THR 38 250 250 THR THR B . n 
B 1 39 GLN 39 251 251 GLN GLN B . n 
B 1 40 ILE 40 252 252 ILE ILE B . n 
B 1 41 LYS 41 253 253 LYS LYS B . n 
B 1 42 ASN 42 254 254 ASN ASN B . n 
B 1 43 GLU 43 255 255 GLU GLU B . n 
B 1 44 LEU 44 256 256 LEU LEU B . n 
B 1 45 SER 45 257 257 SER SER B . n 
B 1 46 THR 46 258 258 THR THR B . n 
B 1 47 VAL 47 259 259 VAL VAL B . n 
B 1 48 LYS 48 260 260 LYS LYS B . n 
B 1 49 THR 49 261 261 THR THR B . n 
B 1 50 THR 50 262 262 THR THR B . n 
B 1 51 LEU 51 263 263 LEU LEU B . n 
B 1 52 ALA 52 264 264 ALA ALA B . n 
B 1 53 THR 53 265 265 THR THR B . n 
B 1 54 ILE 54 266 266 ILE ILE B . n 
B 1 55 GLU 55 267 267 GLU GLU B . n 
B 1 56 GLY 56 268 268 GLY GLY B . n 
B 1 57 MET 57 269 269 MET MET B . n 
B 1 58 MET 58 270 270 MET MET B . n 
B 1 59 ALA 59 271 271 ALA ALA B . n 
B 1 60 THR 60 272 272 THR THR B . n 
B 1 61 VAL 61 273 273 VAL VAL B . n 
B 1 62 LYS 62 274 ?   ?   ?   B . n 
B 1 63 ILE 63 275 ?   ?   ?   B . n 
B 1 64 MET 64 276 ?   ?   ?   B . n 
B 1 65 ASP 65 277 ?   ?   ?   B . n 
# 
loop_
_pdbx_nonpoly_scheme.asym_id 
_pdbx_nonpoly_scheme.entity_id 
_pdbx_nonpoly_scheme.mon_id 
_pdbx_nonpoly_scheme.ndb_seq_num 
_pdbx_nonpoly_scheme.pdb_seq_num 
_pdbx_nonpoly_scheme.auth_seq_num 
_pdbx_nonpoly_scheme.pdb_mon_id 
_pdbx_nonpoly_scheme.auth_mon_id 
_pdbx_nonpoly_scheme.pdb_strand_id 
_pdbx_nonpoly_scheme.pdb_ins_code 
C 2 GOL 1  301 395 GOL GOL A . 
D 3 HOH 1  401 5   HOH HOH A . 
D 3 HOH 2  402 7   HOH HOH A . 
D 3 HOH 3  403 10  HOH HOH A . 
D 3 HOH 4  404 11  HOH HOH A . 
D 3 HOH 5  405 18  HOH HOH A . 
D 3 HOH 6  406 19  HOH HOH A . 
D 3 HOH 7  407 21  HOH HOH A . 
D 3 HOH 8  408 24  HOH HOH A . 
D 3 HOH 9  409 25  HOH HOH A . 
D 3 HOH 10 410 26  HOH HOH A . 
D 3 HOH 11 411 28  HOH HOH A . 
D 3 HOH 12 412 29  HOH HOH A . 
D 3 HOH 13 413 35  HOH HOH A . 
D 3 HOH 14 414 36  HOH HOH A . 
D 3 HOH 15 415 37  HOH HOH A . 
D 3 HOH 16 416 38  HOH HOH A . 
D 3 HOH 17 417 40  HOH HOH A . 
D 3 HOH 18 418 41  HOH HOH A . 
D 3 HOH 19 419 46  HOH HOH A . 
D 3 HOH 20 420 48  HOH HOH A . 
D 3 HOH 21 421 51  HOH HOH A . 
D 3 HOH 22 422 52  HOH HOH A . 
D 3 HOH 23 423 55  HOH HOH A . 
D 3 HOH 24 424 57  HOH HOH A . 
D 3 HOH 25 425 59  HOH HOH A . 
D 3 HOH 26 426 60  HOH HOH A . 
E 3 HOH 1  301 1   HOH HOH B . 
E 3 HOH 2  302 2   HOH HOH B . 
E 3 HOH 3  303 3   HOH HOH B . 
E 3 HOH 4  304 4   HOH HOH B . 
E 3 HOH 5  305 6   HOH HOH B . 
E 3 HOH 6  306 8   HOH HOH B . 
E 3 HOH 7  307 9   HOH HOH B . 
E 3 HOH 8  308 12  HOH HOH B . 
E 3 HOH 9  309 13  HOH HOH B . 
E 3 HOH 10 310 14  HOH HOH B . 
E 3 HOH 11 311 15  HOH HOH B . 
E 3 HOH 12 312 16  HOH HOH B . 
E 3 HOH 13 313 17  HOH HOH B . 
E 3 HOH 14 314 20  HOH HOH B . 
E 3 HOH 15 315 22  HOH HOH B . 
E 3 HOH 16 316 23  HOH HOH B . 
E 3 HOH 17 317 27  HOH HOH B . 
E 3 HOH 18 318 30  HOH HOH B . 
E 3 HOH 19 319 31  HOH HOH B . 
E 3 HOH 20 320 32  HOH HOH B . 
E 3 HOH 21 321 34  HOH HOH B . 
E 3 HOH 22 322 39  HOH HOH B . 
E 3 HOH 23 323 42  HOH HOH B . 
E 3 HOH 24 324 43  HOH HOH B . 
E 3 HOH 25 325 44  HOH HOH B . 
E 3 HOH 26 326 45  HOH HOH B . 
E 3 HOH 27 327 49  HOH HOH B . 
E 3 HOH 28 328 50  HOH HOH B . 
E 3 HOH 29 329 53  HOH HOH B . 
E 3 HOH 30 330 54  HOH HOH B . 
E 3 HOH 31 331 56  HOH HOH B . 
E 3 HOH 32 332 58  HOH HOH B . 
# 
loop_
_software.pdbx_ordinal 
_software.name 
_software.version 
_software.date 
_software.type 
_software.contact_author 
_software.contact_author_email 
_software.classification 
_software.location 
_software.language 
_software.citation_id 
1 SCALEPACK   .       ?                program 'Zbyszek Otwinowski'    hkl@hkl-xray.com         'data scaling'    
http://www.hkl-xray.com/                  ?          ? 
2 CNS         .       ?                package 'Axel T. Brunger'       axel.brunger@yale.edu    phasing           
http://cns-online.org/                    Fortran_77 ? 
3 RESOLVE     .       ?                program 'Thomas C. Terwilliger' terwilliger@lanl.gov     phasing           
http://www.solve.lanl.gov/                ?          ? 
4 PHENIX      1.6_289 ?                package 'Paul D. Adams'         PDAdams@lbl.gov          refinement        
http://www.phenix-online.org/             C++        ? 
5 PDB_EXTRACT 3.11    'April 22, 2011' package PDB                     deposit@deposit.rcsb.org 'data extraction' 
http://sw-tools.pdb.org/apps/PDB_EXTRACT/ C++        ? 
6 SERGUI      .       ?                ?       ?                       ?                        'data collection' ? ?          ? 
7 HKL-2000    .       ?                ?       ?                       ?                        'data reduction'  ? ?          ? 
# 
_cell.length_a           80.348 
_cell.length_b           80.348 
_cell.length_c           165.170 
_cell.angle_alpha        90.000 
_cell.angle_beta         90.000 
_cell.angle_gamma        120.000 
_cell.entry_id           4EIJ 
_cell.pdbx_unique_axis   ? 
_cell.Z_PDB              36 
_cell.length_a_esd       ? 
_cell.length_b_esd       ? 
_cell.length_c_esd       ? 
_cell.angle_alpha_esd    ? 
_cell.angle_beta_esd     ? 
_cell.angle_gamma_esd    ? 
# 
_symmetry.space_group_name_H-M             'H 3 2' 
_symmetry.entry_id                         4EIJ 
_symmetry.pdbx_full_space_group_name_H-M   ? 
_symmetry.Int_Tables_number                155 
_symmetry.cell_setting                     ? 
_symmetry.space_group_name_Hall            ? 
# 
_exptl.crystals_number   1 
_exptl.entry_id          4EIJ 
_exptl.method            'X-RAY DIFFRACTION' 
# 
_exptl_crystal.id                    1 
_exptl_crystal.density_Matthews      3.57 
_exptl_crystal.density_meas          ? 
_exptl_crystal.density_percent_sol   65.55 
_exptl_crystal.description           ? 
_exptl_crystal.F_000                 ? 
_exptl_crystal.preparation           ? 
# 
_exptl_crystal_grow.crystal_id      1 
_exptl_crystal_grow.method          'VAPOR DIFFUSION, HANGING DROP' 
_exptl_crystal_grow.pH              4.6 
_exptl_crystal_grow.temp            298 
_exptl_crystal_grow.temp_details    ? 
_exptl_crystal_grow.pdbx_details    '0.1M sodium acetate pH 4.6, 2M NaCl, VAPOR DIFFUSION, HANGING DROP, temperature 298K' 
_exptl_crystal_grow.pdbx_pH_range   ? 
# 
_diffrn.id                     1 
_diffrn.ambient_temp           100 
_diffrn.ambient_temp_details   ? 
_diffrn.crystal_id             1 
# 
_diffrn_detector.diffrn_id              1 
_diffrn_detector.detector               CCD 
_diffrn_detector.type                   'MARMOSAIC 225 mm CCD' 
_diffrn_detector.pdbx_collection_date   2010-10-08 
_diffrn_detector.details                ? 
# 
_diffrn_radiation.diffrn_id                        1 
_diffrn_radiation.wavelength_id                    1 
_diffrn_radiation.pdbx_diffrn_protocol             'SINGLE WAVELENGTH' 
_diffrn_radiation.monochromator                    'SI(111)' 
_diffrn_radiation.pdbx_monochromatic_or_laue_m_l   M 
_diffrn_radiation.pdbx_scattering_type             x-ray 
# 
_diffrn_radiation_wavelength.id           1 
_diffrn_radiation_wavelength.wavelength   1.0 
_diffrn_radiation_wavelength.wt           1.0 
# 
_diffrn_source.diffrn_id                   1 
_diffrn_source.source                      SYNCHROTRON 
_diffrn_source.type                        'APS BEAMLINE 22-BM' 
_diffrn_source.pdbx_wavelength             ? 
_diffrn_source.pdbx_wavelength_list        1.0 
_diffrn_source.pdbx_synchrotron_site       APS 
_diffrn_source.pdbx_synchrotron_beamline   22-BM 
# 
_reflns.entry_id                     4EIJ 
_reflns.observed_criterion_sigma_F   1 
_reflns.observed_criterion_sigma_I   2 
_reflns.d_resolution_high            2.2 
_reflns.d_resolution_low             50 
_reflns.number_all                   10717 
_reflns.number_obs                   10717 
_reflns.percent_possible_obs         99.9 
_reflns.pdbx_Rmerge_I_obs            ? 
_reflns.pdbx_Rsym_value              0.062 
_reflns.pdbx_netI_over_sigmaI        26.69 
_reflns.B_iso_Wilson_estimate        ? 
_reflns.pdbx_redundancy              4.6 
_reflns.R_free_details               ? 
_reflns.limit_h_max                  ? 
_reflns.limit_h_min                  ? 
_reflns.limit_k_max                  ? 
_reflns.limit_k_min                  ? 
_reflns.limit_l_max                  ? 
_reflns.limit_l_min                  ? 
_reflns.observed_criterion_F_max     ? 
_reflns.observed_criterion_F_min     ? 
_reflns.pdbx_chi_squared             ? 
_reflns.pdbx_scaling_rejects         ? 
_reflns.pdbx_ordinal                 1 
_reflns.pdbx_diffrn_id               1 
# 
_reflns_shell.d_res_high             2.2 
_reflns_shell.d_res_low              2.4 
_reflns_shell.percent_possible_obs   ? 
_reflns_shell.percent_possible_all   100.0 
_reflns_shell.Rmerge_I_obs           0.38 
_reflns_shell.meanI_over_sigI_obs    4.14 
_reflns_shell.pdbx_Rsym_value        ? 
_reflns_shell.pdbx_redundancy        4.7 
_reflns_shell.number_unique_all      528 
_reflns_shell.number_measured_all    ? 
_reflns_shell.number_measured_obs    ? 
_reflns_shell.number_unique_obs      ? 
_reflns_shell.pdbx_chi_squared       ? 
_reflns_shell.pdbx_ordinal           1 
_reflns_shell.pdbx_diffrn_id         1 
# 
_refine.entry_id                                 4EIJ 
_refine.ls_d_res_high                            2.2001 
_refine.ls_d_res_low                             26.6070 
_refine.pdbx_ls_sigma_F                          0.120 
_refine.pdbx_data_cutoff_high_absF               ? 
_refine.pdbx_data_cutoff_low_absF                ? 
_refine.ls_percent_reflns_obs                    96.1500 
_refine.ls_number_reflns_obs                     10308 
_refine.ls_number_reflns_all                     10308 
_refine.pdbx_ls_cross_valid_method               ? 
_refine.pdbx_R_Free_selection_details            Random 
_refine.details                                  ? 
_refine.ls_R_factor_all                          ? 
_refine.ls_R_factor_obs                          0.1864 
_refine.ls_R_factor_R_work                       0.1814 
_refine.ls_wR_factor_R_work                      ? 
_refine.ls_R_factor_R_free                       0.2302 
_refine.ls_wR_factor_R_free                      ? 
_refine.ls_percent_reflns_R_free                 9.9800 
_refine.ls_number_reflns_R_free                  1029 
_refine.ls_R_factor_R_free_error                 ? 
_refine.B_iso_mean                               43.2547 
_refine.solvent_model_param_bsol                 42.8150 
_refine.solvent_model_param_ksol                 0.3510 
_refine.pdbx_isotropic_thermal_model             ? 
_refine.aniso_B[1][1]                            6.5535 
_refine.aniso_B[2][2]                            6.5535 
_refine.aniso_B[3][3]                            -13.1069 
_refine.aniso_B[1][2]                            0.0000 
_refine.aniso_B[1][3]                            -0.0000 
_refine.aniso_B[2][3]                            0.0000 
_refine.correlation_coeff_Fo_to_Fc               ? 
_refine.correlation_coeff_Fo_to_Fc_free          ? 
_refine.overall_SU_R_Cruickshank_DPI             ? 
_refine.overall_SU_R_free                        ? 
_refine.pdbx_overall_ESU_R                       ? 
_refine.pdbx_overall_ESU_R_Free                  ? 
_refine.overall_SU_ML                            0.2600 
_refine.overall_SU_B                             ? 
_refine.solvent_model_details                    'FLAT BULK SOLVENT MODEL' 
_refine.pdbx_solvent_vdw_probe_radii             1.1100 
_refine.pdbx_solvent_ion_probe_radii             ? 
_refine.pdbx_solvent_shrinkage_radii             0.9000 
_refine.ls_number_parameters                     ? 
_refine.ls_number_restraints                     ? 
_refine.pdbx_starting_model                      ? 
_refine.pdbx_method_to_determine_struct          SIRAS 
_refine.pdbx_stereochemistry_target_values       ML 
_refine.pdbx_stereochem_target_val_spec_case     ? 
_refine.overall_FOM_work_R_set                   0.8474 
_refine.B_iso_max                                123.560 
_refine.B_iso_min                                16.550 
_refine.pdbx_overall_phase_error                 21.9500 
_refine.occupancy_max                            1.000 
_refine.occupancy_min                            1.000 
_refine.pdbx_ls_sigma_I                          ? 
_refine.ls_redundancy_reflns_obs                 ? 
_refine.ls_R_factor_R_free_error_details         ? 
_refine.pdbx_data_cutoff_high_rms_absF           ? 
_refine.overall_FOM_free_R_set                   ? 
_refine.pdbx_diffrn_id                           1 
_refine.pdbx_refine_id                           'X-RAY DIFFRACTION' 
_refine.pdbx_TLS_residual_ADP_flag               ? 
_refine.pdbx_overall_SU_R_free_Cruickshank_DPI   ? 
_refine.pdbx_overall_SU_R_Blow_DPI               ? 
_refine.pdbx_overall_SU_R_free_Blow_DPI          ? 
# 
_refine_hist.pdbx_refine_id                   'X-RAY DIFFRACTION' 
_refine_hist.cycle_id                         LAST 
_refine_hist.pdbx_number_atoms_protein        942 
_refine_hist.pdbx_number_atoms_nucleic_acid   0 
_refine_hist.pdbx_number_atoms_ligand         6 
_refine_hist.number_atoms_solvent             58 
_refine_hist.number_atoms_total               1006 
_refine_hist.d_res_high                       2.2001 
_refine_hist.d_res_low                        26.6070 
# 
loop_
_refine_ls_restr.type 
_refine_ls_restr.number 
_refine_ls_restr.dev_ideal 
_refine_ls_restr.dev_ideal_target 
_refine_ls_restr.weight 
_refine_ls_restr.pdbx_restraint_function 
_refine_ls_restr.pdbx_refine_id 
f_bond_d           947  0.006  ? ? ? 'X-RAY DIFFRACTION' 
f_angle_d          1268 0.887  ? ? ? 'X-RAY DIFFRACTION' 
f_chiral_restr     165  0.060  ? ? ? 'X-RAY DIFFRACTION' 
f_plane_restr      156  0.003  ? ? ? 'X-RAY DIFFRACTION' 
f_dihedral_angle_d 367  15.900 ? ? ? 'X-RAY DIFFRACTION' 
# 
loop_
_refine_ls_shell.d_res_high 
_refine_ls_shell.d_res_low 
_refine_ls_shell.pdbx_total_number_of_bins_used 
_refine_ls_shell.percent_reflns_obs 
_refine_ls_shell.number_reflns_R_work 
_refine_ls_shell.R_factor_all 
_refine_ls_shell.R_factor_R_work 
_refine_ls_shell.R_factor_R_free 
_refine_ls_shell.percent_reflns_R_free 
_refine_ls_shell.number_reflns_R_free 
_refine_ls_shell.R_factor_R_free_error 
_refine_ls_shell.number_reflns_all 
_refine_ls_shell.number_reflns_obs 
_refine_ls_shell.redundancy_reflns_obs 
_refine_ls_shell.pdbx_refine_id 
2.2001 2.3160  7 90.0000 1225 . 0.2032 0.2772 . 135 . 1360 . . 'X-RAY DIFFRACTION' 
2.3160 2.4610  7 93.0000 1249 . 0.2083 0.2807 . 140 . 1389 . . 'X-RAY DIFFRACTION' 
2.4610 2.6509  7 95.0000 1308 . 0.1936 0.2498 . 145 . 1453 . . 'X-RAY DIFFRACTION' 
2.6509 2.9174  7 97.0000 1328 . 0.1820 0.2070 . 145 . 1473 . . 'X-RAY DIFFRACTION' 
2.9174 3.3388  7 99.0000 1357 . 0.1779 0.2246 . 150 . 1507 . . 'X-RAY DIFFRACTION' 
3.3388 4.2039  7 99.0000 1375 . 0.1557 0.2188 . 154 . 1529 . . 'X-RAY DIFFRACTION' 
4.2039 26.6084 7 99.0000 1437 . 0.1850 0.2170 . 160 . 1597 . . 'X-RAY DIFFRACTION' 
# 
_struct.entry_id                  4EIJ 
_struct.title                     'Structure of the Mumps virus phosphoprotein oligomerization domain' 
_struct.pdbx_model_details        ? 
_struct.pdbx_CASP_flag            ? 
_struct.pdbx_model_type_details   ? 
# 
_struct_keywords.entry_id        4EIJ 
_struct_keywords.pdbx_keywords   REPLICATION 
_struct_keywords.text            'oligomerization, REPLICATION' 
# 
loop_
_struct_asym.id 
_struct_asym.pdbx_blank_PDB_chainid_flag 
_struct_asym.pdbx_modified 
_struct_asym.entity_id 
_struct_asym.details 
A N N 1 ? 
B N N 1 ? 
C N N 2 ? 
D N N 3 ? 
E N N 3 ? 
# 
_struct_ref.id                         1 
_struct_ref.db_name                    UNP 
_struct_ref.db_code                    Q8QY72_9PARA 
_struct_ref.pdbx_db_accession          Q8QY72 
_struct_ref.entity_id                  1 
_struct_ref.pdbx_seq_one_letter_code   QSVISANEIMDLLRGMDARLQHLEQKVDKVLAQGSMVTQIKNELSTVKTTLATIEGMMATVKIMD 
_struct_ref.pdbx_align_begin           213 
_struct_ref.pdbx_db_isoform            ? 
# 
loop_
_struct_ref_seq.align_id 
_struct_ref_seq.ref_id 
_struct_ref_seq.pdbx_PDB_id_code 
_struct_ref_seq.pdbx_strand_id 
_struct_ref_seq.seq_align_beg 
_struct_ref_seq.pdbx_seq_align_beg_ins_code 
_struct_ref_seq.seq_align_end 
_struct_ref_seq.pdbx_seq_align_end_ins_code 
_struct_ref_seq.pdbx_db_accession 
_struct_ref_seq.db_align_beg 
_struct_ref_seq.pdbx_db_align_beg_ins_code 
_struct_ref_seq.db_align_end 
_struct_ref_seq.pdbx_db_align_end_ins_code 
_struct_ref_seq.pdbx_auth_seq_align_beg 
_struct_ref_seq.pdbx_auth_seq_align_end 
1 1 4EIJ A 1 ? 65 ? Q8QY72 213 ? 277 ? 213 277 
2 1 4EIJ B 1 ? 65 ? Q8QY72 213 ? 277 ? 213 277 
# 
loop_
_pdbx_struct_assembly.id 
_pdbx_struct_assembly.details 
_pdbx_struct_assembly.method_details 
_pdbx_struct_assembly.oligomeric_details 
_pdbx_struct_assembly.oligomeric_count 
1 author_and_software_defined_assembly PISA tetrameric 4 
2 software_defined_assembly            PISA hexameric  6 
# 
loop_
_pdbx_struct_assembly_prop.biol_id 
_pdbx_struct_assembly_prop.type 
_pdbx_struct_assembly_prop.value 
_pdbx_struct_assembly_prop.details 
1 'ABSA (A^2)' 10850 ? 
1 MORE         -124  ? 
1 'SSA (A^2)'  14210 ? 
2 'ABSA (A^2)' 13040 ? 
2 MORE         -107  ? 
2 'SSA (A^2)'  24560 ? 
# 
loop_
_pdbx_struct_assembly_gen.assembly_id 
_pdbx_struct_assembly_gen.oper_expression 
_pdbx_struct_assembly_gen.asym_id_list 
1 1,2   A,B,C,D,E 
2 1,3,4 A,B,C,D,E 
# 
loop_
_pdbx_struct_oper_list.id 
_pdbx_struct_oper_list.type 
_pdbx_struct_oper_list.name 
_pdbx_struct_oper_list.symmetry_operation 
_pdbx_struct_oper_list.matrix[1][1] 
_pdbx_struct_oper_list.matrix[1][2] 
_pdbx_struct_oper_list.matrix[1][3] 
_pdbx_struct_oper_list.vector[1] 
_pdbx_struct_oper_list.matrix[2][1] 
_pdbx_struct_oper_list.matrix[2][2] 
_pdbx_struct_oper_list.matrix[2][3] 
_pdbx_struct_oper_list.vector[2] 
_pdbx_struct_oper_list.matrix[3][1] 
_pdbx_struct_oper_list.matrix[3][2] 
_pdbx_struct_oper_list.matrix[3][3] 
_pdbx_struct_oper_list.vector[3] 
1 'identity operation'         1_555 x,y,z         1.0000000000  0.0000000000  0.0000000000  0.0000000000   0.0000000000  1.0000000000  0.0000000000  0.0000000000   0.0000000000  0.0000000000  1.0000000000  0.0000000000   
2 'crystal symmetry operation' 4_556 y,x,-z+1      -0.9478393342 -0.2870476618 -0.1385793505 -6.9553335779  -0.2870476618 0.5796646551  0.7626221394  -0.0400648983  -0.1385793505 0.7626221394  -0.6318253209 -2.5349685498  
3 'crystal symmetry operation' 2_765 -y+2,x-y+1,z  -0.3090741253 -0.4601029696 -0.8323331319 -12.2960839867 0.9502309379  -0.1854467400 -0.2503411100 -12.8662133055 -0.0391707778 -0.8682826521 0.4945208653  -12.6234340967 
4 'crystal symmetry operation' 3_675 -x+y+1,-x+2,z -0.3090741253 0.9502309379  -0.0391707778 7.9310028006   -0.4601029696 -0.1854467400 -0.8682826521 -19.0041709075 -0.8323331319 -0.2503411100 0.4945208653  -7.2128286645   
# 
_struct_biol.id        1 
_struct_biol.details   ? 
# 
loop_
_struct_conf.conf_type_id 
_struct_conf.id 
_struct_conf.pdbx_PDB_helix_id 
_struct_conf.beg_label_comp_id 
_struct_conf.beg_label_asym_id 
_struct_conf.beg_label_seq_id 
_struct_conf.pdbx_beg_PDB_ins_code 
_struct_conf.end_label_comp_id 
_struct_conf.end_label_asym_id 
_struct_conf.end_label_seq_id 
_struct_conf.pdbx_end_PDB_ins_code 
_struct_conf.beg_auth_comp_id 
_struct_conf.beg_auth_asym_id 
_struct_conf.beg_auth_seq_id 
_struct_conf.end_auth_comp_id 
_struct_conf.end_auth_asym_id 
_struct_conf.end_auth_seq_id 
_struct_conf.pdbx_PDB_helix_class 
_struct_conf.details 
_struct_conf.pdbx_PDB_helix_length 
HELX_P HELX_P1 1 SER A 5  ? ALA A 32 ? SER A 217 ALA A 244 1 ? 28 
HELX_P HELX_P2 2 GLN A 33 ? ALA A 59 ? GLN A 245 ALA A 271 1 ? 27 
HELX_P HELX_P3 3 SER B 2  ? THR B 60 ? SER B 214 THR B 272 1 ? 59 
# 
_struct_conf_type.id          HELX_P 
_struct_conf_type.criteria    ? 
_struct_conf_type.reference   ? 
# 
_struct_site.id                   AC1 
_struct_site.pdbx_evidence_code   Software 
_struct_site.pdbx_auth_asym_id    A 
_struct_site.pdbx_auth_comp_id    GOL 
_struct_site.pdbx_auth_seq_id     301 
_struct_site.pdbx_auth_ins_code   ? 
_struct_site.pdbx_num_residues    2 
_struct_site.details              'BINDING SITE FOR RESIDUE GOL A 301' 
# 
loop_
_struct_site_gen.id 
_struct_site_gen.site_id 
_struct_site_gen.pdbx_num_res 
_struct_site_gen.label_comp_id 
_struct_site_gen.label_asym_id 
_struct_site_gen.label_seq_id 
_struct_site_gen.pdbx_auth_ins_code 
_struct_site_gen.auth_comp_id 
_struct_site_gen.auth_asym_id 
_struct_site_gen.auth_seq_id 
_struct_site_gen.label_atom_id 
_struct_site_gen.label_alt_id 
_struct_site_gen.symmetry 
_struct_site_gen.details 
1 AC1 2 ILE A 63 ? ILE A 275 . ? 1_555 ? 
2 AC1 2 VAL B 61 ? VAL B 273 . ? 3_675 ? 
# 
loop_
_pdbx_validate_torsion.id 
_pdbx_validate_torsion.PDB_model_num 
_pdbx_validate_torsion.auth_comp_id 
_pdbx_validate_torsion.auth_asym_id 
_pdbx_validate_torsion.auth_seq_id 
_pdbx_validate_torsion.PDB_ins_code 
_pdbx_validate_torsion.label_alt_id 
_pdbx_validate_torsion.phi 
_pdbx_validate_torsion.psi 
1 1 SER A 247 ? ? -37.10 -34.04 
2 1 SER B 214 ? ? 80.06  -74.18 
# 
loop_
_pdbx_struct_special_symmetry.id 
_pdbx_struct_special_symmetry.PDB_model_num 
_pdbx_struct_special_symmetry.auth_asym_id 
_pdbx_struct_special_symmetry.auth_comp_id 
_pdbx_struct_special_symmetry.auth_seq_id 
_pdbx_struct_special_symmetry.PDB_ins_code 
_pdbx_struct_special_symmetry.label_asym_id 
_pdbx_struct_special_symmetry.label_comp_id 
_pdbx_struct_special_symmetry.label_seq_id 
1 1 A HOH 419 ? D HOH . 
2 1 A HOH 420 ? D HOH . 
3 1 A HOH 424 ? D HOH . 
4 1 B HOH 326 ? E HOH . 
5 1 B HOH 328 ? E HOH . 
6 1 B HOH 331 ? E HOH . 
# 
loop_
_pdbx_refine_tls.pdbx_refine_id 
_pdbx_refine_tls.id 
_pdbx_refine_tls.details 
_pdbx_refine_tls.method 
_pdbx_refine_tls.origin_x 
_pdbx_refine_tls.origin_y 
_pdbx_refine_tls.origin_z 
_pdbx_refine_tls.T[1][1] 
_pdbx_refine_tls.T[2][2] 
_pdbx_refine_tls.T[3][3] 
_pdbx_refine_tls.T[1][2] 
_pdbx_refine_tls.T[1][3] 
_pdbx_refine_tls.T[2][3] 
_pdbx_refine_tls.L[1][1] 
_pdbx_refine_tls.L[2][2] 
_pdbx_refine_tls.L[3][3] 
_pdbx_refine_tls.L[1][2] 
_pdbx_refine_tls.L[1][3] 
_pdbx_refine_tls.L[2][3] 
_pdbx_refine_tls.S[1][1] 
_pdbx_refine_tls.S[2][2] 
_pdbx_refine_tls.S[3][3] 
_pdbx_refine_tls.S[1][2] 
_pdbx_refine_tls.S[1][3] 
_pdbx_refine_tls.S[2][3] 
_pdbx_refine_tls.S[2][1] 
_pdbx_refine_tls.S[3][1] 
_pdbx_refine_tls.S[3][2] 
'X-RAY DIFFRACTION' 1  ? refined 9.8126   21.5364  -31.9551 0.4546 0.4508 0.3005 -0.0333 -0.1180 0.0556  0.5866  1.4688  8.4931  -0.9331 -2.2458 3.4926  0.4179  -0.3001 -0.5245 0.6467  1.2857  0.7532  -1.5102 -1.7579 -1.9107 
'X-RAY DIFFRACTION' 2  ? refined 9.3732   20.0594  -24.7634 0.2121 0.1884 0.3445 0.0274  -0.0078 0.0502  10.7297 4.3877  2.1909  -1.7942 -0.1919 -0.9154 -0.5384 1.2080  -0.4515 -0.7100 1.2933  0.8791  -0.1349 -0.5239 -0.4572 
'X-RAY DIFFRACTION' 3  ? refined 5.7523   18.1311  -17.2838 0.3878 0.4916 0.2658 -0.1156 -0.0533 0.0221  3.9136  6.5748  0.7328  4.6724  -1.6120 -1.9179 -0.5217 0.0570  0.2237  -0.8027 0.7237  0.3607  -1.2535 0.7878  -0.2809 
'X-RAY DIFFRACTION' 4  ? refined 4.4101   14.8001  -9.8147  0.2506 0.2343 0.2906 -0.1311 0.0411  -0.0208 6.3148  4.4939  4.7549  -3.0778 4.9231  -3.3238 0.0315  0.2216  -0.3467 -0.9431 0.3457  -0.6002 1.1639  0.1494  -0.8484 
'X-RAY DIFFRACTION' 5  ? refined 0.9529   11.9281  -2.8800  0.2157 0.3241 0.2568 -0.0932 0.0478  -0.1044 -0.4162 8.3431  0.9907  -3.8093 4.8408  -4.9672 0.2132  -0.3892 -0.3718 -0.1272 0.9888  -0.2234 1.5175  -1.4341 0.6963  
'X-RAY DIFFRACTION' 6  ? refined -1.1295  4.9054   6.1714   0.3026 0.4861 0.4087 -0.0418 0.0248  0.0093  4.7835  2.8858  8.5394  -0.3657 0.5624  4.8877  0.7495  0.0885  -0.8135 -1.8883 -0.8764 0.2417  0.9381  -0.9829 1.2082  
'X-RAY DIFFRACTION' 7  ? refined -3.8194  -2.8950  12.6370  0.2503 0.4523 0.4761 -0.0269 0.0014  0.2508  2.4328  5.7061  6.4462  -2.8607 -0.7510 -2.9340 0.0947  -0.5506 0.4072  -0.3067 -0.3682 0.0970  1.2861  -1.0856 1.5424  
'X-RAY DIFFRACTION' 8  ? refined -7.8537  -11.4016 18.2008  0.1457 0.3731 0.3839 0.0384  -0.0154 0.1434  2.7006  2.5603  0.1381  -2.6235 -0.2704 0.3002  0.1113  -0.0185 0.2203  0.4390  -0.1592 -0.2806 0.0202  0.2913  0.2803  
'X-RAY DIFFRACTION' 9  ? refined -12.6294 -20.3060 24.9092  0.2112 0.1573 0.2597 0.0018  -0.0100 -0.0025 2.0288  2.0404  1.5789  0.0974  -0.1478 -0.1863 0.3069  0.0131  -0.0464 0.1881  -0.2059 -0.2446 -0.1928 -0.1769 0.0986  
'X-RAY DIFFRACTION' 10 ? refined -6.5452  -33.9725 31.2855  0.1761 0.2287 0.6924 0.0278  0.0675  0.3239  6.9554  6.0905  9.8972  -3.9545 5.7894  -4.4462 -0.7492 -0.4835 -0.2990 -0.8990 0.5705  -0.4517 0.4658  0.6347  -0.0925 
'X-RAY DIFFRACTION' 11 ? refined 21.9891  22.3362  -29.6126 0.7494 0.2265 0.2659 -0.1252 -0.0024 -0.0301 1.3147  12.2474 4.0599  3.9766  0.3379  0.0949  -0.3457 0.4408  0.6224  -0.2614 0.1645  0.9682  -3.9394 -0.4046 1.2079  
'X-RAY DIFFRACTION' 12 ? refined 19.3977  18.2005  -23.0461 0.2570 0.2343 0.3149 -0.0725 -0.0560 -0.0938 1.1576  7.0891  6.4224  1.6142  -2.0913 -0.9602 0.0480  0.0536  -0.5057 -0.7778 0.0571  -1.2487 1.1573  -1.2377 0.7518  
'X-RAY DIFFRACTION' 13 ? refined 15.3414  13.3001  -18.0747 0.2858 0.3109 0.2321 -0.0878 -0.0532 0.0352  5.2619  0.2318  2.4948  1.0816  -3.5119 -0.6714 0.0783  -0.3868 0.3733  -0.6706 -1.0658 -0.5526 0.2991  0.0852  1.2529  
'X-RAY DIFFRACTION' 14 ? refined 12.1525  9.3711   -10.4325 0.3610 0.2975 0.2423 -0.0734 -0.0618 -0.0255 12.0165 5.3813  1.9621  3.4744  -3.2172 -3.1191 -0.8888 1.0382  -0.1584 0.2345  -1.6647 -0.6300 -0.1043 0.2939  -0.6051 
'X-RAY DIFFRACTION' 15 ? refined 8.2314   3.7576   -6.3618  0.2240 0.2893 0.2868 -0.0450 -0.0036 -0.0294 3.2018  2.3048  10.9827 0.5447  -3.4163 3.4163  -0.3100 0.5861  0.5621  0.1158  -0.7231 -1.2105 0.5155  1.2167  0.6453  
'X-RAY DIFFRACTION' 16 ? refined 2.7124   -0.4508  -0.5991  0.3440 0.2441 0.4339 0.0135  0.1427  0.0114  11.9024 4.1084  2.0172  0.6122  -1.2993 -2.8342 -1.7959 0.8184  0.1915  -1.0045 -1.5394 0.1776  0.7433  -0.0089 -0.1910 
'X-RAY DIFFRACTION' 17 ? refined -3.0071  -7.2476  4.3587   0.2491 0.3537 0.8030 0.2425  0.2630  0.2951  6.9286  3.2520  4.2422  2.8813  -1.9201 -1.0709 -0.7885 -0.2465 0.7855  -0.6430 -2.2331 -1.1301 0.1682  0.5358  -0.0322 
'X-RAY DIFFRACTION' 18 ? refined -9.3546  -12.4718 7.4599   0.4071 0.4306 0.6223 0.2251  0.2103  0.1706  1.2813  17.1211 2.1088  4.5724  -0.5802 -2.3831 -0.0598 -0.1319 -0.1566 -0.2662 -0.9296 -2.6747 -2.0866 0.9437  0.1232  
'X-RAY DIFFRACTION' 19 ? refined -15.9767 -17.0379 13.7135  0.2767 0.3209 0.1992 0.0371  0.0315  0.0101  3.6553  5.4381  1.7175  -1.9119 1.9630  -2.5869 0.8940  -0.4504 -0.0486 1.1179  -0.0961 -0.0534 -0.5006 -0.2880 0.2016  
'X-RAY DIFFRACTION' 20 ? refined -22.7396 -21.2453 21.5346  0.2609 0.2306 0.1798 0.0063  0.0579  -0.0768 1.9789  5.5976  6.1906  -1.2145 -1.5551 -0.2086 0.3647  -0.3904 -0.0713 0.0955  -0.0832 1.1130  0.5789  -1.1637 -1.1361 
# 
loop_
_pdbx_refine_tls_group.pdbx_refine_id 
_pdbx_refine_tls_group.id 
_pdbx_refine_tls_group.refine_tls_id 
_pdbx_refine_tls_group.beg_auth_asym_id 
_pdbx_refine_tls_group.beg_auth_seq_id 
_pdbx_refine_tls_group.end_auth_asym_id 
_pdbx_refine_tls_group.end_auth_seq_id 
_pdbx_refine_tls_group.selection_details 
_pdbx_refine_tls_group.beg_label_asym_id 
_pdbx_refine_tls_group.beg_label_seq_id 
_pdbx_refine_tls_group.end_label_asym_id 
_pdbx_refine_tls_group.end_label_seq_id 
_pdbx_refine_tls_group.selection 
'X-RAY DIFFRACTION' 1  1  A 215 A 220 '(chain A and resid 215:220)' ? ? ? ? ? 
'X-RAY DIFFRACTION' 2  2  A 221 A 225 '(chain A and resid 221:225)' ? ? ? ? ? 
'X-RAY DIFFRACTION' 3  3  A 226 A 231 '(chain A and resid 226:231)' ? ? ? ? ? 
'X-RAY DIFFRACTION' 4  4  A 232 A 236 '(chain A and resid 232:236)' ? ? ? ? ? 
'X-RAY DIFFRACTION' 5  5  A 237 A 242 '(chain A and resid 237:242)' ? ? ? ? ? 
'X-RAY DIFFRACTION' 6  6  A 243 A 249 '(chain A and resid 243:249)' ? ? ? ? ? 
'X-RAY DIFFRACTION' 7  7  A 250 A 256 '(chain A and resid 250:256)' ? ? ? ? ? 
'X-RAY DIFFRACTION' 8  8  A 257 A 263 '(chain A and resid 257:263)' ? ? ? ? ? 
'X-RAY DIFFRACTION' 9  9  A 264 A 272 '(chain A and resid 264:272)' ? ? ? ? ? 
'X-RAY DIFFRACTION' 10 10 A 273 A 277 '(chain A and resid 273:277)' ? ? ? ? ? 
'X-RAY DIFFRACTION' 11 11 B 213 B 218 '(chain B and resid 213:218)' ? ? ? ? ? 
'X-RAY DIFFRACTION' 12 12 B 219 B 223 '(chain B and resid 219:223)' ? ? ? ? ? 
'X-RAY DIFFRACTION' 13 13 B 224 B 229 '(chain B and resid 224:229)' ? ? ? ? ? 
'X-RAY DIFFRACTION' 14 14 B 230 B 234 '(chain B and resid 230:234)' ? ? ? ? ? 
'X-RAY DIFFRACTION' 15 15 B 235 B 240 '(chain B and resid 235:240)' ? ? ? ? ? 
'X-RAY DIFFRACTION' 16 16 B 241 B 246 '(chain B and resid 241:246)' ? ? ? ? ? 
'X-RAY DIFFRACTION' 17 17 B 247 B 252 '(chain B and resid 247:252)' ? ? ? ? ? 
'X-RAY DIFFRACTION' 18 18 B 253 B 258 '(chain B and resid 253:258)' ? ? ? ? ? 
'X-RAY DIFFRACTION' 19 19 B 259 B 265 '(chain B and resid 259:265)' ? ? ? ? ? 
'X-RAY DIFFRACTION' 20 20 B 266 B 273 '(chain B and resid 266:273)' ? ? ? ? ? 
# 
_phasing.method   SIRAS 
# 
loop_
_pdbx_unobs_or_zero_occ_residues.id 
_pdbx_unobs_or_zero_occ_residues.PDB_model_num 
_pdbx_unobs_or_zero_occ_residues.polymer_flag 
_pdbx_unobs_or_zero_occ_residues.occupancy_flag 
_pdbx_unobs_or_zero_occ_residues.auth_asym_id 
_pdbx_unobs_or_zero_occ_residues.auth_comp_id 
_pdbx_unobs_or_zero_occ_residues.auth_seq_id 
_pdbx_unobs_or_zero_occ_residues.PDB_ins_code 
_pdbx_unobs_or_zero_occ_residues.label_asym_id 
_pdbx_unobs_or_zero_occ_residues.label_comp_id 
_pdbx_unobs_or_zero_occ_residues.label_seq_id 
1 1 Y 1 A GLN 213 ? A GLN 1  
2 1 Y 1 A SER 214 ? A SER 2  
3 1 Y 1 B LYS 274 ? B LYS 62 
4 1 Y 1 B ILE 275 ? B ILE 63 
5 1 Y 1 B MET 276 ? B MET 64 
6 1 Y 1 B ASP 277 ? B ASP 65 
# 
loop_
_chem_comp_atom.comp_id 
_chem_comp_atom.atom_id 
_chem_comp_atom.type_symbol 
_chem_comp_atom.pdbx_aromatic_flag 
_chem_comp_atom.pdbx_stereo_config 
_chem_comp_atom.pdbx_ordinal 
ALA N    N N N 1   
ALA CA   C N S 2   
ALA C    C N N 3   
ALA O    O N N 4   
ALA CB   C N N 5   
ALA OXT  O N N 6   
ALA H    H N N 7   
ALA H2   H N N 8   
ALA HA   H N N 9   
ALA HB1  H N N 10  
ALA HB2  H N N 11  
ALA HB3  H N N 12  
ALA HXT  H N N 13  
ARG N    N N N 14  
ARG CA   C N S 15  
ARG C    C N N 16  
ARG O    O N N 17  
ARG CB   C N N 18  
ARG CG   C N N 19  
ARG CD   C N N 20  
ARG NE   N N N 21  
ARG CZ   C N N 22  
ARG NH1  N N N 23  
ARG NH2  N N N 24  
ARG OXT  O N N 25  
ARG H    H N N 26  
ARG H2   H N N 27  
ARG HA   H N N 28  
ARG HB2  H N N 29  
ARG HB3  H N N 30  
ARG HG2  H N N 31  
ARG HG3  H N N 32  
ARG HD2  H N N 33  
ARG HD3  H N N 34  
ARG HE   H N N 35  
ARG HH11 H N N 36  
ARG HH12 H N N 37  
ARG HH21 H N N 38  
ARG HH22 H N N 39  
ARG HXT  H N N 40  
ASN N    N N N 41  
ASN CA   C N S 42  
ASN C    C N N 43  
ASN O    O N N 44  
ASN CB   C N N 45  
ASN CG   C N N 46  
ASN OD1  O N N 47  
ASN ND2  N N N 48  
ASN OXT  O N N 49  
ASN H    H N N 50  
ASN H2   H N N 51  
ASN HA   H N N 52  
ASN HB2  H N N 53  
ASN HB3  H N N 54  
ASN HD21 H N N 55  
ASN HD22 H N N 56  
ASN HXT  H N N 57  
ASP N    N N N 58  
ASP CA   C N S 59  
ASP C    C N N 60  
ASP O    O N N 61  
ASP CB   C N N 62  
ASP CG   C N N 63  
ASP OD1  O N N 64  
ASP OD2  O N N 65  
ASP OXT  O N N 66  
ASP H    H N N 67  
ASP H2   H N N 68  
ASP HA   H N N 69  
ASP HB2  H N N 70  
ASP HB3  H N N 71  
ASP HD2  H N N 72  
ASP HXT  H N N 73  
GLN N    N N N 74  
GLN CA   C N S 75  
GLN C    C N N 76  
GLN O    O N N 77  
GLN CB   C N N 78  
GLN CG   C N N 79  
GLN CD   C N N 80  
GLN OE1  O N N 81  
GLN NE2  N N N 82  
GLN OXT  O N N 83  
GLN H    H N N 84  
GLN H2   H N N 85  
GLN HA   H N N 86  
GLN HB2  H N N 87  
GLN HB3  H N N 88  
GLN HG2  H N N 89  
GLN HG3  H N N 90  
GLN HE21 H N N 91  
GLN HE22 H N N 92  
GLN HXT  H N N 93  
GLU N    N N N 94  
GLU CA   C N S 95  
GLU C    C N N 96  
GLU O    O N N 97  
GLU CB   C N N 98  
GLU CG   C N N 99  
GLU CD   C N N 100 
GLU OE1  O N N 101 
GLU OE2  O N N 102 
GLU OXT  O N N 103 
GLU H    H N N 104 
GLU H2   H N N 105 
GLU HA   H N N 106 
GLU HB2  H N N 107 
GLU HB3  H N N 108 
GLU HG2  H N N 109 
GLU HG3  H N N 110 
GLU HE2  H N N 111 
GLU HXT  H N N 112 
GLY N    N N N 113 
GLY CA   C N N 114 
GLY C    C N N 115 
GLY O    O N N 116 
GLY OXT  O N N 117 
GLY H    H N N 118 
GLY H2   H N N 119 
GLY HA2  H N N 120 
GLY HA3  H N N 121 
GLY HXT  H N N 122 
GOL C1   C N N 123 
GOL O1   O N N 124 
GOL C2   C N N 125 
GOL O2   O N N 126 
GOL C3   C N N 127 
GOL O3   O N N 128 
GOL H11  H N N 129 
GOL H12  H N N 130 
GOL HO1  H N N 131 
GOL H2   H N N 132 
GOL HO2  H N N 133 
GOL H31  H N N 134 
GOL H32  H N N 135 
GOL HO3  H N N 136 
HIS N    N N N 137 
HIS CA   C N S 138 
HIS C    C N N 139 
HIS O    O N N 140 
HIS CB   C N N 141 
HIS CG   C Y N 142 
HIS ND1  N Y N 143 
HIS CD2  C Y N 144 
HIS CE1  C Y N 145 
HIS NE2  N Y N 146 
HIS OXT  O N N 147 
HIS H    H N N 148 
HIS H2   H N N 149 
HIS HA   H N N 150 
HIS HB2  H N N 151 
HIS HB3  H N N 152 
HIS HD1  H N N 153 
HIS HD2  H N N 154 
HIS HE1  H N N 155 
HIS HE2  H N N 156 
HIS HXT  H N N 157 
HOH O    O N N 158 
HOH H1   H N N 159 
HOH H2   H N N 160 
ILE N    N N N 161 
ILE CA   C N S 162 
ILE C    C N N 163 
ILE O    O N N 164 
ILE CB   C N S 165 
ILE CG1  C N N 166 
ILE CG2  C N N 167 
ILE CD1  C N N 168 
ILE OXT  O N N 169 
ILE H    H N N 170 
ILE H2   H N N 171 
ILE HA   H N N 172 
ILE HB   H N N 173 
ILE HG12 H N N 174 
ILE HG13 H N N 175 
ILE HG21 H N N 176 
ILE HG22 H N N 177 
ILE HG23 H N N 178 
ILE HD11 H N N 179 
ILE HD12 H N N 180 
ILE HD13 H N N 181 
ILE HXT  H N N 182 
LEU N    N N N 183 
LEU CA   C N S 184 
LEU C    C N N 185 
LEU O    O N N 186 
LEU CB   C N N 187 
LEU CG   C N N 188 
LEU CD1  C N N 189 
LEU CD2  C N N 190 
LEU OXT  O N N 191 
LEU H    H N N 192 
LEU H2   H N N 193 
LEU HA   H N N 194 
LEU HB2  H N N 195 
LEU HB3  H N N 196 
LEU HG   H N N 197 
LEU HD11 H N N 198 
LEU HD12 H N N 199 
LEU HD13 H N N 200 
LEU HD21 H N N 201 
LEU HD22 H N N 202 
LEU HD23 H N N 203 
LEU HXT  H N N 204 
LYS N    N N N 205 
LYS CA   C N S 206 
LYS C    C N N 207 
LYS O    O N N 208 
LYS CB   C N N 209 
LYS CG   C N N 210 
LYS CD   C N N 211 
LYS CE   C N N 212 
LYS NZ   N N N 213 
LYS OXT  O N N 214 
LYS H    H N N 215 
LYS H2   H N N 216 
LYS HA   H N N 217 
LYS HB2  H N N 218 
LYS HB3  H N N 219 
LYS HG2  H N N 220 
LYS HG3  H N N 221 
LYS HD2  H N N 222 
LYS HD3  H N N 223 
LYS HE2  H N N 224 
LYS HE3  H N N 225 
LYS HZ1  H N N 226 
LYS HZ2  H N N 227 
LYS HZ3  H N N 228 
LYS HXT  H N N 229 
MET N    N N N 230 
MET CA   C N S 231 
MET C    C N N 232 
MET O    O N N 233 
MET CB   C N N 234 
MET CG   C N N 235 
MET SD   S N N 236 
MET CE   C N N 237 
MET OXT  O N N 238 
MET H    H N N 239 
MET H2   H N N 240 
MET HA   H N N 241 
MET HB2  H N N 242 
MET HB3  H N N 243 
MET HG2  H N N 244 
MET HG3  H N N 245 
MET HE1  H N N 246 
MET HE2  H N N 247 
MET HE3  H N N 248 
MET HXT  H N N 249 
SER N    N N N 250 
SER CA   C N S 251 
SER C    C N N 252 
SER O    O N N 253 
SER CB   C N N 254 
SER OG   O N N 255 
SER OXT  O N N 256 
SER H    H N N 257 
SER H2   H N N 258 
SER HA   H N N 259 
SER HB2  H N N 260 
SER HB3  H N N 261 
SER HG   H N N 262 
SER HXT  H N N 263 
THR N    N N N 264 
THR CA   C N S 265 
THR C    C N N 266 
THR O    O N N 267 
THR CB   C N R 268 
THR OG1  O N N 269 
THR CG2  C N N 270 
THR OXT  O N N 271 
THR H    H N N 272 
THR H2   H N N 273 
THR HA   H N N 274 
THR HB   H N N 275 
THR HG1  H N N 276 
THR HG21 H N N 277 
THR HG22 H N N 278 
THR HG23 H N N 279 
THR HXT  H N N 280 
VAL N    N N N 281 
VAL CA   C N S 282 
VAL C    C N N 283 
VAL O    O N N 284 
VAL CB   C N N 285 
VAL CG1  C N N 286 
VAL CG2  C N N 287 
VAL OXT  O N N 288 
VAL H    H N N 289 
VAL H2   H N N 290 
VAL HA   H N N 291 
VAL HB   H N N 292 
VAL HG11 H N N 293 
VAL HG12 H N N 294 
VAL HG13 H N N 295 
VAL HG21 H N N 296 
VAL HG22 H N N 297 
VAL HG23 H N N 298 
VAL HXT  H N N 299 
# 
loop_
_chem_comp_bond.comp_id 
_chem_comp_bond.atom_id_1 
_chem_comp_bond.atom_id_2 
_chem_comp_bond.value_order 
_chem_comp_bond.pdbx_aromatic_flag 
_chem_comp_bond.pdbx_stereo_config 
_chem_comp_bond.pdbx_ordinal 
ALA N   CA   sing N N 1   
ALA N   H    sing N N 2   
ALA N   H2   sing N N 3   
ALA CA  C    sing N N 4   
ALA CA  CB   sing N N 5   
ALA CA  HA   sing N N 6   
ALA C   O    doub N N 7   
ALA C   OXT  sing N N 8   
ALA CB  HB1  sing N N 9   
ALA CB  HB2  sing N N 10  
ALA CB  HB3  sing N N 11  
ALA OXT HXT  sing N N 12  
ARG N   CA   sing N N 13  
ARG N   H    sing N N 14  
ARG N   H2   sing N N 15  
ARG CA  C    sing N N 16  
ARG CA  CB   sing N N 17  
ARG CA  HA   sing N N 18  
ARG C   O    doub N N 19  
ARG C   OXT  sing N N 20  
ARG CB  CG   sing N N 21  
ARG CB  HB2  sing N N 22  
ARG CB  HB3  sing N N 23  
ARG CG  CD   sing N N 24  
ARG CG  HG2  sing N N 25  
ARG CG  HG3  sing N N 26  
ARG CD  NE   sing N N 27  
ARG CD  HD2  sing N N 28  
ARG CD  HD3  sing N N 29  
ARG NE  CZ   sing N N 30  
ARG NE  HE   sing N N 31  
ARG CZ  NH1  sing N N 32  
ARG CZ  NH2  doub N N 33  
ARG NH1 HH11 sing N N 34  
ARG NH1 HH12 sing N N 35  
ARG NH2 HH21 sing N N 36  
ARG NH2 HH22 sing N N 37  
ARG OXT HXT  sing N N 38  
ASN N   CA   sing N N 39  
ASN N   H    sing N N 40  
ASN N   H2   sing N N 41  
ASN CA  C    sing N N 42  
ASN CA  CB   sing N N 43  
ASN CA  HA   sing N N 44  
ASN C   O    doub N N 45  
ASN C   OXT  sing N N 46  
ASN CB  CG   sing N N 47  
ASN CB  HB2  sing N N 48  
ASN CB  HB3  sing N N 49  
ASN CG  OD1  doub N N 50  
ASN CG  ND2  sing N N 51  
ASN ND2 HD21 sing N N 52  
ASN ND2 HD22 sing N N 53  
ASN OXT HXT  sing N N 54  
ASP N   CA   sing N N 55  
ASP N   H    sing N N 56  
ASP N   H2   sing N N 57  
ASP CA  C    sing N N 58  
ASP CA  CB   sing N N 59  
ASP CA  HA   sing N N 60  
ASP C   O    doub N N 61  
ASP C   OXT  sing N N 62  
ASP CB  CG   sing N N 63  
ASP CB  HB2  sing N N 64  
ASP CB  HB3  sing N N 65  
ASP CG  OD1  doub N N 66  
ASP CG  OD2  sing N N 67  
ASP OD2 HD2  sing N N 68  
ASP OXT HXT  sing N N 69  
GLN N   CA   sing N N 70  
GLN N   H    sing N N 71  
GLN N   H2   sing N N 72  
GLN CA  C    sing N N 73  
GLN CA  CB   sing N N 74  
GLN CA  HA   sing N N 75  
GLN C   O    doub N N 76  
GLN C   OXT  sing N N 77  
GLN CB  CG   sing N N 78  
GLN CB  HB2  sing N N 79  
GLN CB  HB3  sing N N 80  
GLN CG  CD   sing N N 81  
GLN CG  HG2  sing N N 82  
GLN CG  HG3  sing N N 83  
GLN CD  OE1  doub N N 84  
GLN CD  NE2  sing N N 85  
GLN NE2 HE21 sing N N 86  
GLN NE2 HE22 sing N N 87  
GLN OXT HXT  sing N N 88  
GLU N   CA   sing N N 89  
GLU N   H    sing N N 90  
GLU N   H2   sing N N 91  
GLU CA  C    sing N N 92  
GLU CA  CB   sing N N 93  
GLU CA  HA   sing N N 94  
GLU C   O    doub N N 95  
GLU C   OXT  sing N N 96  
GLU CB  CG   sing N N 97  
GLU CB  HB2  sing N N 98  
GLU CB  HB3  sing N N 99  
GLU CG  CD   sing N N 100 
GLU CG  HG2  sing N N 101 
GLU CG  HG3  sing N N 102 
GLU CD  OE1  doub N N 103 
GLU CD  OE2  sing N N 104 
GLU OE2 HE2  sing N N 105 
GLU OXT HXT  sing N N 106 
GLY N   CA   sing N N 107 
GLY N   H    sing N N 108 
GLY N   H2   sing N N 109 
GLY CA  C    sing N N 110 
GLY CA  HA2  sing N N 111 
GLY CA  HA3  sing N N 112 
GLY C   O    doub N N 113 
GLY C   OXT  sing N N 114 
GLY OXT HXT  sing N N 115 
GOL C1  O1   sing N N 116 
GOL C1  C2   sing N N 117 
GOL C1  H11  sing N N 118 
GOL C1  H12  sing N N 119 
GOL O1  HO1  sing N N 120 
GOL C2  O2   sing N N 121 
GOL C2  C3   sing N N 122 
GOL C2  H2   sing N N 123 
GOL O2  HO2  sing N N 124 
GOL C3  O3   sing N N 125 
GOL C3  H31  sing N N 126 
GOL C3  H32  sing N N 127 
GOL O3  HO3  sing N N 128 
HIS N   CA   sing N N 129 
HIS N   H    sing N N 130 
HIS N   H2   sing N N 131 
HIS CA  C    sing N N 132 
HIS CA  CB   sing N N 133 
HIS CA  HA   sing N N 134 
HIS C   O    doub N N 135 
HIS C   OXT  sing N N 136 
HIS CB  CG   sing N N 137 
HIS CB  HB2  sing N N 138 
HIS CB  HB3  sing N N 139 
HIS CG  ND1  sing Y N 140 
HIS CG  CD2  doub Y N 141 
HIS ND1 CE1  doub Y N 142 
HIS ND1 HD1  sing N N 143 
HIS CD2 NE2  sing Y N 144 
HIS CD2 HD2  sing N N 145 
HIS CE1 NE2  sing Y N 146 
HIS CE1 HE1  sing N N 147 
HIS NE2 HE2  sing N N 148 
HIS OXT HXT  sing N N 149 
HOH O   H1   sing N N 150 
HOH O   H2   sing N N 151 
ILE N   CA   sing N N 152 
ILE N   H    sing N N 153 
ILE N   H2   sing N N 154 
ILE CA  C    sing N N 155 
ILE CA  CB   sing N N 156 
ILE CA  HA   sing N N 157 
ILE C   O    doub N N 158 
ILE C   OXT  sing N N 159 
ILE CB  CG1  sing N N 160 
ILE CB  CG2  sing N N 161 
ILE CB  HB   sing N N 162 
ILE CG1 CD1  sing N N 163 
ILE CG1 HG12 sing N N 164 
ILE CG1 HG13 sing N N 165 
ILE CG2 HG21 sing N N 166 
ILE CG2 HG22 sing N N 167 
ILE CG2 HG23 sing N N 168 
ILE CD1 HD11 sing N N 169 
ILE CD1 HD12 sing N N 170 
ILE CD1 HD13 sing N N 171 
ILE OXT HXT  sing N N 172 
LEU N   CA   sing N N 173 
LEU N   H    sing N N 174 
LEU N   H2   sing N N 175 
LEU CA  C    sing N N 176 
LEU CA  CB   sing N N 177 
LEU CA  HA   sing N N 178 
LEU C   O    doub N N 179 
LEU C   OXT  sing N N 180 
LEU CB  CG   sing N N 181 
LEU CB  HB2  sing N N 182 
LEU CB  HB3  sing N N 183 
LEU CG  CD1  sing N N 184 
LEU CG  CD2  sing N N 185 
LEU CG  HG   sing N N 186 
LEU CD1 HD11 sing N N 187 
LEU CD1 HD12 sing N N 188 
LEU CD1 HD13 sing N N 189 
LEU CD2 HD21 sing N N 190 
LEU CD2 HD22 sing N N 191 
LEU CD2 HD23 sing N N 192 
LEU OXT HXT  sing N N 193 
LYS N   CA   sing N N 194 
LYS N   H    sing N N 195 
LYS N   H2   sing N N 196 
LYS CA  C    sing N N 197 
LYS CA  CB   sing N N 198 
LYS CA  HA   sing N N 199 
LYS C   O    doub N N 200 
LYS C   OXT  sing N N 201 
LYS CB  CG   sing N N 202 
LYS CB  HB2  sing N N 203 
LYS CB  HB3  sing N N 204 
LYS CG  CD   sing N N 205 
LYS CG  HG2  sing N N 206 
LYS CG  HG3  sing N N 207 
LYS CD  CE   sing N N 208 
LYS CD  HD2  sing N N 209 
LYS CD  HD3  sing N N 210 
LYS CE  NZ   sing N N 211 
LYS CE  HE2  sing N N 212 
LYS CE  HE3  sing N N 213 
LYS NZ  HZ1  sing N N 214 
LYS NZ  HZ2  sing N N 215 
LYS NZ  HZ3  sing N N 216 
LYS OXT HXT  sing N N 217 
MET N   CA   sing N N 218 
MET N   H    sing N N 219 
MET N   H2   sing N N 220 
MET CA  C    sing N N 221 
MET CA  CB   sing N N 222 
MET CA  HA   sing N N 223 
MET C   O    doub N N 224 
MET C   OXT  sing N N 225 
MET CB  CG   sing N N 226 
MET CB  HB2  sing N N 227 
MET CB  HB3  sing N N 228 
MET CG  SD   sing N N 229 
MET CG  HG2  sing N N 230 
MET CG  HG3  sing N N 231 
MET SD  CE   sing N N 232 
MET CE  HE1  sing N N 233 
MET CE  HE2  sing N N 234 
MET CE  HE3  sing N N 235 
MET OXT HXT  sing N N 236 
SER N   CA   sing N N 237 
SER N   H    sing N N 238 
SER N   H2   sing N N 239 
SER CA  C    sing N N 240 
SER CA  CB   sing N N 241 
SER CA  HA   sing N N 242 
SER C   O    doub N N 243 
SER C   OXT  sing N N 244 
SER CB  OG   sing N N 245 
SER CB  HB2  sing N N 246 
SER CB  HB3  sing N N 247 
SER OG  HG   sing N N 248 
SER OXT HXT  sing N N 249 
THR N   CA   sing N N 250 
THR N   H    sing N N 251 
THR N   H2   sing N N 252 
THR CA  C    sing N N 253 
THR CA  CB   sing N N 254 
THR CA  HA   sing N N 255 
THR C   O    doub N N 256 
THR C   OXT  sing N N 257 
THR CB  OG1  sing N N 258 
THR CB  CG2  sing N N 259 
THR CB  HB   sing N N 260 
THR OG1 HG1  sing N N 261 
THR CG2 HG21 sing N N 262 
THR CG2 HG22 sing N N 263 
THR CG2 HG23 sing N N 264 
THR OXT HXT  sing N N 265 
VAL N   CA   sing N N 266 
VAL N   H    sing N N 267 
VAL N   H2   sing N N 268 
VAL CA  C    sing N N 269 
VAL CA  CB   sing N N 270 
VAL CA  HA   sing N N 271 
VAL C   O    doub N N 272 
VAL C   OXT  sing N N 273 
VAL CB  CG1  sing N N 274 
VAL CB  CG2  sing N N 275 
VAL CB  HB   sing N N 276 
VAL CG1 HG11 sing N N 277 
VAL CG1 HG12 sing N N 278 
VAL CG1 HG13 sing N N 279 
VAL CG2 HG21 sing N N 280 
VAL CG2 HG22 sing N N 281 
VAL CG2 HG23 sing N N 282 
VAL OXT HXT  sing N N 283 
# 
_atom_sites.entry_id                    4EIJ 
_atom_sites.fract_transf_matrix[1][1]   -0.00460163 
_atom_sites.fract_transf_matrix[1][2]   -0.01090627 
_atom_sites.fract_transf_matrix[1][3]   -0.00814983 
_atom_sites.fract_transf_matrix[2][1]   0.00862148 
_atom_sites.fract_transf_matrix[2][2]   -0.01121579 
_atom_sites.fract_transf_matrix[2][3]   -0.00253016 
_atom_sites.fract_transf_matrix[3][1]   -0.00215988 
_atom_sites.fract_transf_matrix[3][2]   -0.00277232 
_atom_sites.fract_transf_matrix[3][3]   0.00492951 
_atom_sites.fract_transf_vector[1]      0.823587 
_atom_sites.fract_transf_vector[2]      0.876647 
_atom_sites.fract_transf_vector[3]      0.498651 
# 
loop_
_atom_type.symbol 
C 
N 
O 
S 
# 
loop_
_atom_site.group_PDB 
_atom_site.id 
_atom_site.type_symbol 
_atom_site.label_atom_id 
_atom_site.label_alt_id 
_atom_site.label_comp_id 
_atom_site.label_asym_id 
_atom_site.label_entity_id 
_atom_site.label_seq_id 
_atom_site.pdbx_PDB_ins_code 
_atom_site.Cartn_x 
_atom_site.Cartn_y 
_atom_site.Cartn_z 
_atom_site.occupancy 
_atom_site.B_iso_or_equiv 
_atom_site.pdbx_formal_charge 
_atom_site.auth_seq_id 
_atom_site.auth_comp_id 
_atom_site.auth_asym_id 
_atom_site.auth_atom_id 
_atom_site.pdbx_PDB_model_num 
ATOM   1    N N   . VAL A 1 3  ? 7.425   19.189  -39.553 1.00 77.72  ? 215 VAL A N   1 
ATOM   2    C CA  . VAL A 1 3  ? 8.380   18.661  -38.580 1.00 73.31  ? 215 VAL A CA  1 
ATOM   3    C C   . VAL A 1 3  ? 8.303   19.388  -37.238 1.00 76.09  ? 215 VAL A C   1 
ATOM   4    O O   . VAL A 1 3  ? 7.953   20.568  -37.170 1.00 77.57  ? 215 VAL A O   1 
ATOM   5    C CB  . VAL A 1 3  ? 9.832   18.708  -39.112 1.00 71.08  ? 215 VAL A CB  1 
ATOM   6    C CG1 . VAL A 1 3  ? 10.178  20.107  -39.610 1.00 78.55  ? 215 VAL A CG1 1 
ATOM   7    C CG2 . VAL A 1 3  ? 10.812  18.264  -38.035 1.00 58.69  ? 215 VAL A CG2 1 
ATOM   8    N N   . ILE A 1 4  ? 8.636   18.668  -36.171 1.00 71.76  ? 216 ILE A N   1 
ATOM   9    C CA  . ILE A 1 4  ? 8.609   19.206  -34.819 1.00 65.87  ? 216 ILE A CA  1 
ATOM   10   C C   . ILE A 1 4  ? 9.887   20.005  -34.521 1.00 53.93  ? 216 ILE A C   1 
ATOM   11   O O   . ILE A 1 4  ? 10.957  19.710  -35.055 1.00 50.86  ? 216 ILE A O   1 
ATOM   12   C CB  . ILE A 1 4  ? 8.424   18.065  -33.788 1.00 63.38  ? 216 ILE A CB  1 
ATOM   13   C CG1 . ILE A 1 4  ? 7.835   18.593  -32.479 1.00 64.86  ? 216 ILE A CG1 1 
ATOM   14   C CG2 . ILE A 1 4  ? 9.733   17.315  -33.574 1.00 59.38  ? 216 ILE A CG2 1 
ATOM   15   C CD1 . ILE A 1 4  ? 7.518   17.506  -31.468 1.00 65.43  ? 216 ILE A CD1 1 
ATOM   16   N N   . SER A 1 5  ? 9.777   21.029  -33.685 1.00 40.44  ? 217 SER A N   1 
ATOM   17   C CA  . SER A 1 5  ? 10.954  21.819  -33.345 1.00 43.25  ? 217 SER A CA  1 
ATOM   18   C C   . SER A 1 5  ? 11.510  21.399  -31.986 1.00 36.77  ? 217 SER A C   1 
ATOM   19   O O   . SER A 1 5  ? 10.787  20.876  -31.146 1.00 38.02  ? 217 SER A O   1 
ATOM   20   C CB  . SER A 1 5  ? 10.648  23.320  -33.363 1.00 39.29  ? 217 SER A CB  1 
ATOM   21   O OG  . SER A 1 5  ? 9.891   23.706  -32.230 1.00 40.62  ? 217 SER A OG  1 
ATOM   22   N N   . ALA A 1 6  ? 12.807  21.611  -31.798 1.00 29.60  ? 218 ALA A N   1 
ATOM   23   C CA  . ALA A 1 6  ? 13.469  21.378  -30.524 1.00 28.87  ? 218 ALA A CA  1 
ATOM   24   C C   . ALA A 1 6  ? 12.752  22.112  -29.396 1.00 31.14  ? 218 ALA A C   1 
ATOM   25   O O   . ALA A 1 6  ? 12.575  21.573  -28.309 1.00 32.77  ? 218 ALA A O   1 
ATOM   26   C CB  . ALA A 1 6  ? 14.913  21.848  -30.609 1.00 31.24  ? 218 ALA A CB  1 
ATOM   27   N N   . ASN A 1 7  ? 12.357  23.355  -29.648 1.00 27.17  ? 219 ASN A N   1 
ATOM   28   C CA  . ASN A 1 7  ? 11.681  24.126  -28.620 1.00 34.10  ? 219 ASN A CA  1 
ATOM   29   C C   . ASN A 1 7  ? 10.343  23.516  -28.242 1.00 33.11  ? 219 ASN A C   1 
ATOM   30   O O   . ASN A 1 7  ? 9.964   23.512  -27.077 1.00 30.44  ? 219 ASN A O   1 
ATOM   31   C CB  . ASN A 1 7  ? 11.510  25.579  -29.043 1.00 35.16  ? 219 ASN A CB  1 
ATOM   32   C CG  . ASN A 1 7  ? 12.801  26.351  -28.960 1.00 51.05  ? 219 ASN A CG  1 
ATOM   33   O OD1 . ASN A 1 7  ? 13.475  26.335  -27.931 1.00 51.99  ? 219 ASN A OD1 1 
ATOM   34   N ND2 . ASN A 1 7  ? 13.161  27.035  -30.045 1.00 47.58  ? 219 ASN A ND2 1 
ATOM   35   N N   . GLU A 1 8  ? 9.624   23.005  -29.234 1.00 35.12  ? 220 GLU A N   1 
ATOM   36   C CA  . GLU A 1 8  ? 8.343   22.380  -28.955 1.00 39.02  ? 220 GLU A CA  1 
ATOM   37   C C   . GLU A 1 8  ? 8.558   21.112  -28.131 1.00 39.46  ? 220 GLU A C   1 
ATOM   38   O O   . GLU A 1 8  ? 7.818   20.851  -27.180 1.00 34.95  ? 220 GLU A O   1 
ATOM   39   C CB  . GLU A 1 8  ? 7.570   22.092  -30.242 1.00 45.04  ? 220 GLU A CB  1 
ATOM   40   C CG  . GLU A 1 8  ? 6.184   21.468  -30.032 1.00 72.03  ? 220 GLU A CG  1 
ATOM   41   C CD  . GLU A 1 8  ? 5.203   22.371  -29.278 1.00 92.61  ? 220 GLU A CD  1 
ATOM   42   O OE1 . GLU A 1 8  ? 5.647   23.233  -28.486 1.00 99.76  ? 220 GLU A OE1 1 
ATOM   43   O OE2 . GLU A 1 8  ? 3.976   22.205  -29.470 1.00 95.73  ? 220 GLU A OE2 1 
ATOM   44   N N   . ILE A 1 9  ? 9.583   20.338  -28.476 1.00 28.84  ? 221 ILE A N   1 
ATOM   45   C CA  . ILE A 1 9  ? 9.902   19.146  -27.694 1.00 28.37  ? 221 ILE A CA  1 
ATOM   46   C C   . ILE A 1 9  ? 10.212  19.519  -26.242 1.00 26.11  ? 221 ILE A C   1 
ATOM   47   O O   . ILE A 1 9  ? 9.704   18.895  -25.330 1.00 27.53  ? 221 ILE A O   1 
ATOM   48   C CB  . ILE A 1 9  ? 11.081  18.353  -28.290 1.00 37.31  ? 221 ILE A CB  1 
ATOM   49   C CG1 . ILE A 1 9  ? 10.674  17.726  -29.624 1.00 39.77  ? 221 ILE A CG1 1 
ATOM   50   C CG2 . ILE A 1 9  ? 11.545  17.269  -27.310 1.00 35.10  ? 221 ILE A CG2 1 
ATOM   51   C CD1 . ILE A 1 9  ? 11.846  17.152  -30.405 1.00 41.27  ? 221 ILE A CD1 1 
ATOM   52   N N   . MET A 1 10 ? 11.029  20.548  -26.038 1.00 25.66  ? 222 MET A N   1 
ATOM   53   C CA  . MET A 1 10 ? 11.373  20.986  -24.693 1.00 32.12  ? 222 MET A CA  1 
ATOM   54   C C   . MET A 1 10 ? 10.134  21.394  -23.909 1.00 34.25  ? 222 MET A C   1 
ATOM   55   O O   . MET A 1 10 ? 10.020  21.085  -22.726 1.00 32.94  ? 222 MET A O   1 
ATOM   56   C CB  . MET A 1 10 ? 12.379  22.144  -24.714 1.00 20.79  ? 222 MET A CB  1 
ATOM   57   C CG  . MET A 1 10 ? 13.765  21.779  -25.270 1.00 23.09  ? 222 MET A CG  1 
ATOM   58   S SD  . MET A 1 10 ? 14.860  23.219  -25.352 1.00 37.04  ? 222 MET A SD  1 
ATOM   59   C CE  . MET A 1 10 ? 15.963  22.741  -26.682 1.00 37.58  ? 222 MET A CE  1 
ATOM   60   N N   . ASP A 1 11 ? 9.211   22.098  -24.559 1.00 28.95  ? 223 ASP A N   1 
ATOM   61   C CA  . ASP A 1 11 ? 7.983   22.504  -23.886 1.00 32.37  ? 223 ASP A CA  1 
ATOM   62   C C   . ASP A 1 11 ? 7.141   21.305  -23.446 1.00 37.15  ? 223 ASP A C   1 
ATOM   63   O O   . ASP A 1 11 ? 6.608   21.287  -22.335 1.00 41.83  ? 223 ASP A O   1 
ATOM   64   C CB  . ASP A 1 11 ? 7.134   23.417  -24.768 1.00 29.43  ? 223 ASP A CB  1 
ATOM   65   C CG  . ASP A 1 11 ? 7.774   24.781  -24.997 1.00 50.37  ? 223 ASP A CG  1 
ATOM   66   O OD1 . ASP A 1 11 ? 8.746   25.120  -24.291 1.00 48.50  ? 223 ASP A OD1 1 
ATOM   67   O OD2 . ASP A 1 11 ? 7.290   25.517  -25.889 1.00 49.38  ? 223 ASP A OD2 1 
ATOM   68   N N   . LEU A 1 12 ? 6.998   20.315  -24.321 1.00 33.63  ? 224 LEU A N   1 
ATOM   69   C CA  . LEU A 1 12 ? 6.170   19.157  -23.993 1.00 37.42  ? 224 LEU A CA  1 
ATOM   70   C C   . LEU A 1 12 ? 6.815   18.355  -22.865 1.00 38.23  ? 224 LEU A C   1 
ATOM   71   O O   . LEU A 1 12 ? 6.144   17.937  -21.926 1.00 40.45  ? 224 LEU A O   1 
ATOM   72   C CB  . LEU A 1 12 ? 5.933   18.283  -25.229 1.00 43.43  ? 224 LEU A CB  1 
ATOM   73   C CG  . LEU A 1 12 ? 5.129   18.930  -26.368 1.00 47.47  ? 224 LEU A CG  1 
ATOM   74   C CD1 . LEU A 1 12 ? 5.291   18.155  -27.668 1.00 44.28  ? 224 LEU A CD1 1 
ATOM   75   C CD2 . LEU A 1 12 ? 3.651   19.081  -26.005 1.00 47.90  ? 224 LEU A CD2 1 
ATOM   76   N N   . LEU A 1 13 ? 8.130   18.167  -22.942 1.00 32.69  ? 225 LEU A N   1 
ATOM   77   C CA  . LEU A 1 13 ? 8.821   17.457  -21.876 1.00 35.60  ? 225 LEU A CA  1 
ATOM   78   C C   . LEU A 1 13 ? 8.714   18.209  -20.557 1.00 34.05  ? 225 LEU A C   1 
ATOM   79   O O   . LEU A 1 13 ? 8.541   17.592  -19.509 1.00 38.85  ? 225 LEU A O   1 
ATOM   80   C CB  . LEU A 1 13 ? 10.279  17.195  -22.238 1.00 32.42  ? 225 LEU A CB  1 
ATOM   81   C CG  . LEU A 1 13 ? 10.469  16.286  -23.456 1.00 30.32  ? 225 LEU A CG  1 
ATOM   82   C CD1 . LEU A 1 13 ? 11.934  16.276  -23.847 1.00 22.46  ? 225 LEU A CD1 1 
ATOM   83   C CD2 . LEU A 1 13 ? 9.960   14.860  -23.170 1.00 24.24  ? 225 LEU A CD2 1 
ATOM   84   N N   . ARG A 1 14 ? 8.809   19.536  -20.603 1.00 30.71  ? 226 ARG A N   1 
ATOM   85   C CA  . ARG A 1 14 ? 8.701   20.316  -19.375 1.00 29.67  ? 226 ARG A CA  1 
ATOM   86   C C   . ARG A 1 14 ? 7.300   20.147  -18.757 1.00 30.07  ? 226 ARG A C   1 
ATOM   87   O O   . ARG A 1 14 ? 7.160   20.057  -17.542 1.00 34.29  ? 226 ARG A O   1 
ATOM   88   C CB  . ARG A 1 14 ? 9.040   21.793  -19.606 1.00 29.43  ? 226 ARG A CB  1 
ATOM   89   C CG  . ARG A 1 14 ? 9.105   22.592  -18.302 1.00 30.15  ? 226 ARG A CG  1 
ATOM   90   C CD  . ARG A 1 14 ? 9.442   24.065  -18.526 1.00 29.64  ? 226 ARG A CD  1 
ATOM   91   N NE  . ARG A 1 14 ? 10.812  24.221  -18.993 1.00 37.33  ? 226 ARG A NE  1 
ATOM   92   C CZ  . ARG A 1 14 ? 11.156  24.454  -20.256 1.00 28.46  ? 226 ARG A CZ  1 
ATOM   93   N NH1 . ARG A 1 14 ? 10.226  24.583  -21.205 1.00 29.63  ? 226 ARG A NH1 1 
ATOM   94   N NH2 . ARG A 1 14 ? 12.439  24.562  -20.563 1.00 28.06  ? 226 ARG A NH2 1 
ATOM   95   N N   . GLY A 1 15 ? 6.278   20.092  -19.608 1.00 31.72  ? 227 GLY A N   1 
ATOM   96   C CA  . GLY A 1 15 ? 4.927   19.786  -19.178 1.00 38.52  ? 227 GLY A CA  1 
ATOM   97   C C   . GLY A 1 15 ? 4.804   18.421  -18.519 1.00 37.70  ? 227 GLY A C   1 
ATOM   98   O O   . GLY A 1 15 ? 4.204   18.300  -17.453 1.00 40.18  ? 227 GLY A O   1 
ATOM   99   N N   . MET A 1 16 ? 5.368   17.395  -19.158 1.00 35.99  ? 228 MET A N   1 
ATOM   100  C CA  . MET A 1 16 ? 5.373   16.040  -18.613 1.00 34.23  ? 228 MET A CA  1 
ATOM   101  C C   . MET A 1 16 ? 6.071   16.009  -17.262 1.00 37.68  ? 228 MET A C   1 
ATOM   102  O O   . MET A 1 16 ? 5.606   15.363  -16.326 1.00 37.18  ? 228 MET A O   1 
ATOM   103  C CB  . MET A 1 16 ? 6.086   15.073  -19.561 1.00 32.39  ? 228 MET A CB  1 
ATOM   104  C CG  . MET A 1 16 ? 5.400   14.858  -20.903 1.00 44.96  ? 228 MET A CG  1 
ATOM   105  S SD  . MET A 1 16 ? 3.760   14.122  -20.777 1.00 68.30  ? 228 MET A SD  1 
ATOM   106  C CE  . MET A 1 16 ? 2.704   15.566  -20.647 1.00 39.14  ? 228 MET A CE  1 
ATOM   107  N N   . ASP A 1 17 ? 7.193   16.710  -17.169 1.00 32.13  ? 229 ASP A N   1 
ATOM   108  C CA  . ASP A 1 17 ? 7.968   16.732  -15.934 1.00 31.24  ? 229 ASP A CA  1 
ATOM   109  C C   . ASP A 1 17 ? 7.153   17.340  -14.785 1.00 34.37  ? 229 ASP A C   1 
ATOM   110  O O   . ASP A 1 17 ? 7.213   16.865  -13.643 1.00 35.80  ? 229 ASP A O   1 
ATOM   111  C CB  . ASP A 1 17 ? 9.281   17.486  -16.154 1.00 35.66  ? 229 ASP A CB  1 
ATOM   112  C CG  . ASP A 1 17 ? 10.174  17.470  -14.941 1.00 52.09  ? 229 ASP A CG  1 
ATOM   113  O OD1 . ASP A 1 17 ? 10.700  16.388  -14.604 1.00 63.20  ? 229 ASP A OD1 1 
ATOM   114  O OD2 . ASP A 1 17 ? 10.348  18.543  -14.324 1.00 52.62  ? 229 ASP A OD2 1 
ATOM   115  N N   . ALA A 1 18 ? 6.375   18.374  -15.090 1.00 29.58  ? 230 ALA A N   1 
ATOM   116  C CA  . ALA A 1 18 ? 5.485   18.976  -14.101 1.00 39.25  ? 230 ALA A CA  1 
ATOM   117  C C   . ALA A 1 18 ? 4.390   18.008  -13.652 1.00 39.69  ? 230 ALA A C   1 
ATOM   118  O O   . ALA A 1 18 ? 4.011   17.992  -12.479 1.00 36.16  ? 230 ALA A O   1 
ATOM   119  C CB  . ALA A 1 18 ? 4.861   20.253  -14.642 1.00 35.28  ? 230 ALA A CB  1 
ATOM   120  N N   . ARG A 1 19 ? 3.869   17.219  -14.586 1.00 30.96  ? 231 ARG A N   1 
ATOM   121  C CA  . ARG A 1 19 ? 2.798   16.280  -14.268 1.00 39.06  ? 231 ARG A CA  1 
ATOM   122  C C   . ARG A 1 19 ? 3.317   15.143  -13.401 1.00 41.02  ? 231 ARG A C   1 
ATOM   123  O O   . ARG A 1 19 ? 2.630   14.696  -12.495 1.00 43.43  ? 231 ARG A O   1 
ATOM   124  C CB  . ARG A 1 19 ? 2.144   15.728  -15.537 1.00 32.87  ? 231 ARG A CB  1 
ATOM   125  C CG  . ARG A 1 19 ? 1.416   16.774  -16.346 1.00 44.70  ? 231 ARG A CG  1 
ATOM   126  C CD  . ARG A 1 19 ? 0.993   16.225  -17.701 1.00 54.10  ? 231 ARG A CD  1 
ATOM   127  N NE  . ARG A 1 19 ? -0.450  16.054  -17.778 1.00 71.90  ? 231 ARG A NE  1 
ATOM   128  C CZ  . ARG A 1 19 ? -1.277  16.977  -18.247 1.00 76.80  ? 231 ARG A CZ  1 
ATOM   129  N NH1 . ARG A 1 19 ? -0.795  18.133  -18.686 1.00 76.05  ? 231 ARG A NH1 1 
ATOM   130  N NH2 . ARG A 1 19 ? -2.581  16.743  -18.280 1.00 81.22  ? 231 ARG A NH2 1 
ATOM   131  N N   . LEU A 1 20 ? 4.533   14.684  -13.686 1.00 37.56  ? 232 LEU A N   1 
ATOM   132  C CA  . LEU A 1 20 ? 5.169   13.647  -12.884 1.00 36.49  ? 232 LEU A CA  1 
ATOM   133  C C   . LEU A 1 20 ? 5.358   14.126  -11.453 1.00 36.44  ? 232 LEU A C   1 
ATOM   134  O O   . LEU A 1 20 ? 5.085   13.395  -10.504 1.00 41.25  ? 232 LEU A O   1 
ATOM   135  C CB  . LEU A 1 20 ? 6.521   13.257  -13.476 1.00 23.91  ? 232 LEU A CB  1 
ATOM   136  C CG  . LEU A 1 20 ? 6.469   12.377  -14.730 1.00 31.43  ? 232 LEU A CG  1 
ATOM   137  C CD1 . LEU A 1 20 ? 7.856   12.208  -15.332 1.00 26.68  ? 232 LEU A CD1 1 
ATOM   138  C CD2 . LEU A 1 20 ? 5.849   11.020  -14.406 1.00 27.93  ? 232 LEU A CD2 1 
ATOM   139  N N   . GLN A 1 21 ? 5.831   15.360  -11.309 1.00 31.36  ? 233 GLN A N   1 
ATOM   140  C CA  . GLN A 1 21 ? 6.004   15.953  -9.998  1.00 30.91  ? 233 GLN A CA  1 
ATOM   141  C C   . GLN A 1 21 ? 4.676   15.971  -9.241  1.00 42.68  ? 233 GLN A C   1 
ATOM   142  O O   . GLN A 1 21 ? 4.619   15.610  -8.063  1.00 40.48  ? 233 GLN A O   1 
ATOM   143  C CB  . GLN A 1 21 ? 6.552   17.370  -10.119 1.00 30.30  ? 233 GLN A CB  1 
ATOM   144  C CG  . GLN A 1 21 ? 6.592   18.115  -8.802  1.00 28.67  ? 233 GLN A CG  1 
ATOM   145  C CD  . GLN A 1 21 ? 6.773   19.606  -8.970  1.00 33.16  ? 233 GLN A CD  1 
ATOM   146  O OE1 . GLN A 1 21 ? 7.514   20.058  -9.838  1.00 47.26  ? 233 GLN A OE1 1 
ATOM   147  N NE2 . GLN A 1 21 ? 6.098   20.384  -8.127  1.00 34.23  ? 233 GLN A NE2 1 
ATOM   148  N N   . HIS A 1 22 ? 3.611   16.393  -9.919  1.00 35.61  ? 234 HIS A N   1 
ATOM   149  C CA  . HIS A 1 22 ? 2.301   16.453  -9.288  1.00 39.03  ? 234 HIS A CA  1 
ATOM   150  C C   . HIS A 1 22 ? 1.791   15.046  -8.954  1.00 39.48  ? 234 HIS A C   1 
ATOM   151  O O   . HIS A 1 22 ? 1.173   14.834  -7.911  1.00 36.09  ? 234 HIS A O   1 
ATOM   152  C CB  . HIS A 1 22 ? 1.305   17.231  -10.156 1.00 47.54  ? 234 HIS A CB  1 
ATOM   153  C CG  . HIS A 1 22 ? 1.772   18.606  -10.528 1.00 59.56  ? 234 HIS A CG  1 
ATOM   154  N ND1 . HIS A 1 22 ? 2.770   19.268  -9.842  1.00 67.36  ? 234 HIS A ND1 1 
ATOM   155  C CD2 . HIS A 1 22 ? 1.374   19.449  -11.513 1.00 60.19  ? 234 HIS A CD2 1 
ATOM   156  C CE1 . HIS A 1 22 ? 2.971   20.452  -10.392 1.00 67.36  ? 234 HIS A CE1 1 
ATOM   157  N NE2 . HIS A 1 22 ? 2.138   20.588  -11.406 1.00 65.24  ? 234 HIS A NE2 1 
ATOM   158  N N   . LEU A 1 23 ? 2.066   14.088  -9.834  1.00 37.36  ? 235 LEU A N   1 
ATOM   159  C CA  . LEU A 1 23 ? 1.779   12.686  -9.548  1.00 41.66  ? 235 LEU A CA  1 
ATOM   160  C C   . LEU A 1 23 ? 2.497   12.247  -8.292  1.00 33.39  ? 235 LEU A C   1 
ATOM   161  O O   . LEU A 1 23 ? 1.938   11.550  -7.452  1.00 35.03  ? 235 LEU A O   1 
ATOM   162  C CB  . LEU A 1 23 ? 2.244   11.799  -10.697 1.00 38.12  ? 235 LEU A CB  1 
ATOM   163  C CG  . LEU A 1 23 ? 1.209   11.729  -11.802 1.00 43.00  ? 235 LEU A CG  1 
ATOM   164  C CD1 . LEU A 1 23 ? 1.833   11.202  -13.074 1.00 39.73  ? 235 LEU A CD1 1 
ATOM   165  C CD2 . LEU A 1 23 ? 0.066   10.854  -11.330 1.00 47.91  ? 235 LEU A CD2 1 
ATOM   166  N N   . GLU A 1 24 ? 3.754   12.661  -8.196  1.00 28.95  ? 236 GLU A N   1 
ATOM   167  C CA  . GLU A 1 24 ? 4.626   12.308  -7.093  1.00 27.30  ? 236 GLU A CA  1 
ATOM   168  C C   . GLU A 1 24 ? 4.061   12.804  -5.771  1.00 29.71  ? 236 GLU A C   1 
ATOM   169  O O   . GLU A 1 24 ? 4.087   12.079  -4.772  1.00 34.65  ? 236 GLU A O   1 
ATOM   170  C CB  . GLU A 1 24 ? 5.994   12.930  -7.325  1.00 26.67  ? 236 GLU A CB  1 
ATOM   171  C CG  . GLU A 1 24 ? 7.156   12.083  -6.906  1.00 39.23  ? 236 GLU A CG  1 
ATOM   172  C CD  . GLU A 1 24 ? 8.463   12.553  -7.529  1.00 46.16  ? 236 GLU A CD  1 
ATOM   173  O OE1 . GLU A 1 24 ? 9.524   12.277  -6.939  1.00 53.23  ? 236 GLU A OE1 1 
ATOM   174  O OE2 . GLU A 1 24 ? 8.431   13.198  -8.601  1.00 41.52  ? 236 GLU A OE2 1 
ATOM   175  N N   . GLN A 1 25 ? 3.578   14.045  -5.770  1.00 37.47  ? 237 GLN A N   1 
ATOM   176  C CA  . GLN A 1 25 ? 2.954   14.636  -4.591  1.00 39.87  ? 237 GLN A CA  1 
ATOM   177  C C   . GLN A 1 25 ? 1.780   13.786  -4.132  1.00 34.31  ? 237 GLN A C   1 
ATOM   178  O O   . GLN A 1 25 ? 1.602   13.579  -2.936  1.00 31.16  ? 237 GLN A O   1 
ATOM   179  C CB  . GLN A 1 25 ? 2.433   16.044  -4.876  1.00 40.24  ? 237 GLN A CB  1 
ATOM   180  C CG  . GLN A 1 25 ? 3.456   17.056  -5.305  1.00 60.28  ? 237 GLN A CG  1 
ATOM   181  C CD  . GLN A 1 25 ? 2.810   18.393  -5.641  1.00 72.27  ? 237 GLN A CD  1 
ATOM   182  O OE1 . GLN A 1 25 ? 3.115   19.012  -6.667  1.00 65.46  ? 237 GLN A OE1 1 
ATOM   183  N NE2 . GLN A 1 25 ? 1.896   18.836  -4.779  1.00 74.53  ? 237 GLN A NE2 1 
ATOM   184  N N   . LYS A 1 26 ? 0.977   13.306  -5.081  1.00 32.61  ? 238 LYS A N   1 
ATOM   185  C CA  . LYS A 1 26 ? -0.204  12.502  -4.738  1.00 38.86  ? 238 LYS A CA  1 
ATOM   186  C C   . LYS A 1 26 ? 0.193   11.128  -4.218  1.00 33.56  ? 238 LYS A C   1 
ATOM   187  O O   . LYS A 1 26 ? -0.423  10.613  -3.293  1.00 35.55  ? 238 LYS A O   1 
ATOM   188  C CB  . LYS A 1 26 ? -1.154  12.351  -5.927  1.00 33.48  ? 238 LYS A CB  1 
ATOM   189  C CG  . LYS A 1 26 ? -1.982  13.583  -6.228  1.00 40.39  ? 238 LYS A CG  1 
ATOM   190  C CD  . LYS A 1 26 ? -2.685  13.436  -7.570  1.00 53.27  ? 238 LYS A CD  1 
ATOM   191  C CE  . LYS A 1 26 ? -3.348  14.732  -8.005  1.00 53.12  ? 238 LYS A CE  1 
ATOM   192  N NZ  . LYS A 1 26 ? -4.424  15.125  -7.065  1.00 57.63  ? 238 LYS A NZ  1 
ATOM   193  N N   . VAL A 1 27 ? 1.228   10.539  -4.811  1.00 29.34  ? 239 VAL A N   1 
ATOM   194  C CA  . VAL A 1 27 ? 1.726   9.261   -4.323  1.00 27.23  ? 239 VAL A CA  1 
ATOM   195  C C   . VAL A 1 27 ? 2.218   9.427   -2.883  1.00 34.29  ? 239 VAL A C   1 
ATOM   196  O O   . VAL A 1 27 ? 1.938   8.592   -2.024  1.00 24.21  ? 239 VAL A O   1 
ATOM   197  C CB  . VAL A 1 27 ? 2.829   8.693   -5.227  1.00 29.89  ? 239 VAL A CB  1 
ATOM   198  C CG1 . VAL A 1 27 ? 3.499   7.502   -4.575  1.00 33.80  ? 239 VAL A CG1 1 
ATOM   199  C CG2 . VAL A 1 27 ? 2.241   8.300   -6.571  1.00 26.23  ? 239 VAL A CG2 1 
ATOM   200  N N   . ASP A 1 28 ? 2.929   10.522  -2.620  1.00 27.26  ? 240 ASP A N   1 
ATOM   201  C CA  . ASP A 1 28 ? 3.361   10.837  -1.262  1.00 26.72  ? 240 ASP A CA  1 
ATOM   202  C C   . ASP A 1 28 ? 2.183   10.867  -0.269  1.00 32.22  ? 240 ASP A C   1 
ATOM   203  O O   . ASP A 1 28 ? 2.319   10.406  0.864   1.00 35.10  ? 240 ASP A O   1 
ATOM   204  C CB  . ASP A 1 28 ? 4.120   12.170  -1.214  1.00 27.55  ? 240 ASP A CB  1 
ATOM   205  C CG  . ASP A 1 28 ? 5.519   12.078  -1.819  1.00 49.90  ? 240 ASP A CG  1 
ATOM   206  O OD1 . ASP A 1 28 ? 6.039   10.952  -1.974  1.00 57.97  ? 240 ASP A OD1 1 
ATOM   207  O OD2 . ASP A 1 28 ? 6.110   13.138  -2.122  1.00 49.15  ? 240 ASP A OD2 1 
ATOM   208  N N   . LYS A 1 29 ? 1.042   11.421  -0.678  1.00 33.86  ? 241 LYS A N   1 
ATOM   209  C CA  . LYS A 1 29 ? -0.114  11.503  0.233   1.00 37.88  ? 241 LYS A CA  1 
ATOM   210  C C   . LYS A 1 29 ? -0.712  10.123  0.491   1.00 29.82  ? 241 LYS A C   1 
ATOM   211  O O   . LYS A 1 29 ? -1.136  9.825   1.596   1.00 30.11  ? 241 LYS A O   1 
ATOM   212  C CB  . LYS A 1 29 ? -1.201  12.449  -0.289  1.00 37.22  ? 241 LYS A CB  1 
ATOM   213  C CG  . LYS A 1 29 ? -0.793  13.908  -0.347  1.00 53.87  ? 241 LYS A CG  1 
ATOM   214  C CD  . LYS A 1 29 ? -1.961  14.794  -0.756  1.00 63.61  ? 241 LYS A CD  1 
ATOM   215  C CE  . LYS A 1 29 ? -1.478  16.093  -1.398  1.00 67.87  ? 241 LYS A CE  1 
ATOM   216  N NZ  . LYS A 1 29 ? -0.559  16.852  -0.507  1.00 73.59  ? 241 LYS A NZ  1 
ATOM   217  N N   . VAL A 1 30 ? -0.747  9.288   -0.536  1.00 33.06  ? 242 VAL A N   1 
ATOM   218  C CA  . VAL A 1 30 ? -1.197  7.920   -0.360  1.00 36.74  ? 242 VAL A CA  1 
ATOM   219  C C   . VAL A 1 30 ? -0.251  7.174   0.577   1.00 37.44  ? 242 VAL A C   1 
ATOM   220  O O   . VAL A 1 30 ? -0.697  6.532   1.518   1.00 32.37  ? 242 VAL A O   1 
ATOM   221  C CB  . VAL A 1 30 ? -1.321  7.180   -1.699  1.00 32.72  ? 242 VAL A CB  1 
ATOM   222  C CG1 . VAL A 1 30 ? -1.501  5.696   -1.454  1.00 36.61  ? 242 VAL A CG1 1 
ATOM   223  C CG2 . VAL A 1 30 ? -2.495  7.738   -2.488  1.00 27.81  ? 242 VAL A CG2 1 
ATOM   224  N N   . LEU A 1 31 ? 1.053   7.281   0.327   1.00 40.05  ? 243 LEU A N   1 
ATOM   225  C CA  . LEU A 1 31 ? 2.049   6.661   1.199   1.00 38.66  ? 243 LEU A CA  1 
ATOM   226  C C   . LEU A 1 31 ? 1.838   7.019   2.663   1.00 40.00  ? 243 LEU A C   1 
ATOM   227  O O   . LEU A 1 31 ? 1.913   6.151   3.532   1.00 41.66  ? 243 LEU A O   1 
ATOM   228  C CB  . LEU A 1 31 ? 3.470   7.058   0.787   1.00 40.54  ? 243 LEU A CB  1 
ATOM   229  C CG  . LEU A 1 31 ? 4.202   6.023   -0.054  1.00 40.69  ? 243 LEU A CG  1 
ATOM   230  C CD1 . LEU A 1 31 ? 5.643   6.452   -0.300  1.00 33.31  ? 243 LEU A CD1 1 
ATOM   231  C CD2 . LEU A 1 31 ? 4.126   4.662   0.641   1.00 35.36  ? 243 LEU A CD2 1 
ATOM   232  N N   . ALA A 1 32 ? 1.593   8.302   2.929   1.00 31.43  ? 244 ALA A N   1 
ATOM   233  C CA  . ALA A 1 32 ? 1.398   8.783   4.294   1.00 39.11  ? 244 ALA A CA  1 
ATOM   234  C C   . ALA A 1 32 ? 0.243   8.077   5.023   1.00 38.66  ? 244 ALA A C   1 
ATOM   235  O O   . ALA A 1 32 ? 0.094   8.213   6.233   1.00 44.26  ? 244 ALA A O   1 
ATOM   236  C CB  . ALA A 1 32 ? 1.202   10.309  4.309   1.00 40.18  ? 244 ALA A CB  1 
ATOM   237  N N   . GLN A 1 33 ? -0.559  7.316   4.283   1.00 53.75  ? 245 GLN A N   1 
ATOM   238  C CA  . GLN A 1 33 ? -1.649  6.527   4.868   1.00 49.06  ? 245 GLN A CA  1 
ATOM   239  C C   . GLN A 1 33 ? -1.177  5.203   5.488   1.00 52.18  ? 245 GLN A C   1 
ATOM   240  O O   . GLN A 1 33 ? -1.927  4.553   6.213   1.00 64.56  ? 245 GLN A O   1 
ATOM   241  C CB  . GLN A 1 33 ? -2.707  6.237   3.806   1.00 57.08  ? 245 GLN A CB  1 
ATOM   242  C CG  . GLN A 1 33 ? -4.120  6.069   4.352   1.00 63.64  ? 245 GLN A CG  1 
ATOM   243  C CD  . GLN A 1 33 ? -4.672  7.347   4.947   1.00 67.43  ? 245 GLN A CD  1 
ATOM   244  O OE1 . GLN A 1 33 ? -4.182  8.446   4.665   1.00 70.57  ? 245 GLN A OE1 1 
ATOM   245  N NE2 . GLN A 1 33 ? -5.699  7.212   5.779   1.00 65.75  ? 245 GLN A NE2 1 
ATOM   246  N N   . GLY A 1 34 ? 0.062   4.812   5.204   1.00 38.02  ? 246 GLY A N   1 
ATOM   247  C CA  . GLY A 1 34 ? 0.596   3.540   5.652   1.00 40.75  ? 246 GLY A CA  1 
ATOM   248  C C   . GLY A 1 34 ? 0.526   3.398   7.153   1.00 56.56  ? 246 GLY A C   1 
ATOM   249  O O   . GLY A 1 34 ? 0.094   2.367   7.682   1.00 57.18  ? 246 GLY A O   1 
ATOM   250  N N   . SER A 1 35 ? 0.957   4.447   7.844   1.00 38.54  ? 247 SER A N   1 
ATOM   251  C CA  . SER A 1 35 ? 0.761   4.549   9.279   1.00 64.64  ? 247 SER A CA  1 
ATOM   252  C C   . SER A 1 35 ? -0.607  3.971   9.689   1.00 59.90  ? 247 SER A C   1 
ATOM   253  O O   . SER A 1 35 ? -0.747  3.373   10.763  1.00 57.49  ? 247 SER A O   1 
ATOM   254  C CB  . SER A 1 35 ? 0.868   6.015   9.699   1.00 69.52  ? 247 SER A CB  1 
ATOM   255  O OG  . SER A 1 35 ? 1.022   6.143   11.098  1.00 81.36  ? 247 SER A OG  1 
ATOM   256  N N   . MET A 1 36 ? -1.602  4.137   8.816   1.00 44.18  ? 248 MET A N   1 
ATOM   257  C CA  . MET A 1 36 ? -2.971  3.720   9.102   1.00 47.06  ? 248 MET A CA  1 
ATOM   258  C C   . MET A 1 36 ? -3.243  2.257   8.777   1.00 45.45  ? 248 MET A C   1 
ATOM   259  O O   . MET A 1 36 ? -3.920  1.569   9.535   1.00 47.60  ? 248 MET A O   1 
ATOM   260  C CB  . MET A 1 36 ? -3.967  4.601   8.358   1.00 52.26  ? 248 MET A CB  1 
ATOM   261  C CG  . MET A 1 36 ? -4.204  5.943   9.009   1.00 54.19  ? 248 MET A CG  1 
ATOM   262  S SD  . MET A 1 36 ? -5.699  5.909   9.994   1.00 93.07  ? 248 MET A SD  1 
ATOM   263  C CE  . MET A 1 36 ? -6.846  5.307   8.771   1.00 44.73  ? 248 MET A CE  1 
ATOM   264  N N   . VAL A 1 37 ? -2.729  1.781   7.651   1.00 35.71  ? 249 VAL A N   1 
ATOM   265  C CA  . VAL A 1 37 ? -2.939  0.388   7.278   1.00 43.56  ? 249 VAL A CA  1 
ATOM   266  C C   . VAL A 1 37 ? -2.266  -0.554  8.280   1.00 48.36  ? 249 VAL A C   1 
ATOM   267  O O   . VAL A 1 37 ? -2.810  -1.605  8.624   1.00 48.58  ? 249 VAL A O   1 
ATOM   268  C CB  . VAL A 1 37 ? -2.435  0.090   5.858   1.00 41.02  ? 249 VAL A CB  1 
ATOM   269  C CG1 . VAL A 1 37 ? -2.464  -1.398  5.597   1.00 38.02  ? 249 VAL A CG1 1 
ATOM   270  C CG2 . VAL A 1 37 ? -3.280  0.850   4.817   1.00 37.77  ? 249 VAL A CG2 1 
ATOM   271  N N   . THR A 1 38 ? -1.091  -0.167  8.759   1.00 36.78  ? 250 THR A N   1 
ATOM   272  C CA  . THR A 1 38 ? -0.409  -0.948  9.784   1.00 39.63  ? 250 THR A CA  1 
ATOM   273  C C   . THR A 1 38 ? -1.239  -1.024  11.063  1.00 40.70  ? 250 THR A C   1 
ATOM   274  O O   . THR A 1 38 ? -1.378  -2.093  11.647  1.00 45.37  ? 250 THR A O   1 
ATOM   275  C CB  . THR A 1 38 ? 0.977   -0.371  10.115  1.00 44.70  ? 250 THR A CB  1 
ATOM   276  O OG1 . THR A 1 38 ? 1.786   -0.369  8.935   1.00 52.61  ? 250 THR A OG1 1 
ATOM   277  C CG2 . THR A 1 38 ? 1.660   -1.208  11.189  1.00 51.38  ? 250 THR A CG2 1 
ATOM   278  N N   . GLN A 1 39 ? -1.784  0.112   11.492  1.00 45.13  ? 251 GLN A N   1 
ATOM   279  C CA  . GLN A 1 39 ? -2.645  0.155   12.672  1.00 40.49  ? 251 GLN A CA  1 
ATOM   280  C C   . GLN A 1 39 ? -3.840  -0.756  12.493  1.00 34.75  ? 251 GLN A C   1 
ATOM   281  O O   . GLN A 1 39 ? -4.259  -1.441  13.430  1.00 38.97  ? 251 GLN A O   1 
ATOM   282  C CB  . GLN A 1 39 ? -3.153  1.571   12.929  1.00 51.12  ? 251 GLN A CB  1 
ATOM   283  C CG  . GLN A 1 39 ? -2.257  2.421   13.798  1.00 64.23  ? 251 GLN A CG  1 
ATOM   284  C CD  . GLN A 1 39 ? -2.673  3.881   13.776  1.00 76.37  ? 251 GLN A CD  1 
ATOM   285  O OE1 . GLN A 1 39 ? -2.724  4.507   12.717  1.00 67.20  ? 251 GLN A OE1 1 
ATOM   286  N NE2 . GLN A 1 39 ? -2.979  4.428   14.946  1.00 91.40  ? 251 GLN A NE2 1 
ATOM   287  N N   . ILE A 1 40 ? -4.407  -0.760  11.294  1.00 32.04  ? 252 ILE A N   1 
ATOM   288  C CA  . ILE A 1 40 ? -5.568  -1.602  11.050  1.00 35.12  ? 252 ILE A CA  1 
ATOM   289  C C   . ILE A 1 40 ? -5.192  -3.075  11.213  1.00 37.90  ? 252 ILE A C   1 
ATOM   290  O O   . ILE A 1 40 ? -5.913  -3.840  11.857  1.00 38.25  ? 252 ILE A O   1 
ATOM   291  C CB  . ILE A 1 40 ? -6.219  -1.330  9.685   1.00 27.63  ? 252 ILE A CB  1 
ATOM   292  C CG1 . ILE A 1 40 ? -6.727  0.122   9.622   1.00 30.20  ? 252 ILE A CG1 1 
ATOM   293  C CG2 . ILE A 1 40 ? -7.379  -2.312  9.441   1.00 27.48  ? 252 ILE A CG2 1 
ATOM   294  C CD1 . ILE A 1 40 ? -7.035  0.629   8.215   1.00 28.60  ? 252 ILE A CD1 1 
ATOM   295  N N   . LYS A 1 41 ? -4.047  -3.454  10.655  1.00 35.31  ? 253 LYS A N   1 
ATOM   296  C CA  . LYS A 1 41 ? -3.580  -4.830  10.711  1.00 33.44  ? 253 LYS A CA  1 
ATOM   297  C C   . LYS A 1 41 ? -3.360  -5.272  12.157  1.00 39.13  ? 253 LYS A C   1 
ATOM   298  O O   . LYS A 1 41 ? -3.811  -6.345  12.564  1.00 44.92  ? 253 LYS A O   1 
ATOM   299  C CB  . LYS A 1 41 ? -2.274  -4.983  9.922   1.00 42.20  ? 253 LYS A CB  1 
ATOM   300  C CG  . LYS A 1 41 ? -1.853  -6.430  9.712   1.00 50.52  ? 253 LYS A CG  1 
ATOM   301  C CD  . LYS A 1 41 ? -0.356  -6.562  9.460   1.00 68.06  ? 253 LYS A CD  1 
ATOM   302  C CE  . LYS A 1 41 ? 0.444   -6.435  10.752  1.00 78.97  ? 253 LYS A CE  1 
ATOM   303  N NZ  . LYS A 1 41 ? 1.865   -6.870  10.592  1.00 80.65  ? 253 LYS A NZ  1 
ATOM   304  N N   . ASN A 1 42 ? -2.660  -4.438  12.922  1.00 40.13  ? 254 ASN A N   1 
ATOM   305  C CA  . ASN A 1 42 ? -2.343  -4.728  14.317  1.00 39.90  ? 254 ASN A CA  1 
ATOM   306  C C   . ASN A 1 42 ? -3.580  -4.784  15.212  1.00 46.60  ? 254 ASN A C   1 
ATOM   307  O O   . ASN A 1 42 ? -3.658  -5.615  16.117  1.00 46.93  ? 254 ASN A O   1 
ATOM   308  C CB  . ASN A 1 42 ? -1.350  -3.703  14.875  1.00 38.15  ? 254 ASN A CB  1 
ATOM   309  C CG  . ASN A 1 42 ? 0.028   -3.798  14.229  1.00 59.24  ? 254 ASN A CG  1 
ATOM   310  O OD1 . ASN A 1 42 ? 0.388   -4.823  13.648  1.00 58.68  ? 254 ASN A OD1 1 
ATOM   311  N ND2 . ASN A 1 42 ? 0.810   -2.721  14.335  1.00 51.13  ? 254 ASN A ND2 1 
ATOM   312  N N   . GLU A 1 43 ? -4.542  -3.895  14.970  1.00 43.47  ? 255 GLU A N   1 
ATOM   313  C CA  . GLU A 1 43 ? -5.760  -3.886  15.777  1.00 41.83  ? 255 GLU A CA  1 
ATOM   314  C C   . GLU A 1 43 ? -6.650  -5.079  15.436  1.00 44.35  ? 255 GLU A C   1 
ATOM   315  O O   . GLU A 1 43 ? -7.260  -5.683  16.319  1.00 35.12  ? 255 GLU A O   1 
ATOM   316  C CB  . GLU A 1 43 ? -6.528  -2.567  15.626  1.00 40.01  ? 255 GLU A CB  1 
ATOM   317  C CG  . GLU A 1 43 ? -5.920  -1.400  16.414  1.00 60.06  ? 255 GLU A CG  1 
ATOM   318  C CD  . GLU A 1 43 ? -6.316  -0.027  15.870  1.00 69.08  ? 255 GLU A CD  1 
ATOM   319  O OE1 . GLU A 1 43 ? -7.500  0.164   15.516  1.00 66.15  ? 255 GLU A OE1 1 
ATOM   320  O OE2 . GLU A 1 43 ? -5.437  0.865   15.803  1.00 73.34  ? 255 GLU A OE2 1 
ATOM   321  N N   . LEU A 1 44 ? -6.722  -5.422  14.155  1.00 37.44  ? 256 LEU A N   1 
ATOM   322  C CA  . LEU A 1 44 ? -7.519  -6.568  13.752  1.00 36.43  ? 256 LEU A CA  1 
ATOM   323  C C   . LEU A 1 44 ? -6.912  -7.854  14.307  1.00 41.24  ? 256 LEU A C   1 
ATOM   324  O O   . LEU A 1 44 ? -7.626  -8.751  14.758  1.00 41.43  ? 256 LEU A O   1 
ATOM   325  C CB  . LEU A 1 44 ? -7.642  -6.648  12.232  1.00 38.83  ? 256 LEU A CB  1 
ATOM   326  C CG  . LEU A 1 44 ? -8.505  -7.791  11.704  1.00 47.38  ? 256 LEU A CG  1 
ATOM   327  C CD1 . LEU A 1 44 ? -9.911  -7.742  12.315  1.00 47.67  ? 256 LEU A CD1 1 
ATOM   328  C CD2 . LEU A 1 44 ? -8.570  -7.764  10.192  1.00 42.86  ? 256 LEU A CD2 1 
ATOM   329  N N   . SER A 1 45 ? -5.588  -7.921  14.279  1.00 36.48  ? 257 SER A N   1 
ATOM   330  C CA  . SER A 1 45 ? -4.856  -9.072  14.779  1.00 40.43  ? 257 SER A CA  1 
ATOM   331  C C   . SER A 1 45 ? -5.119  -9.295  16.269  1.00 40.69  ? 257 SER A C   1 
ATOM   332  O O   . SER A 1 45 ? -5.237  -10.429 16.725  1.00 38.50  ? 257 SER A O   1 
ATOM   333  C CB  . SER A 1 45 ? -3.357  -8.882  14.530  1.00 42.11  ? 257 SER A CB  1 
ATOM   334  O OG  . SER A 1 45 ? -2.636  -10.058 14.839  1.00 57.85  ? 257 SER A OG  1 
ATOM   335  N N   . THR A 1 46 ? -5.190  -8.207  17.025  1.00 42.31  ? 258 THR A N   1 
ATOM   336  C CA  . THR A 1 46 ? -5.525  -8.289  18.438  1.00 45.11  ? 258 THR A CA  1 
ATOM   337  C C   . THR A 1 46 ? -6.938  -8.850  18.614  1.00 44.84  ? 258 THR A C   1 
ATOM   338  O O   . THR A 1 46 ? -7.190  -9.672  19.498  1.00 43.33  ? 258 THR A O   1 
ATOM   339  C CB  . THR A 1 46 ? -5.439  -6.905  19.113  1.00 47.81  ? 258 THR A CB  1 
ATOM   340  O OG1 . THR A 1 46 ? -4.084  -6.455  19.095  1.00 50.24  ? 258 THR A OG1 1 
ATOM   341  C CG2 . THR A 1 46 ? -5.919  -6.978  20.561  1.00 49.19  ? 258 THR A CG2 1 
ATOM   342  N N   . VAL A 1 47 ? -7.862  -8.401  17.774  1.00 38.53  ? 259 VAL A N   1 
ATOM   343  C CA  . VAL A 1 47 ? -9.231  -8.885  17.865  1.00 35.41  ? 259 VAL A CA  1 
ATOM   344  C C   . VAL A 1 47 ? -9.299  -10.382 17.574  1.00 34.26  ? 259 VAL A C   1 
ATOM   345  O O   . VAL A 1 47 ? -9.933  -11.142 18.310  1.00 37.18  ? 259 VAL A O   1 
ATOM   346  C CB  . VAL A 1 47 ? -10.156 -8.126  16.911  1.00 34.47  ? 259 VAL A CB  1 
ATOM   347  C CG1 . VAL A 1 47 ? -11.560 -8.763  16.903  1.00 29.97  ? 259 VAL A CG1 1 
ATOM   348  C CG2 . VAL A 1 47 ? -10.225 -6.665  17.321  1.00 34.35  ? 259 VAL A CG2 1 
ATOM   349  N N   . LYS A 1 48 ? -8.643  -10.787 16.492  1.00 32.75  ? 260 LYS A N   1 
ATOM   350  C CA  . LYS A 1 48 ? -8.547  -12.182 16.088  1.00 35.23  ? 260 LYS A CA  1 
ATOM   351  C C   . LYS A 1 48 ? -8.020  -13.087 17.205  1.00 35.61  ? 260 LYS A C   1 
ATOM   352  O O   . LYS A 1 48 ? -8.624  -14.113 17.535  1.00 30.64  ? 260 LYS A O   1 
ATOM   353  C CB  . LYS A 1 48 ? -7.636  -12.297 14.862  1.00 35.91  ? 260 LYS A CB  1 
ATOM   354  C CG  . LYS A 1 48 ? -7.410  -13.724 14.398  1.00 39.49  ? 260 LYS A CG  1 
ATOM   355  C CD  . LYS A 1 48 ? -6.893  -13.771 12.974  1.00 47.09  ? 260 LYS A CD  1 
ATOM   356  C CE  . LYS A 1 48 ? -5.386  -13.757 12.928  1.00 52.66  ? 260 LYS A CE  1 
ATOM   357  N NZ  . LYS A 1 48 ? -4.818  -15.001 13.496  1.00 48.37  ? 260 LYS A NZ  1 
ATOM   358  N N   . THR A 1 49 ? -6.881  -12.705 17.769  1.00 35.20  ? 261 THR A N   1 
ATOM   359  C CA  . THR A 1 49 ? -6.228  -13.499 18.798  1.00 35.75  ? 261 THR A CA  1 
ATOM   360  C C   . THR A 1 49 ? -7.103  -13.587 20.037  1.00 33.12  ? 261 THR A C   1 
ATOM   361  O O   . THR A 1 49 ? -7.271  -14.660 20.621  1.00 28.82  ? 261 THR A O   1 
ATOM   362  C CB  . THR A 1 49 ? -4.879  -12.888 19.176  1.00 38.81  ? 261 THR A CB  1 
ATOM   363  O OG1 . THR A 1 49 ? -4.002  -12.978 18.053  1.00 43.81  ? 261 THR A OG1 1 
ATOM   364  C CG2 . THR A 1 49 ? -4.260  -13.635 20.357  1.00 52.49  ? 261 THR A CG2 1 
ATOM   365  N N   . THR A 1 50 ? -7.670  -12.452 20.424  1.00 33.63  ? 262 THR A N   1 
ATOM   366  C CA  . THR A 1 50 ? -8.529  -12.388 21.601  1.00 37.44  ? 262 THR A CA  1 
ATOM   367  C C   . THR A 1 50 ? -9.785  -13.237 21.452  1.00 39.30  ? 262 THR A C   1 
ATOM   368  O O   . THR A 1 50 ? -10.174 -13.947 22.387  1.00 34.61  ? 262 THR A O   1 
ATOM   369  C CB  . THR A 1 50 ? -8.921  -10.940 21.921  1.00 42.36  ? 262 THR A CB  1 
ATOM   370  O OG1 . THR A 1 50 ? -7.740  -10.202 22.258  1.00 40.47  ? 262 THR A OG1 1 
ATOM   371  C CG2 . THR A 1 50 ? -9.902  -10.895 23.087  1.00 42.38  ? 262 THR A CG2 1 
ATOM   372  N N   . LEU A 1 51 ? -10.425 -13.177 20.284  1.00 27.34  ? 263 LEU A N   1 
ATOM   373  C CA  . LEU A 1 51 ? -11.612 -14.005 20.073  1.00 27.07  ? 263 LEU A CA  1 
ATOM   374  C C   . LEU A 1 51 ? -11.291 -15.501 20.151  1.00 24.59  ? 263 LEU A C   1 
ATOM   375  O O   . LEU A 1 51 ? -12.055 -16.269 20.718  1.00 24.96  ? 263 LEU A O   1 
ATOM   376  C CB  . LEU A 1 51 ? -12.306 -13.687 18.748  1.00 23.44  ? 263 LEU A CB  1 
ATOM   377  C CG  . LEU A 1 51 ? -13.311 -12.538 18.799  1.00 39.08  ? 263 LEU A CG  1 
ATOM   378  C CD1 . LEU A 1 51 ? -13.873 -12.248 17.422  1.00 38.41  ? 263 LEU A CD1 1 
ATOM   379  C CD2 . LEU A 1 51 ? -14.425 -12.873 19.778  1.00 39.33  ? 263 LEU A CD2 1 
ATOM   380  N N   . ALA A 1 52 ? -10.171 -15.903 19.559  1.00 26.34  ? 264 ALA A N   1 
ATOM   381  C CA  . ALA A 1 52 ? -9.801  -17.309 19.529  1.00 27.70  ? 264 ALA A CA  1 
ATOM   382  C C   . ALA A 1 52 ? -9.505  -17.764 20.958  1.00 33.33  ? 264 ALA A C   1 
ATOM   383  O O   . ALA A 1 52 ? -9.811  -18.886 21.343  1.00 31.88  ? 264 ALA A O   1 
ATOM   384  C CB  . ALA A 1 52 ? -8.595  -17.527 18.637  1.00 22.03  ? 264 ALA A CB  1 
ATOM   385  N N   . THR A 1 53 ? -8.907  -16.864 21.731  1.00 30.77  ? 265 THR A N   1 
ATOM   386  C CA  . THR A 1 53 ? -8.595  -17.123 23.122  1.00 28.65  ? 265 THR A CA  1 
ATOM   387  C C   . THR A 1 53 ? -9.890  -17.325 23.901  1.00 28.62  ? 265 THR A C   1 
ATOM   388  O O   . THR A 1 53 ? -10.011 -18.273 24.666  1.00 32.96  ? 265 THR A O   1 
ATOM   389  C CB  . THR A 1 53 ? -7.779  -15.965 23.752  1.00 38.85  ? 265 THR A CB  1 
ATOM   390  O OG1 . THR A 1 53 ? -6.515  -15.850 23.088  1.00 38.44  ? 265 THR A OG1 1 
ATOM   391  C CG2 . THR A 1 53 ? -7.533  -16.223 25.231  1.00 34.00  ? 265 THR A CG2 1 
ATOM   392  N N   . ILE A 1 54 ? -10.855 -16.432 23.686  1.00 27.44  ? 266 ILE A N   1 
ATOM   393  C CA  . ILE A 1 54 ? -12.171 -16.535 24.318  1.00 24.35  ? 266 ILE A CA  1 
ATOM   394  C C   . ILE A 1 54 ? -12.845 -17.871 23.979  1.00 26.79  ? 266 ILE A C   1 
ATOM   395  O O   . ILE A 1 54 ? -13.344 -18.559 24.862  1.00 26.90  ? 266 ILE A O   1 
ATOM   396  C CB  . ILE A 1 54 ? -13.063 -15.324 23.958  1.00 27.30  ? 266 ILE A CB  1 
ATOM   397  C CG1 . ILE A 1 54 ? -12.490 -14.054 24.603  1.00 33.05  ? 266 ILE A CG1 1 
ATOM   398  C CG2 . ILE A 1 54 ? -14.485 -15.527 24.435  1.00 27.05  ? 266 ILE A CG2 1 
ATOM   399  C CD1 . ILE A 1 54 ? -13.171 -12.773 24.171  1.00 38.23  ? 266 ILE A CD1 1 
ATOM   400  N N   . GLU A 1 55 ? -12.826 -18.256 22.706  1.00 25.14  ? 267 GLU A N   1 
ATOM   401  C CA  . GLU A 1 55 ? -13.313 -19.575 22.337  1.00 25.05  ? 267 GLU A CA  1 
ATOM   402  C C   . GLU A 1 55 ? -12.703 -20.674 23.224  1.00 24.85  ? 267 GLU A C   1 
ATOM   403  O O   . GLU A 1 55 ? -13.407 -21.573 23.671  1.00 25.46  ? 267 GLU A O   1 
ATOM   404  C CB  . GLU A 1 55 ? -13.019 -19.877 20.872  1.00 27.60  ? 267 GLU A CB  1 
ATOM   405  C CG  . GLU A 1 55 ? -13.413 -21.296 20.467  1.00 24.17  ? 267 GLU A CG  1 
ATOM   406  C CD  . GLU A 1 55 ? -13.019 -21.622 19.034  1.00 32.23  ? 267 GLU A CD  1 
ATOM   407  O OE1 . GLU A 1 55 ? -12.598 -22.766 18.774  1.00 31.70  ? 267 GLU A OE1 1 
ATOM   408  O OE2 . GLU A 1 55 ? -13.126 -20.726 18.169  1.00 37.63  ? 267 GLU A OE2 1 
ATOM   409  N N   . GLY A 1 56 ? -11.398 -20.598 23.469  1.00 22.38  ? 268 GLY A N   1 
ATOM   410  C CA  . GLY A 1 56 ? -10.709 -21.616 24.240  1.00 22.23  ? 268 GLY A CA  1 
ATOM   411  C C   . GLY A 1 56 ? -11.093 -21.598 25.715  1.00 27.61  ? 268 GLY A C   1 
ATOM   412  O O   . GLY A 1 56 ? -11.258 -22.654 26.334  1.00 24.43  ? 268 GLY A O   1 
ATOM   413  N N   . MET A 1 57 ? -11.218 -20.397 26.273  1.00 21.91  ? 269 MET A N   1 
ATOM   414  C CA  . MET A 1 57 ? -11.676 -20.209 27.646  1.00 31.70  ? 269 MET A CA  1 
ATOM   415  C C   . MET A 1 57 ? -13.069 -20.776 27.879  1.00 32.72  ? 269 MET A C   1 
ATOM   416  O O   . MET A 1 57 ? -13.347 -21.307 28.945  1.00 29.37  ? 269 MET A O   1 
ATOM   417  C CB  . MET A 1 57 ? -11.676 -18.729 28.021  1.00 26.10  ? 269 MET A CB  1 
ATOM   418  C CG  . MET A 1 57 ? -10.291 -18.123 28.110  1.00 32.31  ? 269 MET A CG  1 
ATOM   419  S SD  . MET A 1 57 ? -10.318 -16.345 28.423  1.00 42.44  ? 269 MET A SD  1 
ATOM   420  C CE  . MET A 1 57 ? -11.223 -16.284 29.963  1.00 61.60  ? 269 MET A CE  1 
ATOM   421  N N   . MET A 1 58 ? -13.941 -20.641 26.887  1.00 32.15  ? 270 MET A N   1 
ATOM   422  C CA  . MET A 1 58 ? -15.307 -21.140 27.000  1.00 26.00  ? 270 MET A CA  1 
ATOM   423  C C   . MET A 1 58 ? -15.383 -22.656 26.925  1.00 29.25  ? 270 MET A C   1 
ATOM   424  O O   . MET A 1 58 ? -16.238 -23.260 27.557  1.00 34.09  ? 270 MET A O   1 
ATOM   425  C CB  . MET A 1 58 ? -16.185 -20.546 25.898  1.00 20.18  ? 270 MET A CB  1 
ATOM   426  C CG  . MET A 1 58 ? -16.436 -19.059 26.054  1.00 24.41  ? 270 MET A CG  1 
ATOM   427  S SD  . MET A 1 58 ? -17.329 -18.378 24.658  1.00 31.41  ? 270 MET A SD  1 
ATOM   428  C CE  . MET A 1 58 ? -18.896 -19.224 24.816  1.00 32.46  ? 270 MET A CE  1 
ATOM   429  N N   . ALA A 1 59 ? -14.517 -23.264 26.119  1.00 26.35  ? 271 ALA A N   1 
ATOM   430  C CA  . ALA A 1 59 ? -14.545 -24.711 25.927  1.00 27.38  ? 271 ALA A CA  1 
ATOM   431  C C   . ALA A 1 59 ? -14.147 -25.442 27.215  1.00 29.91  ? 271 ALA A C   1 
ATOM   432  O O   . ALA A 1 59 ? -13.296 -24.976 27.965  1.00 26.24  ? 271 ALA A O   1 
ATOM   433  C CB  . ALA A 1 59 ? -13.625 -25.117 24.783  1.00 27.61  ? 271 ALA A CB  1 
ATOM   434  N N   . THR A 1 60 ? -14.776 -26.584 27.463  1.00 31.56  ? 272 THR A N   1 
ATOM   435  C CA  . THR A 1 60 ? -14.411 -27.446 28.583  1.00 33.65  ? 272 THR A CA  1 
ATOM   436  C C   . THR A 1 60 ? -13.321 -28.392 28.122  1.00 29.15  ? 272 THR A C   1 
ATOM   437  O O   . THR A 1 60 ? -13.502 -29.136 27.167  1.00 35.04  ? 272 THR A O   1 
ATOM   438  C CB  . THR A 1 60 ? -15.611 -28.293 29.046  1.00 34.51  ? 272 THR A CB  1 
ATOM   439  O OG1 . THR A 1 60 ? -16.673 -27.429 29.466  1.00 39.23  ? 272 THR A OG1 1 
ATOM   440  C CG2 . THR A 1 60 ? -15.223 -29.239 30.205  1.00 30.63  ? 272 THR A CG2 1 
ATOM   441  N N   . VAL A 1 61 ? -12.188 -28.370 28.803  1.00 28.50  ? 273 VAL A N   1 
ATOM   442  C CA  . VAL A 1 61 ? -11.081 -29.248 28.445  1.00 30.00  ? 273 VAL A CA  1 
ATOM   443  C C   . VAL A 1 61 ? -10.802 -30.266 29.536  1.00 48.78  ? 273 VAL A C   1 
ATOM   444  O O   . VAL A 1 61 ? -10.606 -29.894 30.692  1.00 44.36  ? 273 VAL A O   1 
ATOM   445  C CB  . VAL A 1 61 ? -9.796  -28.447 28.181  1.00 34.35  ? 273 VAL A CB  1 
ATOM   446  C CG1 . VAL A 1 61 ? -8.582  -29.366 28.167  1.00 40.91  ? 273 VAL A CG1 1 
ATOM   447  C CG2 . VAL A 1 61 ? -9.917  -27.686 26.866  1.00 50.92  ? 273 VAL A CG2 1 
ATOM   448  N N   . LYS A 1 62 ? -10.785 -31.540 29.146  1.00 57.43  ? 274 LYS A N   1 
ATOM   449  C CA  . LYS A 1 62 ? -10.453 -32.649 30.035  1.00 71.30  ? 274 LYS A CA  1 
ATOM   450  C C   . LYS A 1 62 ? -9.010  -33.095 29.830  1.00 67.37  ? 274 LYS A C   1 
ATOM   451  O O   . LYS A 1 62 ? -8.620  -33.478 28.726  1.00 72.74  ? 274 LYS A O   1 
ATOM   452  C CB  . LYS A 1 62 ? -11.399 -33.834 29.787  1.00 86.67  ? 274 LYS A CB  1 
ATOM   453  C CG  . LYS A 1 62 ? -12.107 -33.817 28.425  1.00 91.87  ? 274 LYS A CG  1 
ATOM   454  C CD  . LYS A 1 62 ? -11.369 -34.582 27.324  1.00 86.14  ? 274 LYS A CD  1 
ATOM   455  C CE  . LYS A 1 62 ? -12.211 -34.619 26.045  1.00 74.12  ? 274 LYS A CE  1 
ATOM   456  N NZ  . LYS A 1 62 ? -11.815 -35.650 25.039  1.00 50.79  ? 274 LYS A NZ  1 
ATOM   457  N N   . ILE A 1 63 ? -8.218  -33.047 30.894  1.00 52.85  ? 275 ILE A N   1 
ATOM   458  C CA  . ILE A 1 63 ? -6.817  -33.449 30.808  1.00 54.04  ? 275 ILE A CA  1 
ATOM   459  C C   . ILE A 1 63 ? -6.331  -34.060 32.127  1.00 58.90  ? 275 ILE A C   1 
ATOM   460  O O   . ILE A 1 63 ? -6.714  -33.610 33.209  1.00 60.40  ? 275 ILE A O   1 
ATOM   461  C CB  . ILE A 1 63 ? -5.930  -32.258 30.393  1.00 64.64  ? 275 ILE A CB  1 
ATOM   462  C CG1 . ILE A 1 63 ? -4.503  -32.714 30.115  1.00 63.50  ? 275 ILE A CG1 1 
ATOM   463  C CG2 . ILE A 1 63 ? -5.958  -31.172 31.456  1.00 73.82  ? 275 ILE A CG2 1 
ATOM   464  C CD1 . ILE A 1 63 ? -3.546  -31.564 29.946  1.00 71.59  ? 275 ILE A CD1 1 
ATOM   465  N N   . MET A 1 64 ? -5.509  -35.100 32.040  1.00 58.55  ? 276 MET A N   1 
ATOM   466  C CA  . MET A 1 64 ? -5.025  -35.773 33.243  1.00 56.70  ? 276 MET A CA  1 
ATOM   467  C C   . MET A 1 64 ? -3.504  -35.699 33.402  1.00 65.92  ? 276 MET A C   1 
ATOM   468  O O   . MET A 1 64 ? -2.780  -35.391 32.454  1.00 59.03  ? 276 MET A O   1 
ATOM   469  C CB  . MET A 1 64 ? -5.481  -37.235 33.254  1.00 66.26  ? 276 MET A CB  1 
ATOM   470  C CG  . MET A 1 64 ? -4.807  -38.101 32.205  1.00 69.02  ? 276 MET A CG  1 
ATOM   471  S SD  . MET A 1 64 ? -5.375  -39.811 32.213  1.00 121.99 ? 276 MET A SD  1 
ATOM   472  C CE  . MET A 1 64 ? -4.009  -40.620 31.381  1.00 87.89  ? 276 MET A CE  1 
ATOM   473  N N   . ASP A 1 65 ? -3.031  -35.982 34.612  1.00 84.89  ? 277 ASP A N   1 
ATOM   474  C CA  . ASP A 1 65 ? -1.599  -36.075 34.890  1.00 100.86 ? 277 ASP A CA  1 
ATOM   475  C C   . ASP A 1 65 ? -1.126  -37.526 34.867  1.00 101.14 ? 277 ASP A C   1 
ATOM   476  O O   . ASP A 1 65 ? -1.141  -38.181 33.824  1.00 99.90  ? 277 ASP A O   1 
ATOM   477  C CB  . ASP A 1 65 ? -1.266  -35.445 36.245  1.00 113.02 ? 277 ASP A CB  1 
ATOM   478  C CG  . ASP A 1 65 ? -1.051  -33.948 36.155  1.00 118.54 ? 277 ASP A CG  1 
ATOM   479  O OD1 . ASP A 1 65 ? -0.281  -33.511 35.275  1.00 116.12 ? 277 ASP A OD1 1 
ATOM   480  O OD2 . ASP A 1 65 ? -1.641  -33.208 36.970  1.00 123.56 ? 277 ASP A OD2 1 
ATOM   481  N N   . GLN B 1 1  ? 24.144  26.555  -31.786 1.00 94.44  ? 213 GLN B N   1 
ATOM   482  C CA  . GLN B 1 1  ? 22.941  25.758  -31.597 1.00 98.67  ? 213 GLN B CA  1 
ATOM   483  C C   . GLN B 1 1  ? 23.159  24.317  -32.040 1.00 97.15  ? 213 GLN B C   1 
ATOM   484  O O   . GLN B 1 1  ? 24.299  23.880  -32.206 1.00 100.77 ? 213 GLN B O   1 
ATOM   485  C CB  . GLN B 1 1  ? 21.762  26.376  -32.357 1.00 104.00 ? 213 GLN B CB  1 
ATOM   486  C CG  . GLN B 1 1  ? 20.791  27.135  -31.466 1.00 104.05 ? 213 GLN B CG  1 
ATOM   487  C CD  . GLN B 1 1  ? 20.161  26.243  -30.411 1.00 102.34 ? 213 GLN B CD  1 
ATOM   488  O OE1 . GLN B 1 1  ? 19.807  25.097  -30.687 1.00 102.47 ? 213 GLN B OE1 1 
ATOM   489  N NE2 . GLN B 1 1  ? 20.016  26.766  -29.195 1.00 94.91  ? 213 GLN B NE2 1 
ATOM   490  N N   . SER B 1 2  ? 22.059  23.590  -32.213 1.00 86.48  ? 214 SER B N   1 
ATOM   491  C CA  . SER B 1 2  ? 22.083  22.228  -32.745 1.00 85.53  ? 214 SER B CA  1 
ATOM   492  C C   . SER B 1 2  ? 22.465  21.210  -31.674 1.00 70.39  ? 214 SER B C   1 
ATOM   493  O O   . SER B 1 2  ? 21.610  20.470  -31.186 1.00 66.41  ? 214 SER B O   1 
ATOM   494  C CB  . SER B 1 2  ? 23.010  22.129  -33.963 1.00 97.21  ? 214 SER B CB  1 
ATOM   495  O OG  . SER B 1 2  ? 22.686  21.003  -34.756 1.00 101.69 ? 214 SER B OG  1 
ATOM   496  N N   . VAL B 1 3  ? 23.743  21.173  -31.309 1.00 61.33  ? 215 VAL B N   1 
ATOM   497  C CA  . VAL B 1 3  ? 24.193  20.354  -30.184 1.00 45.81  ? 215 VAL B CA  1 
ATOM   498  C C   . VAL B 1 3  ? 23.679  20.915  -28.859 1.00 44.45  ? 215 VAL B C   1 
ATOM   499  O O   . VAL B 1 3  ? 23.391  20.160  -27.933 1.00 46.08  ? 215 VAL B O   1 
ATOM   500  C CB  . VAL B 1 3  ? 25.733  20.237  -30.126 1.00 53.95  ? 215 VAL B CB  1 
ATOM   501  C CG1 . VAL B 1 3  ? 26.196  19.786  -28.748 1.00 53.13  ? 215 VAL B CG1 1 
ATOM   502  C CG2 . VAL B 1 3  ? 26.234  19.281  -31.194 1.00 71.41  ? 215 VAL B CG2 1 
ATOM   503  N N   . ILE B 1 4  ? 23.563  22.238  -28.771 1.00 39.83  ? 216 ILE B N   1 
ATOM   504  C CA  . ILE B 1 4  ? 23.050  22.870  -27.558 1.00 32.79  ? 216 ILE B CA  1 
ATOM   505  C C   . ILE B 1 4  ? 21.620  22.415  -27.294 1.00 33.64  ? 216 ILE B C   1 
ATOM   506  O O   . ILE B 1 4  ? 21.295  21.968  -26.197 1.00 32.92  ? 216 ILE B O   1 
ATOM   507  C CB  . ILE B 1 4  ? 23.083  24.410  -27.635 1.00 37.80  ? 216 ILE B CB  1 
ATOM   508  C CG1 . ILE B 1 4  ? 24.530  24.902  -27.687 1.00 45.67  ? 216 ILE B CG1 1 
ATOM   509  C CG2 . ILE B 1 4  ? 22.329  25.017  -26.442 1.00 34.11  ? 216 ILE B CG2 1 
ATOM   510  C CD1 . ILE B 1 4  ? 24.668  26.409  -27.783 1.00 57.22  ? 216 ILE B CD1 1 
ATOM   511  N N   . SER B 1 5  ? 20.776  22.513  -28.314 1.00 29.89  ? 217 SER B N   1 
ATOM   512  C CA  . SER B 1 5  ? 19.393  22.066  -28.196 1.00 38.53  ? 217 SER B CA  1 
ATOM   513  C C   . SER B 1 5  ? 19.268  20.614  -27.763 1.00 37.47  ? 217 SER B C   1 
ATOM   514  O O   . SER B 1 5  ? 18.429  20.282  -26.925 1.00 43.28  ? 217 SER B O   1 
ATOM   515  C CB  . SER B 1 5  ? 18.627  22.298  -29.502 1.00 44.39  ? 217 SER B CB  1 
ATOM   516  O OG  . SER B 1 5  ? 18.192  23.643  -29.571 1.00 59.07  ? 217 SER B OG  1 
ATOM   517  N N   . ALA B 1 6  ? 20.092  19.746  -28.337 1.00 31.69  ? 218 ALA B N   1 
ATOM   518  C CA  . ALA B 1 6  ? 20.005  18.328  -28.012 1.00 27.60  ? 218 ALA B CA  1 
ATOM   519  C C   . ALA B 1 6  ? 20.461  18.071  -26.570 1.00 29.26  ? 218 ALA B C   1 
ATOM   520  O O   . ALA B 1 6  ? 19.895  17.236  -25.868 1.00 26.92  ? 218 ALA B O   1 
ATOM   521  C CB  . ALA B 1 6  ? 20.799  17.483  -29.008 1.00 28.98  ? 218 ALA B CB  1 
ATOM   522  N N   . ASN B 1 7  ? 21.486  18.794  -26.136 1.00 24.40  ? 219 ASN B N   1 
ATOM   523  C CA  . ASN B 1 7  ? 21.934  18.717  -24.757 1.00 24.42  ? 219 ASN B CA  1 
ATOM   524  C C   . ASN B 1 7  ? 20.852  19.163  -23.772 1.00 35.43  ? 219 ASN B C   1 
ATOM   525  O O   . ASN B 1 7  ? 20.682  18.556  -22.720 1.00 33.20  ? 219 ASN B O   1 
ATOM   526  C CB  . ASN B 1 7  ? 23.205  19.544  -24.546 1.00 28.87  ? 219 ASN B CB  1 
ATOM   527  C CG  . ASN B 1 7  ? 24.461  18.770  -24.892 1.00 62.17  ? 219 ASN B CG  1 
ATOM   528  O OD1 . ASN B 1 7  ? 24.445  17.886  -25.744 1.00 55.14  ? 219 ASN B OD1 1 
ATOM   529  N ND2 . ASN B 1 7  ? 25.559  19.096  -24.225 1.00 69.86  ? 219 ASN B ND2 1 
ATOM   530  N N   . GLU B 1 8  ? 20.137  20.234  -24.110 1.00 24.78  ? 220 GLU B N   1 
ATOM   531  C CA  . GLU B 1 8  ? 19.097  20.763  -23.234 1.00 28.12  ? 220 GLU B CA  1 
ATOM   532  C C   . GLU B 1 8  ? 17.908  19.812  -23.160 1.00 26.94  ? 220 GLU B C   1 
ATOM   533  O O   . GLU B 1 8  ? 17.324  19.621  -22.101 1.00 30.42  ? 220 GLU B O   1 
ATOM   534  C CB  . GLU B 1 8  ? 18.674  22.164  -23.675 1.00 26.92  ? 220 GLU B CB  1 
ATOM   535  C CG  . GLU B 1 8  ? 19.770  23.209  -23.430 1.00 32.02  ? 220 GLU B CG  1 
ATOM   536  C CD  . GLU B 1 8  ? 19.423  24.575  -23.991 1.00 35.36  ? 220 GLU B CD  1 
ATOM   537  O OE1 . GLU B 1 8  ? 18.517  24.656  -24.848 1.00 33.45  ? 220 GLU B OE1 1 
ATOM   538  O OE2 . GLU B 1 8  ? 20.062  25.567  -23.571 1.00 35.06  ? 220 GLU B OE2 1 
ATOM   539  N N   . ILE B 1 9  ? 17.573  19.189  -24.279 1.00 24.52  ? 221 ILE B N   1 
ATOM   540  C CA  . ILE B 1 9  ? 16.521  18.186  -24.286 1.00 25.68  ? 221 ILE B CA  1 
ATOM   541  C C   . ILE B 1 9  ? 16.956  16.971  -23.461 1.00 22.58  ? 221 ILE B C   1 
ATOM   542  O O   . ILE B 1 9  ? 16.213  16.486  -22.626 1.00 27.07  ? 221 ILE B O   1 
ATOM   543  C CB  . ILE B 1 9  ? 16.138  17.782  -25.708 1.00 28.13  ? 221 ILE B CB  1 
ATOM   544  C CG1 . ILE B 1 9  ? 15.396  18.938  -26.385 1.00 32.19  ? 221 ILE B CG1 1 
ATOM   545  C CG2 . ILE B 1 9  ? 15.264  16.529  -25.688 1.00 24.02  ? 221 ILE B CG2 1 
ATOM   546  C CD1 . ILE B 1 9  ? 15.246  18.795  -27.882 1.00 27.18  ? 221 ILE B CD1 1 
ATOM   547  N N   . MET B 1 10 ? 18.184  16.524  -23.664 1.00 21.24  ? 222 MET B N   1 
ATOM   548  C CA  . MET B 1 10 ? 18.732  15.427  -22.889 1.00 23.61  ? 222 MET B CA  1 
ATOM   549  C C   . MET B 1 10 ? 18.691  15.696  -21.370 1.00 32.15  ? 222 MET B C   1 
ATOM   550  O O   . MET B 1 10 ? 18.432  14.779  -20.589 1.00 28.11  ? 222 MET B O   1 
ATOM   551  C CB  . MET B 1 10 ? 20.163  15.122  -23.338 1.00 25.37  ? 222 MET B CB  1 
ATOM   552  C CG  . MET B 1 10 ? 20.599  13.690  -23.087 1.00 46.38  ? 222 MET B CG  1 
ATOM   553  S SD  . MET B 1 10 ? 19.595  12.465  -23.972 1.00 42.59  ? 222 MET B SD  1 
ATOM   554  C CE  . MET B 1 10 ? 20.545  10.981  -23.656 1.00 57.78  ? 222 MET B CE  1 
ATOM   555  N N   . ASP B 1 11 ? 18.958  16.937  -20.955 1.00 26.13  ? 223 ASP B N   1 
ATOM   556  C CA  . ASP B 1 11 ? 18.866  17.300  -19.535 1.00 32.89  ? 223 ASP B CA  1 
ATOM   557  C C   . ASP B 1 11 ? 17.448  17.135  -18.972 1.00 28.79  ? 223 ASP B C   1 
ATOM   558  O O   . ASP B 1 11 ? 17.282  16.710  -17.835 1.00 32.10  ? 223 ASP B O   1 
ATOM   559  C CB  . ASP B 1 11 ? 19.350  18.733  -19.276 1.00 34.74  ? 223 ASP B CB  1 
ATOM   560  C CG  . ASP B 1 11 ? 20.856  18.860  -19.329 1.00 52.72  ? 223 ASP B CG  1 
ATOM   561  O OD1 . ASP B 1 11 ? 21.537  17.836  -19.549 1.00 61.20  ? 223 ASP B OD1 1 
ATOM   562  O OD2 . ASP B 1 11 ? 21.361  19.991  -19.151 1.00 62.18  ? 223 ASP B OD2 1 
ATOM   563  N N   . LEU B 1 12 ? 16.438  17.487  -19.765 1.00 27.52  ? 224 LEU B N   1 
ATOM   564  C CA  . LEU B 1 12 ? 15.050  17.288  -19.370 1.00 33.18  ? 224 LEU B CA  1 
ATOM   565  C C   . LEU B 1 12 ? 14.768  15.807  -19.229 1.00 32.64  ? 224 LEU B C   1 
ATOM   566  O O   . LEU B 1 12 ? 14.174  15.374  -18.240 1.00 32.90  ? 224 LEU B O   1 
ATOM   567  C CB  . LEU B 1 12 ? 14.082  17.911  -20.383 1.00 30.86  ? 224 LEU B CB  1 
ATOM   568  C CG  . LEU B 1 12 ? 14.093  19.440  -20.305 1.00 33.15  ? 224 LEU B CG  1 
ATOM   569  C CD1 . LEU B 1 12 ? 13.394  20.081  -21.486 1.00 34.43  ? 224 LEU B CD1 1 
ATOM   570  C CD2 . LEU B 1 12 ? 13.468  19.887  -18.997 1.00 39.72  ? 224 LEU B CD2 1 
ATOM   571  N N   . LEU B 1 13 ? 15.209  15.032  -20.216 1.00 23.29  ? 225 LEU B N   1 
ATOM   572  C CA  . LEU B 1 13 ? 14.980  13.590  -20.200 1.00 22.88  ? 225 LEU B CA  1 
ATOM   573  C C   . LEU B 1 13 ? 15.588  12.936  -18.955 1.00 24.23  ? 225 LEU B C   1 
ATOM   574  O O   . LEU B 1 13 ? 14.931  12.142  -18.288 1.00 27.66  ? 225 LEU B O   1 
ATOM   575  C CB  . LEU B 1 13 ? 15.492  12.940  -21.485 1.00 23.92  ? 225 LEU B CB  1 
ATOM   576  C CG  . LEU B 1 13 ? 14.708  13.354  -22.743 1.00 26.32  ? 225 LEU B CG  1 
ATOM   577  C CD1 . LEU B 1 13 ? 15.442  12.987  -24.062 1.00 18.80  ? 225 LEU B CD1 1 
ATOM   578  C CD2 . LEU B 1 13 ? 13.303  12.757  -22.705 1.00 22.92  ? 225 LEU B CD2 1 
ATOM   579  N N   . ARG B 1 14 ? 16.828  13.290  -18.625 1.00 24.07  ? 226 ARG B N   1 
ATOM   580  C CA  . ARG B 1 14 ? 17.488  12.700  -17.464 1.00 33.44  ? 226 ARG B CA  1 
ATOM   581  C C   . ARG B 1 14 ? 16.806  13.103  -16.158 1.00 39.71  ? 226 ARG B C   1 
ATOM   582  O O   . ARG B 1 14 ? 16.763  12.314  -15.212 1.00 28.71  ? 226 ARG B O   1 
ATOM   583  C CB  . ARG B 1 14 ? 18.976  13.063  -17.418 1.00 36.14  ? 226 ARG B CB  1 
ATOM   584  C CG  . ARG B 1 14 ? 19.785  12.553  -18.597 1.00 50.05  ? 226 ARG B CG  1 
ATOM   585  C CD  . ARG B 1 14 ? 21.266  12.604  -18.277 1.00 62.58  ? 226 ARG B CD  1 
ATOM   586  N NE  . ARG B 1 14 ? 22.105  12.546  -19.470 1.00 71.18  ? 226 ARG B NE  1 
ATOM   587  C CZ  . ARG B 1 14 ? 22.558  13.617  -20.113 1.00 70.41  ? 226 ARG B CZ  1 
ATOM   588  N NH1 . ARG B 1 14 ? 22.245  14.835  -19.686 1.00 63.27  ? 226 ARG B NH1 1 
ATOM   589  N NH2 . ARG B 1 14 ? 23.321  13.471  -21.186 1.00 75.42  ? 226 ARG B NH2 1 
ATOM   590  N N   . GLY B 1 15 ? 16.290  14.329  -16.099 1.00 24.68  ? 227 GLY B N   1 
ATOM   591  C CA  . GLY B 1 15 ? 15.571  14.775  -14.915 1.00 30.48  ? 227 GLY B CA  1 
ATOM   592  C C   . GLY B 1 15 ? 14.298  13.955  -14.765 1.00 26.51  ? 227 GLY B C   1 
ATOM   593  O O   . GLY B 1 15 ? 13.897  13.590  -13.662 1.00 27.43  ? 227 GLY B O   1 
ATOM   594  N N   . MET B 1 16 ? 13.670  13.653  -15.893 1.00 23.63  ? 228 MET B N   1 
ATOM   595  C CA  . MET B 1 16 ? 12.483  12.813  -15.880 1.00 31.80  ? 228 MET B CA  1 
ATOM   596  C C   . MET B 1 16 ? 12.804  11.371  -15.521 1.00 26.82  ? 228 MET B C   1 
ATOM   597  O O   . MET B 1 16 ? 11.993  10.724  -14.868 1.00 29.22  ? 228 MET B O   1 
ATOM   598  C CB  . MET B 1 16 ? 11.732  12.900  -17.204 1.00 29.02  ? 228 MET B CB  1 
ATOM   599  C CG  . MET B 1 16 ? 11.244  14.308  -17.495 1.00 41.17  ? 228 MET B CG  1 
ATOM   600  S SD  . MET B 1 16 ? 10.569  14.453  -19.156 1.00 51.23  ? 228 MET B SD  1 
ATOM   601  C CE  . MET B 1 16 ? 9.150   13.382  -19.012 1.00 28.09  ? 228 MET B CE  1 
ATOM   602  N N   . ASP B 1 17 ? 13.978  10.871  -15.926 1.00 24.62  ? 229 ASP B N   1 
ATOM   603  C CA  . ASP B 1 17 ? 14.396  9.522   -15.518 1.00 31.21  ? 229 ASP B CA  1 
ATOM   604  C C   . ASP B 1 17 ? 14.485  9.468   -13.996 1.00 29.57  ? 229 ASP B C   1 
ATOM   605  O O   . ASP B 1 17 ? 14.086  8.497   -13.364 1.00 31.02  ? 229 ASP B O   1 
ATOM   606  C CB  . ASP B 1 17 ? 15.777  9.148   -16.068 1.00 39.00  ? 229 ASP B CB  1 
ATOM   607  C CG  . ASP B 1 17 ? 15.795  8.948   -17.571 1.00 51.35  ? 229 ASP B CG  1 
ATOM   608  O OD1 . ASP B 1 17 ? 14.715  8.762   -18.168 1.00 48.78  ? 229 ASP B OD1 1 
ATOM   609  O OD2 . ASP B 1 17 ? 16.913  8.963   -18.151 1.00 50.04  ? 229 ASP B OD2 1 
ATOM   610  N N   . ALA B 1 18 ? 15.054  10.514  -13.414 1.00 32.60  ? 230 ALA B N   1 
ATOM   611  C CA  . ALA B 1 18 ? 15.243  10.536  -11.980 1.00 26.92  ? 230 ALA B CA  1 
ATOM   612  C C   . ALA B 1 18 ? 13.886  10.565  -11.280 1.00 35.09  ? 230 ALA B C   1 
ATOM   613  O O   . ALA B 1 18 ? 13.669  9.819   -10.329 1.00 32.38  ? 230 ALA B O   1 
ATOM   614  C CB  . ALA B 1 18 ? 16.131  11.705  -11.557 1.00 23.37  ? 230 ALA B CB  1 
ATOM   615  N N   . ARG B 1 19 ? 12.965  11.393  -11.776 1.00 28.31  ? 231 ARG B N   1 
ATOM   616  C CA  . ARG B 1 19 ? 11.608  11.413  -11.229 1.00 30.40  ? 231 ARG B CA  1 
ATOM   617  C C   . ARG B 1 19 ? 10.959  10.034  -11.289 1.00 32.41  ? 231 ARG B C   1 
ATOM   618  O O   . ARG B 1 19 ? 10.337  9.597   -10.322 1.00 29.20  ? 231 ARG B O   1 
ATOM   619  C CB  . ARG B 1 19 ? 10.722  12.416  -11.970 1.00 28.63  ? 231 ARG B CB  1 
ATOM   620  C CG  . ARG B 1 19 ? 10.962  13.856  -11.573 1.00 40.08  ? 231 ARG B CG  1 
ATOM   621  C CD  . ARG B 1 19 ? 9.781   14.736  -11.943 1.00 40.94  ? 231 ARG B CD  1 
ATOM   622  N NE  . ARG B 1 19 ? 10.043  16.131  -11.613 1.00 37.58  ? 231 ARG B NE  1 
ATOM   623  C CZ  . ARG B 1 19 ? 10.066  16.614  -10.375 1.00 33.56  ? 231 ARG B CZ  1 
ATOM   624  N NH1 . ARG B 1 19 ? 9.860   15.814  -9.343  1.00 35.32  ? 231 ARG B NH1 1 
ATOM   625  N NH2 . ARG B 1 19 ? 10.314  17.895  -10.165 1.00 44.55  ? 231 ARG B NH2 1 
ATOM   626  N N   . LEU B 1 20 ? 11.091  9.365   -12.434 1.00 28.59  ? 232 LEU B N   1 
ATOM   627  C CA  . LEU B 1 20 ? 10.514  8.037   -12.616 1.00 31.67  ? 232 LEU B CA  1 
ATOM   628  C C   . LEU B 1 20 ? 11.068  7.040   -11.604 1.00 36.59  ? 232 LEU B C   1 
ATOM   629  O O   . LEU B 1 20 ? 10.334  6.198   -11.097 1.00 31.07  ? 232 LEU B O   1 
ATOM   630  C CB  . LEU B 1 20 ? 10.734  7.522   -14.033 1.00 35.00  ? 232 LEU B CB  1 
ATOM   631  C CG  . LEU B 1 20 ? 9.573   7.761   -15.000 1.00 47.26  ? 232 LEU B CG  1 
ATOM   632  C CD1 . LEU B 1 20 ? 8.353   7.013   -14.518 1.00 36.89  ? 232 LEU B CD1 1 
ATOM   633  C CD2 . LEU B 1 20 ? 9.260   9.226   -15.136 1.00 46.22  ? 232 LEU B CD2 1 
ATOM   634  N N   . GLN B 1 21 ? 12.361  7.130   -11.311 1.00 31.72  ? 233 GLN B N   1 
ATOM   635  C CA  . GLN B 1 21 ? 12.955  6.198   -10.361 1.00 43.11  ? 233 GLN B CA  1 
ATOM   636  C C   . GLN B 1 21 ? 12.438  6.462   -8.946  1.00 35.81  ? 233 GLN B C   1 
ATOM   637  O O   . GLN B 1 21 ? 12.246  5.535   -8.162  1.00 32.13  ? 233 GLN B O   1 
ATOM   638  C CB  . GLN B 1 21 ? 14.486  6.249   -10.415 1.00 52.34  ? 233 GLN B CB  1 
ATOM   639  C CG  . GLN B 1 21 ? 15.161  4.993   -9.876  1.00 73.17  ? 233 GLN B CG  1 
ATOM   640  C CD  . GLN B 1 21 ? 14.678  3.712   -10.554 1.00 94.45  ? 233 GLN B CD  1 
ATOM   641  O OE1 . GLN B 1 21 ? 14.754  2.627   -9.976  1.00 105.15 ? 233 GLN B OE1 1 
ATOM   642  N NE2 . GLN B 1 21 ? 14.180  3.835   -11.783 1.00 97.91  ? 233 GLN B NE2 1 
ATOM   643  N N   . HIS B 1 22 ? 12.198  7.729   -8.634  1.00 29.64  ? 234 HIS B N   1 
ATOM   644  C CA  . HIS B 1 22 ? 11.649  8.102   -7.335  1.00 35.41  ? 234 HIS B CA  1 
ATOM   645  C C   . HIS B 1 22 ? 10.199  7.638   -7.205  1.00 36.42  ? 234 HIS B C   1 
ATOM   646  O O   . HIS B 1 22 ? 9.811   7.082   -6.181  1.00 37.24  ? 234 HIS B O   1 
ATOM   647  C CB  . HIS B 1 22 ? 11.766  9.608   -7.115  1.00 32.97  ? 234 HIS B CB  1 
ATOM   648  C CG  . HIS B 1 22 ? 13.175  10.106  -7.161  1.00 42.06  ? 234 HIS B CG  1 
ATOM   649  N ND1 . HIS B 1 22 ? 13.510  11.366  -7.614  1.00 40.05  ? 234 HIS B ND1 1 
ATOM   650  C CD2 . HIS B 1 22 ? 14.342  9.499   -6.836  1.00 40.09  ? 234 HIS B CD2 1 
ATOM   651  C CE1 . HIS B 1 22 ? 14.821  11.519  -7.546  1.00 39.39  ? 234 HIS B CE1 1 
ATOM   652  N NE2 . HIS B 1 22 ? 15.349  10.398  -7.083  1.00 43.01  ? 234 HIS B NE2 1 
ATOM   653  N N   . LEU B 1 23 ? 9.420   7.857   -8.260  1.00 24.66  ? 235 LEU B N   1 
ATOM   654  C CA  . LEU B 1 23 ? 8.060   7.353   -8.344  1.00 31.82  ? 235 LEU B CA  1 
ATOM   655  C C   . LEU B 1 23 ? 8.006   5.844   -8.169  1.00 28.72  ? 235 LEU B C   1 
ATOM   656  O O   . LEU B 1 23 ? 7.136   5.333   -7.468  1.00 25.84  ? 235 LEU B O   1 
ATOM   657  C CB  . LEU B 1 23 ? 7.419   7.745   -9.671  1.00 29.04  ? 235 LEU B CB  1 
ATOM   658  C CG  . LEU B 1 23 ? 6.593   9.031   -9.649  1.00 31.38  ? 235 LEU B CG  1 
ATOM   659  C CD1 . LEU B 1 23 ? 6.298   9.519   -11.068 1.00 43.07  ? 235 LEU B CD1 1 
ATOM   660  C CD2 . LEU B 1 23 ? 5.306   8.812   -8.891  1.00 21.85  ? 235 LEU B CD2 1 
ATOM   661  N N   . GLU B 1 24 ? 8.941   5.129   -8.789  1.00 27.86  ? 236 GLU B N   1 
ATOM   662  C CA  . GLU B 1 24 ? 8.965   3.676   -8.646  1.00 32.00  ? 236 GLU B CA  1 
ATOM   663  C C   . GLU B 1 24 ? 9.254   3.226   -7.209  1.00 35.20  ? 236 GLU B C   1 
ATOM   664  O O   . GLU B 1 24 ? 8.678   2.252   -6.722  1.00 34.70  ? 236 GLU B O   1 
ATOM   665  C CB  . GLU B 1 24 ? 9.955   3.036   -9.615  1.00 32.74  ? 236 GLU B CB  1 
ATOM   666  C CG  . GLU B 1 24 ? 9.290   2.594   -10.906 1.00 59.65  ? 236 GLU B CG  1 
ATOM   667  C CD  . GLU B 1 24 ? 10.029  1.470   -11.599 1.00 78.33  ? 236 GLU B CD  1 
ATOM   668  O OE1 . GLU B 1 24 ? 9.450   0.875   -12.533 1.00 81.88  ? 236 GLU B OE1 1 
ATOM   669  O OE2 . GLU B 1 24 ? 11.181  1.175   -11.214 1.00 88.27  ? 236 GLU B OE2 1 
ATOM   670  N N   . GLN B 1 25 ? 10.150  3.934   -6.535  1.00 33.69  ? 237 GLN B N   1 
ATOM   671  C CA  . GLN B 1 25 ? 10.465  3.603   -5.154  1.00 36.64  ? 237 GLN B CA  1 
ATOM   672  C C   . GLN B 1 25 ? 9.241   3.849   -4.267  1.00 34.25  ? 237 GLN B C   1 
ATOM   673  O O   . GLN B 1 25 ? 8.937   3.053   -3.385  1.00 30.87  ? 237 GLN B O   1 
ATOM   674  C CB  . GLN B 1 25 ? 11.667  4.402   -4.670  1.00 40.68  ? 237 GLN B CB  1 
ATOM   675  C CG  . GLN B 1 25 ? 12.958  4.114   -5.438  1.00 64.83  ? 237 GLN B CG  1 
ATOM   676  C CD  . GLN B 1 25 ? 13.676  2.855   -4.968  1.00 93.90  ? 237 GLN B CD  1 
ATOM   677  O OE1 . GLN B 1 25 ? 13.708  2.551   -3.776  1.00 107.81 ? 237 GLN B OE1 1 
ATOM   678  N NE2 . GLN B 1 25 ? 14.275  2.130   -5.909  1.00 101.32 ? 237 GLN B NE2 1 
ATOM   679  N N   . LYS B 1 26 ? 8.533   4.946   -4.517  1.00 27.98  ? 238 LYS B N   1 
ATOM   680  C CA  . LYS B 1 26 ? 7.335   5.262   -3.754  1.00 29.68  ? 238 LYS B CA  1 
ATOM   681  C C   . LYS B 1 26 ? 6.220   4.271   -4.055  1.00 29.04  ? 238 LYS B C   1 
ATOM   682  O O   . LYS B 1 26 ? 5.613   3.717   -3.144  1.00 26.95  ? 238 LYS B O   1 
ATOM   683  C CB  . LYS B 1 26 ? 6.866   6.684   -4.044  1.00 28.72  ? 238 LYS B CB  1 
ATOM   684  C CG  . LYS B 1 26 ? 7.842   7.755   -3.568  1.00 28.37  ? 238 LYS B CG  1 
ATOM   685  C CD  . LYS B 1 26 ? 7.460   9.116   -4.150  1.00 36.61  ? 238 LYS B CD  1 
ATOM   686  C CE  . LYS B 1 26 ? 8.609   10.110  -4.057  1.00 47.91  ? 238 LYS B CE  1 
ATOM   687  N NZ  . LYS B 1 26 ? 8.896   10.483  -2.648  1.00 38.08  ? 238 LYS B NZ  1 
ATOM   688  N N   . VAL B 1 27 ? 5.957   4.036   -5.336  1.00 29.54  ? 239 VAL B N   1 
ATOM   689  C CA  . VAL B 1 27 ? 4.909   3.087   -5.704  1.00 25.41  ? 239 VAL B CA  1 
ATOM   690  C C   . VAL B 1 27 ? 5.193   1.685   -5.160  1.00 30.53  ? 239 VAL B C   1 
ATOM   691  O O   . VAL B 1 27 ? 4.276   1.000   -4.721  1.00 36.23  ? 239 VAL B O   1 
ATOM   692  C CB  . VAL B 1 27 ? 4.657   3.063   -7.212  1.00 30.02  ? 239 VAL B CB  1 
ATOM   693  C CG1 . VAL B 1 27 ? 3.839   1.844   -7.603  1.00 23.93  ? 239 VAL B CG1 1 
ATOM   694  C CG2 . VAL B 1 27 ? 3.964   4.347   -7.626  1.00 27.86  ? 239 VAL B CG2 1 
ATOM   695  N N   . ASP B 1 28 ? 6.457   1.267   -5.161  1.00 24.28  ? 240 ASP B N   1 
ATOM   696  C CA  . ASP B 1 28 ? 6.812   0.003   -4.525  1.00 28.41  ? 240 ASP B CA  1 
ATOM   697  C C   . ASP B 1 28 ? 6.347   -0.003  -3.072  1.00 34.20  ? 240 ASP B C   1 
ATOM   698  O O   . ASP B 1 28 ? 5.854   -1.022  -2.575  1.00 31.69  ? 240 ASP B O   1 
ATOM   699  C CB  . ASP B 1 28 ? 8.318   -0.281  -4.598  1.00 43.97  ? 240 ASP B CB  1 
ATOM   700  C CG  . ASP B 1 28 ? 8.776   -0.719  -5.993  1.00 57.51  ? 240 ASP B CG  1 
ATOM   701  O OD1 . ASP B 1 28 ? 7.915   -0.937  -6.877  1.00 52.78  ? 240 ASP B OD1 1 
ATOM   702  O OD2 . ASP B 1 28 ? 10.004  -0.840  -6.203  1.00 58.88  ? 240 ASP B OD2 1 
ATOM   703  N N   . LYS B 1 29 ? 6.506   1.124   -2.380  1.00 27.43  ? 241 LYS B N   1 
ATOM   704  C CA  . LYS B 1 29 ? 6.074   1.178   -0.983  1.00 35.56  ? 241 LYS B CA  1 
ATOM   705  C C   . LYS B 1 29 ? 4.559   1.047   -0.856  1.00 29.67  ? 241 LYS B C   1 
ATOM   706  O O   . LYS B 1 29 ? 4.069   0.397   0.065   1.00 27.30  ? 241 LYS B O   1 
ATOM   707  C CB  . LYS B 1 29 ? 6.570   2.440   -0.277  1.00 35.90  ? 241 LYS B CB  1 
ATOM   708  C CG  . LYS B 1 29 ? 8.047   2.416   0.047   1.00 45.64  ? 241 LYS B CG  1 
ATOM   709  C CD  . LYS B 1 29 ? 8.503   3.765   0.576   1.00 57.68  ? 241 LYS B CD  1 
ATOM   710  C CE  . LYS B 1 29 ? 10.020  3.832   0.687   1.00 69.14  ? 241 LYS B CE  1 
ATOM   711  N NZ  . LYS B 1 29 ? 10.488  5.169   1.154   1.00 76.71  ? 241 LYS B NZ  1 
ATOM   712  N N   . VAL B 1 30 ? 3.816   1.664   -1.774  1.00 25.66  ? 242 VAL B N   1 
ATOM   713  C CA  . VAL B 1 30 ? 2.363   1.540   -1.735  1.00 27.64  ? 242 VAL B CA  1 
ATOM   714  C C   . VAL B 1 30 ? 1.936   0.095   -2.006  1.00 30.26  ? 242 VAL B C   1 
ATOM   715  O O   . VAL B 1 30 ? 0.971   -0.404  -1.416  1.00 30.38  ? 242 VAL B O   1 
ATOM   716  C CB  . VAL B 1 30 ? 1.666   2.487   -2.716  1.00 29.67  ? 242 VAL B CB  1 
ATOM   717  C CG1 . VAL B 1 30 ? 0.144   2.315   -2.619  1.00 22.78  ? 242 VAL B CG1 1 
ATOM   718  C CG2 . VAL B 1 30 ? 2.063   3.922   -2.432  1.00 28.49  ? 242 VAL B CG2 1 
ATOM   719  N N   . LEU B 1 31 ? 2.661   -0.576  -2.896  1.00 26.28  ? 243 LEU B N   1 
ATOM   720  C CA  . LEU B 1 31 ? 2.422   -1.997  -3.160  1.00 39.09  ? 243 LEU B CA  1 
ATOM   721  C C   . LEU B 1 31 ? 2.614   -2.863  -1.915  1.00 34.64  ? 243 LEU B C   1 
ATOM   722  O O   . LEU B 1 31 ? 1.853   -3.810  -1.669  1.00 34.90  ? 243 LEU B O   1 
ATOM   723  C CB  . LEU B 1 31 ? 3.326   -2.498  -4.289  1.00 42.57  ? 243 LEU B CB  1 
ATOM   724  C CG  . LEU B 1 31 ? 2.891   -2.137  -5.711  1.00 46.31  ? 243 LEU B CG  1 
ATOM   725  C CD1 . LEU B 1 31 ? 3.967   -2.512  -6.723  1.00 40.77  ? 243 LEU B CD1 1 
ATOM   726  C CD2 . LEU B 1 31 ? 1.581   -2.836  -6.037  1.00 42.39  ? 243 LEU B CD2 1 
ATOM   727  N N   . ALA B 1 32 ? 3.640   -2.554  -1.129  1.00 34.15  ? 244 ALA B N   1 
ATOM   728  C CA  . ALA B 1 32 ? 3.834   -3.267  0.136   1.00 42.01  ? 244 ALA B CA  1 
ATOM   729  C C   . ALA B 1 32 ? 2.679   -2.978  1.099   1.00 41.83  ? 244 ALA B C   1 
ATOM   730  O O   . ALA B 1 32 ? 2.251   -3.848  1.863   1.00 46.38  ? 244 ALA B O   1 
ATOM   731  C CB  . ALA B 1 32 ? 5.177   -2.903  0.761   1.00 37.24  ? 244 ALA B CB  1 
ATOM   732  N N   . GLN B 1 33 ? 2.165   -1.752  1.054   1.00 40.17  ? 245 GLN B N   1 
ATOM   733  C CA  . GLN B 1 33 ? 0.989   -1.399  1.840   1.00 36.70  ? 245 GLN B CA  1 
ATOM   734  C C   . GLN B 1 33 ? -0.158  -2.322  1.471   1.00 40.09  ? 245 GLN B C   1 
ATOM   735  O O   . GLN B 1 33 ? -0.865  -2.847  2.342   1.00 38.21  ? 245 GLN B O   1 
ATOM   736  C CB  . GLN B 1 33 ? 0.585   0.044   1.576   1.00 40.73  ? 245 GLN B CB  1 
ATOM   737  C CG  . GLN B 1 33 ? 0.666   0.936   2.783   1.00 44.89  ? 245 GLN B CG  1 
ATOM   738  C CD  . GLN B 1 33 ? 0.669   2.409   2.413   1.00 42.73  ? 245 GLN B CD  1 
ATOM   739  O OE1 . GLN B 1 33 ? 1.630   3.121   2.701   1.00 35.21  ? 245 GLN B OE1 1 
ATOM   740  N NE2 . GLN B 1 33 ? -0.413  2.879   1.787   1.00 30.12  ? 245 GLN B NE2 1 
ATOM   741  N N   . GLY B 1 34 ? -0.326  -2.529  0.169   1.00 35.78  ? 246 GLY B N   1 
ATOM   742  C CA  . GLY B 1 34 ? -1.394  -3.368  -0.343  1.00 41.83  ? 246 GLY B CA  1 
ATOM   743  C C   . GLY B 1 34 ? -1.315  -4.809  0.125   1.00 46.28  ? 246 GLY B C   1 
ATOM   744  O O   . GLY B 1 34 ? -2.346  -5.456  0.331   1.00 57.48  ? 246 GLY B O   1 
ATOM   745  N N   . SER B 1 35 ? -0.096  -5.319  0.298   1.00 41.18  ? 247 SER B N   1 
ATOM   746  C CA  . SER B 1 35 ? 0.073   -6.712  0.696   1.00 43.18  ? 247 SER B CA  1 
ATOM   747  C C   . SER B 1 35 ? -0.426  -6.960  2.121   1.00 46.48  ? 247 SER B C   1 
ATOM   748  O O   . SER B 1 35 ? -0.814  -8.072  2.457   1.00 57.40  ? 247 SER B O   1 
ATOM   749  C CB  . SER B 1 35 ? 1.524   -7.186  0.508   1.00 62.10  ? 247 SER B CB  1 
ATOM   750  O OG  . SER B 1 35 ? 2.396   -6.615  1.466   1.00 72.14  ? 247 SER B OG  1 
ATOM   751  N N   . MET B 1 36 ? -0.445  -5.930  2.962   1.00 44.58  ? 248 MET B N   1 
ATOM   752  C CA  . MET B 1 36 ? -1.045  -6.121  4.268   1.00 52.45  ? 248 MET B CA  1 
ATOM   753  C C   . MET B 1 36 ? -2.551  -5.879  4.300   1.00 47.03  ? 248 MET B C   1 
ATOM   754  O O   . MET B 1 36 ? -3.233  -6.370  5.204   1.00 47.47  ? 248 MET B O   1 
ATOM   755  C CB  . MET B 1 36 ? -0.286  -5.420  5.404   1.00 65.69  ? 248 MET B CB  1 
ATOM   756  C CG  . MET B 1 36 ? -0.241  -3.920  5.396   1.00 65.98  ? 248 MET B CG  1 
ATOM   757  S SD  . MET B 1 36 ? 0.601   -3.410  6.913   1.00 75.49  ? 248 MET B SD  1 
ATOM   758  C CE  . MET B 1 36 ? 1.912   -4.624  6.957   1.00 75.65  ? 248 MET B CE  1 
ATOM   759  N N   . VAL B 1 37 ? -3.082  -5.169  3.305   1.00 36.46  ? 249 VAL B N   1 
ATOM   760  C CA  . VAL B 1 37 ? -4.534  -5.120  3.153   1.00 37.59  ? 249 VAL B CA  1 
ATOM   761  C C   . VAL B 1 37 ? -4.997  -6.551  2.869   1.00 36.05  ? 249 VAL B C   1 
ATOM   762  O O   . VAL B 1 37 ? -6.049  -6.994  3.326   1.00 39.10  ? 249 VAL B O   1 
ATOM   763  C CB  . VAL B 1 37 ? -4.993  -4.188  2.002   1.00 41.54  ? 249 VAL B CB  1 
ATOM   764  C CG1 . VAL B 1 37 ? -6.496  -4.278  1.819   1.00 34.59  ? 249 VAL B CG1 1 
ATOM   765  C CG2 . VAL B 1 37 ? -4.585  -2.744  2.274   1.00 39.19  ? 249 VAL B CG2 1 
ATOM   766  N N   . THR B 1 38 ? -4.176  -7.267  2.114   1.00 40.69  ? 250 THR B N   1 
ATOM   767  C CA  . THR B 1 38 ? -4.439  -8.652  1.766   1.00 46.66  ? 250 THR B CA  1 
ATOM   768  C C   . THR B 1 38 ? -4.402  -9.520  3.015   1.00 48.47  ? 250 THR B C   1 
ATOM   769  O O   . THR B 1 38 ? -5.198  -10.445 3.158   1.00 50.34  ? 250 THR B O   1 
ATOM   770  C CB  . THR B 1 38 ? -3.403  -9.160  0.749   1.00 51.53  ? 250 THR B CB  1 
ATOM   771  O OG1 . THR B 1 38 ? -3.682  -8.585  -0.533  1.00 56.60  ? 250 THR B OG1 1 
ATOM   772  C CG2 . THR B 1 38 ? -3.440  -10.670 0.643   1.00 49.58  ? 250 THR B CG2 1 
ATOM   773  N N   . GLN B 1 39 ? -3.489  -9.212  3.927   1.00 41.79  ? 251 GLN B N   1 
ATOM   774  C CA  . GLN B 1 39 ? -3.465  -9.932  5.184   1.00 45.28  ? 251 GLN B CA  1 
ATOM   775  C C   . GLN B 1 39 ? -4.666  -9.546  6.058   1.00 48.65  ? 251 GLN B C   1 
ATOM   776  O O   . GLN B 1 39 ? -5.234  -10.390 6.747   1.00 46.55  ? 251 GLN B O   1 
ATOM   777  C CB  . GLN B 1 39 ? -2.164  -9.731  5.959   1.00 56.73  ? 251 GLN B CB  1 
ATOM   778  C CG  . GLN B 1 39 ? -2.250  -10.408 7.334   1.00 76.71  ? 251 GLN B CG  1 
ATOM   779  C CD  . GLN B 1 39 ? -0.928  -10.513 8.052   1.00 88.67  ? 251 GLN B CD  1 
ATOM   780  O OE1 . GLN B 1 39 ? 0.065   -9.908  7.647   1.00 94.41  ? 251 GLN B OE1 1 
ATOM   781  N NE2 . GLN B 1 39 ? -0.910  -11.285 9.133   1.00 97.75  ? 251 GLN B NE2 1 
ATOM   782  N N   . ILE B 1 40 ? -5.050  -8.274  6.027   1.00 43.85  ? 252 ILE B N   1 
ATOM   783  C CA  . ILE B 1 40 ? -6.218  -7.832  6.779   1.00 46.05  ? 252 ILE B CA  1 
ATOM   784  C C   . ILE B 1 40 ? -7.463  -8.603  6.345   1.00 43.39  ? 252 ILE B C   1 
ATOM   785  O O   . ILE B 1 40 ? -8.229  -9.088  7.180   1.00 47.77  ? 252 ILE B O   1 
ATOM   786  C CB  . ILE B 1 40 ? -6.450  -6.327  6.647   1.00 41.39  ? 252 ILE B CB  1 
ATOM   787  C CG1 . ILE B 1 40 ? -5.382  -5.554  7.426   1.00 36.97  ? 252 ILE B CG1 1 
ATOM   788  C CG2 . ILE B 1 40 ? -7.837  -5.961  7.156   1.00 33.31  ? 252 ILE B CG2 1 
ATOM   789  C CD1 . ILE B 1 40 ? -5.238  -4.089  6.978   1.00 39.11  ? 252 ILE B CD1 1 
ATOM   790  N N   . LYS B 1 41 ? -7.640  -8.739  5.037   1.00 41.56  ? 253 LYS B N   1 
ATOM   791  C CA  . LYS B 1 41 ? -8.727  -9.530  4.470   1.00 41.36  ? 253 LYS B CA  1 
ATOM   792  C C   . LYS B 1 41 ? -8.744  -10.975 5.004   1.00 49.02  ? 253 LYS B C   1 
ATOM   793  O O   . LYS B 1 41 ? -9.804  -11.511 5.336   1.00 46.29  ? 253 LYS B O   1 
ATOM   794  C CB  . LYS B 1 41 ? -8.624  -9.509  2.939   1.00 46.56  ? 253 LYS B CB  1 
ATOM   795  C CG  . LYS B 1 41 ? -9.562  -10.460 2.211   1.00 59.77  ? 253 LYS B CG  1 
ATOM   796  C CD  . LYS B 1 41 ? -11.034 -10.091 2.376   1.00 54.01  ? 253 LYS B CD  1 
ATOM   797  C CE  . LYS B 1 41 ? -11.849 -10.713 1.243   1.00 60.07  ? 253 LYS B CE  1 
ATOM   798  N NZ  . LYS B 1 41 ? -13.315 -10.498 1.352   1.00 60.28  ? 253 LYS B NZ  1 
ATOM   799  N N   . ASN B 1 42 ? -7.568  -11.596 5.084   1.00 51.33  ? 254 ASN B N   1 
ATOM   800  C CA  . ASN B 1 42 ? -7.434  -12.951 5.620   1.00 48.66  ? 254 ASN B CA  1 
ATOM   801  C C   . ASN B 1 42 ? -7.870  -13.040 7.074   1.00 48.05  ? 254 ASN B C   1 
ATOM   802  O O   . ASN B 1 42 ? -8.649  -13.913 7.452   1.00 49.55  ? 254 ASN B O   1 
ATOM   803  C CB  . ASN B 1 42 ? -5.988  -13.431 5.512   1.00 54.82  ? 254 ASN B CB  1 
ATOM   804  C CG  . ASN B 1 42 ? -5.551  -13.630 4.083   1.00 73.00  ? 254 ASN B CG  1 
ATOM   805  O OD1 . ASN B 1 42 ? -6.370  -13.585 3.165   1.00 76.87  ? 254 ASN B OD1 1 
ATOM   806  N ND2 . ASN B 1 42 ? -4.253  -13.859 3.882   1.00 74.31  ? 254 ASN B ND2 1 
ATOM   807  N N   . GLU B 1 43 ? -7.339  -12.132 7.884   1.00 48.08  ? 255 GLU B N   1 
ATOM   808  C CA  . GLU B 1 43 ? -7.696  -12.051 9.285   1.00 43.18  ? 255 GLU B CA  1 
ATOM   809  C C   . GLU B 1 43 ? -9.207  -11.922 9.462   1.00 44.87  ? 255 GLU B C   1 
ATOM   810  O O   . GLU B 1 43 ? -9.759  -12.448 10.424  1.00 39.80  ? 255 GLU B O   1 
ATOM   811  C CB  . GLU B 1 43 ? -6.970  -10.885 9.962   1.00 45.58  ? 255 GLU B CB  1 
ATOM   812  C CG  . GLU B 1 43 ? -5.477  -11.131 10.227  1.00 52.70  ? 255 GLU B CG  1 
ATOM   813  C CD  . GLU B 1 43 ? -4.794  -9.936  10.877  1.00 62.26  ? 255 GLU B CD  1 
ATOM   814  O OE1 . GLU B 1 43 ? -5.386  -8.840  10.879  1.00 70.68  ? 255 GLU B OE1 1 
ATOM   815  O OE2 . GLU B 1 43 ? -3.664  -10.085 11.387  1.00 74.68  ? 255 GLU B OE2 1 
ATOM   816  N N   . LEU B 1 44 ? -9.878  -11.230 8.540   1.00 46.02  ? 256 LEU B N   1 
ATOM   817  C CA  . LEU B 1 44 ? -11.334 -11.069 8.642   1.00 37.60  ? 256 LEU B CA  1 
ATOM   818  C C   . LEU B 1 44 ? -12.047 -12.408 8.500   1.00 41.87  ? 256 LEU B C   1 
ATOM   819  O O   . LEU B 1 44 ? -12.948 -12.726 9.279   1.00 43.34  ? 256 LEU B O   1 
ATOM   820  C CB  . LEU B 1 44 ? -11.878 -10.091 7.606   1.00 29.44  ? 256 LEU B CB  1 
ATOM   821  C CG  . LEU B 1 44 ? -11.569 -8.609  7.795   1.00 42.78  ? 256 LEU B CG  1 
ATOM   822  C CD1 . LEU B 1 44 ? -11.994 -7.804  6.572   1.00 37.92  ? 256 LEU B CD1 1 
ATOM   823  C CD2 . LEU B 1 44 ? -12.269 -8.100  9.028   1.00 33.05  ? 256 LEU B CD2 1 
ATOM   824  N N   . SER B 1 45 ? -11.642 -13.175 7.492   1.00 39.44  ? 257 SER B N   1 
ATOM   825  C CA  . SER B 1 45 ? -12.166 -14.516 7.277   1.00 37.04  ? 257 SER B CA  1 
ATOM   826  C C   . SER B 1 45 ? -12.012 -15.377 8.535   1.00 38.98  ? 257 SER B C   1 
ATOM   827  O O   . SER B 1 45 ? -12.908 -16.141 8.894   1.00 44.05  ? 257 SER B O   1 
ATOM   828  C CB  . SER B 1 45 ? -11.453 -15.168 6.086   1.00 51.04  ? 257 SER B CB  1 
ATOM   829  O OG  . SER B 1 45 ? -11.792 -16.543 5.949   1.00 64.44  ? 257 SER B OG  1 
ATOM   830  N N   . THR B 1 46 ? -10.871 -15.250 9.202   1.00 42.32  ? 258 THR B N   1 
ATOM   831  C CA  . THR B 1 46 ? -10.602 -16.065 10.375  1.00 39.74  ? 258 THR B CA  1 
ATOM   832  C C   . THR B 1 46 ? -11.498 -15.616 11.513  1.00 45.22  ? 258 THR B C   1 
ATOM   833  O O   . THR B 1 46 ? -12.068 -16.445 12.228  1.00 41.77  ? 258 THR B O   1 
ATOM   834  C CB  . THR B 1 46 ? -9.137  -15.958 10.814  1.00 41.41  ? 258 THR B CB  1 
ATOM   835  O OG1 . THR B 1 46 ? -8.286  -16.310 9.719   1.00 50.37  ? 258 THR B OG1 1 
ATOM   836  C CG2 . THR B 1 46 ? -8.851  -16.887 12.004  1.00 43.01  ? 258 THR B CG2 1 
ATOM   837  N N   . VAL B 1 47 ? -11.627 -14.305 11.687  1.00 27.86  ? 259 VAL B N   1 
ATOM   838  C CA  . VAL B 1 47 ? -12.464 -13.804 12.765  1.00 25.58  ? 259 VAL B CA  1 
ATOM   839  C C   . VAL B 1 47 ? -13.902 -14.303 12.614  1.00 31.10  ? 259 VAL B C   1 
ATOM   840  O O   . VAL B 1 47 ? -14.537 -14.666 13.593  1.00 27.21  ? 259 VAL B O   1 
ATOM   841  C CB  . VAL B 1 47 ? -12.462 -12.277 12.876  1.00 32.63  ? 259 VAL B CB  1 
ATOM   842  C CG1 . VAL B 1 47 ? -13.492 -11.845 13.917  1.00 25.98  ? 259 VAL B CG1 1 
ATOM   843  C CG2 . VAL B 1 47 ? -11.073 -11.783 13.269  1.00 31.82  ? 259 VAL B CG2 1 
ATOM   844  N N   . LYS B 1 48 ? -14.406 -14.319 11.386  1.00 33.41  ? 260 LYS B N   1 
ATOM   845  C CA  . LYS B 1 48 ? -15.759 -14.798 11.137  1.00 33.42  ? 260 LYS B CA  1 
ATOM   846  C C   . LYS B 1 48 ? -15.907 -16.259 11.547  1.00 34.24  ? 260 LYS B C   1 
ATOM   847  O O   . LYS B 1 48 ? -16.944 -16.655 12.068  1.00 35.16  ? 260 LYS B O   1 
ATOM   848  C CB  . LYS B 1 48 ? -16.129 -14.639 9.659   1.00 29.86  ? 260 LYS B CB  1 
ATOM   849  C CG  . LYS B 1 48 ? -16.613 -13.249 9.289   1.00 40.01  ? 260 LYS B CG  1 
ATOM   850  C CD  . LYS B 1 48 ? -16.631 -13.051 7.756   1.00 53.18  ? 260 LYS B CD  1 
ATOM   851  C CE  . LYS B 1 48 ? -17.606 -14.005 7.059   1.00 57.10  ? 260 LYS B CE  1 
ATOM   852  N NZ  . LYS B 1 48 ? -17.780 -13.706 5.603   1.00 60.40  ? 260 LYS B NZ  1 
ATOM   853  N N   . THR B 1 49 ? -14.878 -17.060 11.298  1.00 25.65  ? 261 THR B N   1 
ATOM   854  C CA  . THR B 1 49 ? -14.962 -18.478 11.614  1.00 38.94  ? 261 THR B CA  1 
ATOM   855  C C   . THR B 1 49 ? -14.999 -18.666 13.125  1.00 29.49  ? 261 THR B C   1 
ATOM   856  O O   . THR B 1 49 ? -15.770 -19.465 13.648  1.00 23.86  ? 261 THR B O   1 
ATOM   857  C CB  . THR B 1 49 ? -13.802 -19.264 10.995  1.00 36.52  ? 261 THR B CB  1 
ATOM   858  O OG1 . THR B 1 49 ? -14.021 -19.380 9.593   1.00 51.56  ? 261 THR B OG1 1 
ATOM   859  C CG2 . THR B 1 49 ? -13.724 -20.657 11.583  1.00 35.61  ? 261 THR B CG2 1 
ATOM   860  N N   . THR B 1 50 ? -14.179 -17.894 13.821  1.00 21.50  ? 262 THR B N   1 
ATOM   861  C CA  . THR B 1 50 ? -14.165 -17.919 15.272  1.00 23.51  ? 262 THR B CA  1 
ATOM   862  C C   . THR B 1 50 ? -15.519 -17.486 15.860  1.00 29.64  ? 262 THR B C   1 
ATOM   863  O O   . THR B 1 50 ? -16.014 -18.118 16.793  1.00 30.43  ? 262 THR B O   1 
ATOM   864  C CB  . THR B 1 50 ? -13.036 -17.028 15.822  1.00 26.92  ? 262 THR B CB  1 
ATOM   865  O OG1 . THR B 1 50 ? -11.786 -17.440 15.254  1.00 31.59  ? 262 THR B OG1 1 
ATOM   866  C CG2 . THR B 1 50 ? -12.966 -17.122 17.353  1.00 25.13  ? 262 THR B CG2 1 
ATOM   867  N N   . LEU B 1 51 ? -16.125 -16.427 15.315  1.00 28.33  ? 263 LEU B N   1 
ATOM   868  C CA  . LEU B 1 51 ? -17.432 -15.982 15.826  1.00 28.06  ? 263 LEU B CA  1 
ATOM   869  C C   . LEU B 1 51 ? -18.483 -17.054 15.642  1.00 22.43  ? 263 LEU B C   1 
ATOM   870  O O   . LEU B 1 51 ? -19.335 -17.256 16.512  1.00 25.78  ? 263 LEU B O   1 
ATOM   871  C CB  . LEU B 1 51 ? -17.919 -14.716 15.117  1.00 29.01  ? 263 LEU B CB  1 
ATOM   872  C CG  . LEU B 1 51 ? -17.343 -13.372 15.544  1.00 37.99  ? 263 LEU B CG  1 
ATOM   873  C CD1 . LEU B 1 51 ? -17.827 -12.292 14.586  1.00 40.61  ? 263 LEU B CD1 1 
ATOM   874  C CD2 . LEU B 1 51 ? -17.728 -13.054 16.986  1.00 33.96  ? 263 LEU B CD2 1 
ATOM   875  N N   . ALA B 1 52 ? -18.433 -17.725 14.490  1.00 22.30  ? 264 ALA B N   1 
ATOM   876  C CA  . ALA B 1 52 ? -19.401 -18.770 14.183  1.00 20.44  ? 264 ALA B CA  1 
ATOM   877  C C   . ALA B 1 52 ? -19.270 -19.945 15.159  1.00 20.18  ? 264 ALA B C   1 
ATOM   878  O O   . ALA B 1 52 ? -20.262 -20.565 15.522  1.00 27.87  ? 264 ALA B O   1 
ATOM   879  C CB  . ALA B 1 52 ? -19.239 -19.243 12.752  1.00 22.60  ? 264 ALA B CB  1 
ATOM   880  N N   . THR B 1 53 ? -18.048 -20.257 15.573  1.00 21.08  ? 265 THR B N   1 
ATOM   881  C CA  . THR B 1 53 ? -17.849 -21.342 16.521  1.00 24.88  ? 265 THR B CA  1 
ATOM   882  C C   . THR B 1 53 ? -18.424 -20.927 17.876  1.00 27.75  ? 265 THR B C   1 
ATOM   883  O O   . THR B 1 53 ? -19.198 -21.660 18.482  1.00 26.29  ? 265 THR B O   1 
ATOM   884  C CB  . THR B 1 53 ? -16.364 -21.720 16.655  1.00 27.05  ? 265 THR B CB  1 
ATOM   885  O OG1 . THR B 1 53 ? -15.907 -22.272 15.416  1.00 28.54  ? 265 THR B OG1 1 
ATOM   886  C CG2 . THR B 1 53 ? -16.159 -22.766 17.776  1.00 16.55  ? 265 THR B CG2 1 
ATOM   887  N N   . ILE B 1 54 ? -18.073 -19.726 18.321  1.00 26.73  ? 266 ILE B N   1 
ATOM   888  C CA  . ILE B 1 54 ? -18.617 -19.182 19.561  1.00 28.28  ? 266 ILE B CA  1 
ATOM   889  C C   . ILE B 1 54 ? -20.150 -19.135 19.529  1.00 25.55  ? 266 ILE B C   1 
ATOM   890  O O   . ILE B 1 54 ? -20.796 -19.435 20.523  1.00 22.67  ? 266 ILE B O   1 
ATOM   891  C CB  . ILE B 1 54 ? -18.022 -17.793 19.893  1.00 27.36  ? 266 ILE B CB  1 
ATOM   892  C CG1 . ILE B 1 54 ? -16.498 -17.909 20.035  1.00 26.90  ? 266 ILE B CG1 1 
ATOM   893  C CG2 . ILE B 1 54 ? -18.625 -17.267 21.209  1.00 24.40  ? 266 ILE B CG2 1 
ATOM   894  C CD1 . ILE B 1 54 ? -15.773 -16.593 20.151  1.00 25.15  ? 266 ILE B CD1 1 
ATOM   895  N N   . GLU B 1 55 ? -20.722 -18.789 18.377  1.00 23.60  ? 267 GLU B N   1 
ATOM   896  C CA  . GLU B 1 55 ? -22.173 -18.820 18.213  1.00 25.62  ? 267 GLU B CA  1 
ATOM   897  C C   . GLU B 1 55 ? -22.753 -20.224 18.368  1.00 26.91  ? 267 GLU B C   1 
ATOM   898  O O   . GLU B 1 55 ? -23.767 -20.396 19.034  1.00 25.26  ? 267 GLU B O   1 
ATOM   899  C CB  . GLU B 1 55 ? -22.600 -18.174 16.890  1.00 20.50  ? 267 GLU B CB  1 
ATOM   900  C CG  . GLU B 1 55 ? -22.539 -16.660 16.963  1.00 27.35  ? 267 GLU B CG  1 
ATOM   901  C CD  . GLU B 1 55 ? -22.656 -15.974 15.608  1.00 38.63  ? 267 GLU B CD  1 
ATOM   902  O OE1 . GLU B 1 55 ? -22.551 -16.661 14.574  1.00 39.07  ? 267 GLU B OE1 1 
ATOM   903  O OE2 . GLU B 1 55 ? -22.851 -14.738 15.590  1.00 38.37  ? 267 GLU B OE2 1 
ATOM   904  N N   . GLY B 1 56 ? -22.108 -21.216 17.763  1.00 24.58  ? 268 GLY B N   1 
ATOM   905  C CA  . GLY B 1 56 ? -22.498 -22.605 17.966  1.00 27.57  ? 268 GLY B CA  1 
ATOM   906  C C   . GLY B 1 56 ? -22.457 -22.985 19.444  1.00 27.67  ? 268 GLY B C   1 
ATOM   907  O O   . GLY B 1 56 ? -23.371 -23.629 19.954  1.00 26.64  ? 268 GLY B O   1 
ATOM   908  N N   . MET B 1 57 ? -21.399 -22.573 20.134  1.00 26.62  ? 269 MET B N   1 
ATOM   909  C CA  . MET B 1 57 ? -21.282 -22.806 21.568  1.00 26.22  ? 269 MET B CA  1 
ATOM   910  C C   . MET B 1 57 ? -22.467 -22.203 22.312  1.00 32.70  ? 269 MET B C   1 
ATOM   911  O O   . MET B 1 57 ? -23.116 -22.880 23.116  1.00 29.35  ? 269 MET B O   1 
ATOM   912  C CB  . MET B 1 57 ? -19.981 -22.208 22.118  1.00 29.08  ? 269 MET B CB  1 
ATOM   913  C CG  . MET B 1 57 ? -18.713 -22.936 21.690  1.00 24.05  ? 269 MET B CG  1 
ATOM   914  S SD  . MET B 1 57 ? -17.210 -22.131 22.285  1.00 31.94  ? 269 MET B SD  1 
ATOM   915  C CE  . MET B 1 57 ? -16.051 -23.493 22.225  1.00 38.25  ? 269 MET B CE  1 
ATOM   916  N N   . MET B 1 58 ? -22.750 -20.930 22.047  1.00 24.23  ? 270 MET B N   1 
ATOM   917  C CA  . MET B 1 58 ? -23.805 -20.232 22.778  1.00 28.25  ? 270 MET B CA  1 
ATOM   918  C C   . MET B 1 58 ? -25.187 -20.805 22.495  1.00 32.29  ? 270 MET B C   1 
ATOM   919  O O   . MET B 1 58 ? -26.090 -20.691 23.320  1.00 35.09  ? 270 MET B O   1 
ATOM   920  C CB  . MET B 1 58 ? -23.773 -18.730 22.482  1.00 32.95  ? 270 MET B CB  1 
ATOM   921  C CG  . MET B 1 58 ? -22.547 -18.034 23.031  1.00 27.56  ? 270 MET B CG  1 
ATOM   922  S SD  . MET B 1 58 ? -22.353 -18.408 24.790  1.00 36.35  ? 270 MET B SD  1 
ATOM   923  C CE  . MET B 1 58 ? -23.891 -17.763 25.449  1.00 46.12  ? 270 MET B CE  1 
ATOM   924  N N   . ALA B 1 59 ? -25.346 -21.427 21.331  1.00 34.66  ? 271 ALA B N   1 
ATOM   925  C CA  . ALA B 1 59 ? -26.643 -21.952 20.923  1.00 45.10  ? 271 ALA B CA  1 
ATOM   926  C C   . ALA B 1 59 ? -26.976 -23.231 21.675  1.00 40.49  ? 271 ALA B C   1 
ATOM   927  O O   . ALA B 1 59 ? -28.135 -23.612 21.772  1.00 32.84  ? 271 ALA B O   1 
ATOM   928  C CB  . ALA B 1 59 ? -26.670 -22.204 19.414  1.00 42.71  ? 271 ALA B CB  1 
ATOM   929  N N   . THR B 1 60 ? -25.938 -23.894 22.175  1.00 37.01  ? 272 THR B N   1 
ATOM   930  C CA  . THR B 1 60 ? -26.077 -25.146 22.900  1.00 51.56  ? 272 THR B CA  1 
ATOM   931  C C   . THR B 1 60 ? -25.594 -24.958 24.339  1.00 57.58  ? 272 THR B C   1 
ATOM   932  O O   . THR B 1 60 ? -24.892 -25.808 24.891  1.00 47.17  ? 272 THR B O   1 
ATOM   933  C CB  . THR B 1 60 ? -25.254 -26.268 22.228  1.00 45.05  ? 272 THR B CB  1 
ATOM   934  O OG1 . THR B 1 60 ? -23.924 -25.800 21.997  1.00 38.58  ? 272 THR B OG1 1 
ATOM   935  C CG2 . THR B 1 60 ? -25.875 -26.680 20.892  1.00 41.28  ? 272 THR B CG2 1 
ATOM   936  N N   . VAL B 1 61 ? -25.979 -23.831 24.930  1.00 69.34  ? 273 VAL B N   1 
ATOM   937  C CA  . VAL B 1 61 ? -25.605 -23.495 26.297  1.00 70.43  ? 273 VAL B CA  1 
ATOM   938  C C   . VAL B 1 61 ? -24.170 -23.006 26.360  1.00 63.52  ? 273 VAL B C   1 
ATOM   939  O O   . VAL B 1 61 ? -23.910 -21.899 26.828  1.00 63.53  ? 273 VAL B O   1 
ATOM   940  C CB  . VAL B 1 61 ? -25.786 -24.689 27.253  1.00 62.68  ? 273 VAL B CB  1 
ATOM   941  C CG1 . VAL B 1 61 ? -24.683 -24.703 28.290  1.00 54.30  ? 273 VAL B CG1 1 
ATOM   942  C CG2 . VAL B 1 61 ? -27.152 -24.642 27.899  1.00 72.81  ? 273 VAL B CG2 1 
HETATM 943  C C1  . GOL C 2 .  ? -6.239  -31.990 36.195  1.00 66.13  ? 301 GOL A C1  1 
HETATM 944  O O1  . GOL C 2 .  ? -7.254  -31.841 37.160  1.00 66.62  ? 301 GOL A O1  1 
HETATM 945  C C2  . GOL C 2 .  ? -6.312  -30.857 35.171  1.00 70.14  ? 301 GOL A C2  1 
HETATM 946  O O2  . GOL C 2 .  ? -5.023  -30.343 34.911  1.00 64.34  ? 301 GOL A O2  1 
HETATM 947  C C3  . GOL C 2 .  ? -7.237  -29.741 35.649  1.00 65.14  ? 301 GOL A C3  1 
HETATM 948  O O3  . GOL C 2 .  ? -8.524  -29.956 35.114  1.00 61.27  ? 301 GOL A O3  1 
HETATM 949  O O   . HOH D 3 .  ? 4.557   10.471  2.321   1.00 39.73  ? 401 HOH A O   1 
HETATM 950  O O   . HOH D 3 .  ? 11.395  20.414  -15.819 1.00 34.90  ? 402 HOH A O   1 
HETATM 951  O O   . HOH D 3 .  ? 7.290   25.489  -21.220 1.00 37.58  ? 403 HOH A O   1 
HETATM 952  O O   . HOH D 3 .  ? -10.285 -15.165 15.630  1.00 37.85  ? 404 HOH A O   1 
HETATM 953  O O   . HOH D 3 .  ? -4.173  -15.095 16.516  1.00 40.45  ? 405 HOH A O   1 
HETATM 954  O O   . HOH D 3 .  ? -4.084  -3.592  18.972  1.00 47.88  ? 406 HOH A O   1 
HETATM 955  O O   . HOH D 3 .  ? 3.103   21.847  -6.802  1.00 53.43  ? 407 HOH A O   1 
HETATM 956  O O   . HOH D 3 .  ? 13.957  17.673  -11.426 1.00 45.74  ? 408 HOH A O   1 
HETATM 957  O O   . HOH D 3 .  ? 1.687   20.262  -17.185 1.00 54.56  ? 409 HOH A O   1 
HETATM 958  O O   . HOH D 3 .  ? 11.901  18.667  -12.398 1.00 49.78  ? 410 HOH A O   1 
HETATM 959  O O   . HOH D 3 .  ? 5.154   8.570   4.334   1.00 49.57  ? 411 HOH A O   1 
HETATM 960  O O   . HOH D 3 .  ? -9.169  -1.086  17.395  1.00 49.76  ? 412 HOH A O   1 
HETATM 961  O O   . HOH D 3 .  ? 15.809  27.521  -26.858 1.00 47.61  ? 413 HOH A O   1 
HETATM 962  O O   . HOH D 3 .  ? 5.291   23.439  -18.063 1.00 51.90  ? 414 HOH A O   1 
HETATM 963  O O   . HOH D 3 .  ? 1.420   -0.355  5.982   1.00 51.17  ? 415 HOH A O   1 
HETATM 964  O O   . HOH D 3 .  ? 2.276   7.996   7.820   1.00 49.97  ? 416 HOH A O   1 
HETATM 965  O O   . HOH D 3 .  ? 3.238   22.978  -16.607 1.00 60.01  ? 417 HOH A O   1 
HETATM 966  O O   . HOH D 3 .  ? 5.392   23.513  -20.701 1.00 49.47  ? 418 HOH A O   1 
HETATM 967  O O   . HOH D 3 .  ? -11.660 -23.722 16.679  0.33 24.55  ? 419 HOH A O   1 
HETATM 968  O O   . HOH D 3 .  ? -15.241 -28.318 24.852  0.33 27.67  ? 420 HOH A O   1 
HETATM 969  O O   . HOH D 3 .  ? -0.083  -0.079  15.290  1.00 51.72  ? 421 HOH A O   1 
HETATM 970  O O   . HOH D 3 .  ? 0.330   -36.462 32.090  1.00 62.43  ? 422 HOH A O   1 
HETATM 971  O O   . HOH D 3 .  ? -14.818 -21.349 31.157  1.00 58.38  ? 423 HOH A O   1 
HETATM 972  O O   . HOH D 3 .  ? -18.139 -32.038 31.466  0.33 48.63  ? 424 HOH A O   1 
HETATM 973  O O   . HOH D 3 .  ? 1.811   23.288  -4.810  1.00 55.77  ? 425 HOH A O   1 
HETATM 974  O O   . HOH D 3 .  ? -2.510  -10.570 17.832  1.00 49.67  ? 426 HOH A O   1 
HETATM 975  O O   . HOH E 3 .  ? -1.362  -1.109  -2.968  1.00 30.94  ? 301 HOH B O   1 
HETATM 976  O O   . HOH E 3 .  ? 18.694  10.637  -14.641 1.00 49.81  ? 302 HOH B O   1 
HETATM 977  O O   . HOH E 3 .  ? 4.961   0.097   2.713   1.00 36.95  ? 303 HOH B O   1 
HETATM 978  O O   . HOH E 3 .  ? 14.496  15.131  -11.299 1.00 26.21  ? 304 HOH B O   1 
HETATM 979  O O   . HOH E 3 .  ? -19.515 -15.970 11.107  1.00 45.79  ? 305 HOH B O   1 
HETATM 980  O O   . HOH E 3 .  ? -23.222 -19.558 13.670  1.00 51.94  ? 306 HOH B O   1 
HETATM 981  O O   . HOH E 3 .  ? -13.043 -22.057 15.387  1.00 28.73  ? 307 HOH B O   1 
HETATM 982  O O   . HOH E 3 .  ? 22.597  21.040  -21.343 1.00 51.89  ? 308 HOH B O   1 
HETATM 983  O O   . HOH E 3 .  ? -7.071  -12.487 0.651   1.00 42.79  ? 309 HOH B O   1 
HETATM 984  O O   . HOH E 3 .  ? 3.628   2.361   3.963   1.00 42.15  ? 310 HOH B O   1 
HETATM 985  O O   . HOH E 3 .  ? 10.562  1.529   -2.296  1.00 37.89  ? 311 HOH B O   1 
HETATM 986  O O   . HOH E 3 .  ? 18.302  25.961  -27.118 1.00 48.33  ? 312 HOH B O   1 
HETATM 987  O O   . HOH E 3 .  ? 4.100   -4.710  4.021   1.00 50.99  ? 313 HOH B O   1 
HETATM 988  O O   . HOH E 3 .  ? -21.686 -25.161 24.010  1.00 38.80  ? 314 HOH B O   1 
HETATM 989  O O   . HOH E 3 .  ? -22.354 -27.169 26.235  1.00 35.91  ? 315 HOH B O   1 
HETATM 990  O O   . HOH E 3 .  ? -11.414 -20.249 14.818  1.00 48.12  ? 316 HOH B O   1 
HETATM 991  O O   . HOH E 3 .  ? -21.846 -26.959 22.347  1.00 31.41  ? 317 HOH B O   1 
HETATM 992  O O   . HOH E 3 .  ? 14.293  5.711   -14.602 1.00 37.63  ? 318 HOH B O   1 
HETATM 993  O O   . HOH E 3 .  ? -19.534 -13.391 11.227  1.00 52.18  ? 319 HOH B O   1 
HETATM 994  O O   . HOH E 3 .  ? 4.674   -6.286  6.090   1.00 60.24  ? 320 HOH B O   1 
HETATM 995  O O   . HOH E 3 .  ? 1.642   -7.888  7.061   1.00 70.13  ? 321 HOH B O   1 
HETATM 996  O O   . HOH E 3 .  ? 3.306   -8.895  3.892   1.00 57.07  ? 322 HOH B O   1 
HETATM 997  O O   . HOH E 3 .  ? -22.150 -16.954 11.989  1.00 58.36  ? 323 HOH B O   1 
HETATM 998  O O   . HOH E 3 .  ? 24.081  15.089  -23.146 1.00 54.11  ? 324 HOH B O   1 
HETATM 999  O O   . HOH E 3 .  ? -3.019  1.112   0.835   1.00 29.59  ? 325 HOH B O   1 
HETATM 1000 O O   . HOH E 3 .  ? -3.393  -0.486  -1.493  0.50 20.16  ? 326 HOH B O   1 
HETATM 1001 O O   . HOH E 3 .  ? 7.666   -0.804  -13.452 1.00 68.80  ? 327 HOH B O   1 
HETATM 1002 O O   . HOH E 3 .  ? -9.771  -21.297 12.367  0.33 40.31  ? 328 HOH B O   1 
HETATM 1003 O O   . HOH E 3 .  ? -27.465 -22.852 15.654  1.00 68.32  ? 329 HOH B O   1 
HETATM 1004 O O   . HOH E 3 .  ? -26.121 -20.453 15.592  1.00 58.77  ? 330 HOH B O   1 
HETATM 1005 O O   . HOH E 3 .  ? -4.058  3.176   0.276   0.50 57.63  ? 331 HOH B O   1 
HETATM 1006 O O   . HOH E 3 .  ? 0.450   -10.155 3.247   1.00 36.33  ? 332 HOH B O   1 
# 
loop_
_atom_site_anisotrop.id 
_atom_site_anisotrop.type_symbol 
_atom_site_anisotrop.pdbx_label_atom_id 
_atom_site_anisotrop.pdbx_label_alt_id 
_atom_site_anisotrop.pdbx_label_comp_id 
_atom_site_anisotrop.pdbx_label_asym_id 
_atom_site_anisotrop.pdbx_label_seq_id 
_atom_site_anisotrop.pdbx_PDB_ins_code 
_atom_site_anisotrop.U[1][1] 
_atom_site_anisotrop.U[2][2] 
_atom_site_anisotrop.U[3][3] 
_atom_site_anisotrop.U[1][2] 
_atom_site_anisotrop.U[1][3] 
_atom_site_anisotrop.U[2][3] 
_atom_site_anisotrop.pdbx_auth_seq_id 
_atom_site_anisotrop.pdbx_auth_comp_id 
_atom_site_anisotrop.pdbx_auth_asym_id 
_atom_site_anisotrop.pdbx_auth_atom_id 
1   N N   . VAL A 3  ? 1.0672 1.2430 0.6430 0.0602  -0.2910 0.1647  215 VAL A N   
2   C CA  . VAL A 3  ? 1.0079 1.1522 0.6253 -0.0119 -0.2597 0.1448  215 VAL A CA  
3   C C   . VAL A 3  ? 1.0302 1.1626 0.6982 0.0022  -0.2388 0.1288  215 VAL A C   
4   O O   . VAL A 3  ? 1.0729 1.1566 0.7179 0.0650  -0.2351 0.1427  215 VAL A O   
5   C CB  . VAL A 3  ? 1.0464 1.0523 0.6019 -0.0495 -0.2286 0.1628  215 VAL A CB  
6   C CG1 . VAL A 3  ? 1.2126 1.0796 0.6924 0.0022  -0.2082 0.1927  215 VAL A CG1 
7   C CG2 . VAL A 3  ? 0.8832 0.8657 0.4812 -0.1122 -0.1971 0.1375  215 VAL A CG2 
8   N N   . ILE A 4  ? 0.9419 1.1132 0.6715 -0.0543 -0.2247 0.0994  216 ILE A N   
9   C CA  . ILE A 4  ? 0.8499 1.0189 0.6341 -0.0493 -0.2046 0.0802  216 ILE A CA  
10  C C   . ILE A 4  ? 0.7569 0.7829 0.5094 -0.0610 -0.1619 0.0883  216 ILE A C   
11  O O   . ILE A 4  ? 0.7564 0.7100 0.4662 -0.0990 -0.1447 0.0953  216 ILE A O   
12  C CB  . ILE A 4  ? 0.7621 1.0288 0.6172 -0.1041 -0.2057 0.0436  216 ILE A CB  
13  C CG1 . ILE A 4  ? 0.7444 1.0546 0.6655 -0.0831 -0.1993 0.0224  216 ILE A CG1 
14  C CG2 . ILE A 4  ? 0.7367 0.9418 0.5778 -0.1679 -0.1798 0.0347  216 ILE A CG2 
15  C CD1 . ILE A 4  ? 0.7022 1.0996 0.6843 -0.1312 -0.1933 -0.0126 216 ILE A CD1 
16  N N   . SER A 5  ? 0.5921 0.5804 0.3640 -0.0294 -0.1435 0.0845  217 SER A N   
17  C CA  . SER A 5  ? 0.6799 0.5397 0.4237 -0.0456 -0.0990 0.0857  217 SER A CA  
18  C C   . SER A 5  ? 0.5648 0.4544 0.3780 -0.0929 -0.0775 0.0505  217 SER A C   
19  O O   . SER A 5  ? 0.5243 0.5155 0.4046 -0.0956 -0.0938 0.0296  217 SER A O   
20  C CB  . SER A 5  ? 0.6742 0.4436 0.3748 0.0176  -0.0842 0.1050  217 SER A CB  
21  O OG  . SER A 5  ? 0.6503 0.4783 0.4146 0.0454  -0.0878 0.0883  217 SER A OG  
22  N N   . ALA A 6  ? 0.5093 0.3129 0.3025 -0.1306 -0.0399 0.0415  218 ALA A N   
23  C CA  . ALA A 6  ? 0.4757 0.2962 0.3251 -0.1680 -0.0157 0.0068  218 ALA A CA  
24  C C   . ALA A 6  ? 0.4781 0.3237 0.3813 -0.1349 -0.0115 -0.0041 218 ALA A C   
25  O O   . ALA A 6  ? 0.4528 0.3710 0.4214 -0.1518 -0.0141 -0.0311 218 ALA A O   
26  C CB  . ALA A 6  ? 0.5519 0.2717 0.3632 -0.2018 0.0271  -0.0022 218 ALA A CB  
27  N N   . ASN A 7  ? 0.4627 0.2393 0.3305 -0.0858 -0.0033 0.0171  219 ASN A N   
28  C CA  . ASN A 7  ? 0.5302 0.3230 0.4425 -0.0497 0.0013  0.0083  219 ASN A CA  
29  C C   . ASN A 7  ? 0.4520 0.3804 0.4257 -0.0255 -0.0398 0.0014  219 ASN A C   
30  O O   . ASN A 7  ? 0.3769 0.3622 0.4173 -0.0252 -0.0380 -0.0214 219 ASN A O   
31  C CB  . ASN A 7  ? 0.6045 0.2828 0.4486 0.0037  0.0194  0.0342  219 ASN A CB  
32  C CG  . ASN A 7  ? 0.8652 0.4111 0.6633 -0.0286 0.0727  0.0280  219 ASN A CG  
33  O OD1 . ASN A 7  ? 0.8583 0.4114 0.7059 -0.0669 0.0996  -0.0031 219 ASN A OD1 
34  N ND2 . ASN A 7  ? 0.8947 0.3194 0.5939 -0.0147 0.0904  0.0547  219 ASN A ND2 
35  N N   . GLU A 8  ? 0.4668 0.4502 0.4173 -0.0072 -0.0753 0.0182  220 GLU A N   
36  C CA  . GLU A 8  ? 0.4506 0.5745 0.4575 0.0087  -0.1125 0.0054  220 GLU A CA  
37  C C   . GLU A 8  ? 0.4106 0.6121 0.4767 -0.0543 -0.1115 -0.0271 220 GLU A C   
38  O O   . GLU A 8  ? 0.3030 0.5924 0.4326 -0.0547 -0.1198 -0.0506 220 GLU A O   
39  C CB  . GLU A 8  ? 0.5236 0.6968 0.4908 0.0390  -0.1491 0.0257  220 GLU A CB  
40  C CG  . GLU A 8  ? 0.7926 1.1267 0.8174 0.0531  -0.1866 0.0060  220 GLU A CG  
41  C CD  . GLU A 8  ? 1.0246 1.4053 1.0888 0.1130  -0.1942 -0.0021 220 GLU A CD  
42  O OE1 . GLU A 8  ? 1.1399 1.4403 1.2102 0.1250  -0.1658 -0.0015 220 GLU A OE1 
43  O OE2 . GLU A 8  ? 1.0142 1.5191 1.1039 0.1475  -0.2283 -0.0123 220 GLU A OE2 
44  N N   . ILE A 9  ? 0.3746 0.2521 0.4691 -0.0767 -0.0676 0.1319  221 ILE A N   
45  C CA  . ILE A 9  ? 0.3718 0.2767 0.4295 -0.0660 -0.0551 0.1075  221 ILE A CA  
46  C C   . ILE A 9  ? 0.3284 0.2590 0.4048 -0.0256 -0.0290 0.0648  221 ILE A C   
47  O O   . ILE A 9  ? 0.3301 0.3020 0.4140 0.0005  -0.0168 0.0666  221 ILE A O   
48  C CB  . ILE A 9  ? 0.5133 0.4018 0.5024 -0.0939 -0.0570 0.0882  221 ILE A CB  
49  C CG1 . ILE A 9  ? 0.5572 0.4346 0.5194 -0.1290 -0.0832 0.1228  221 ILE A CG1 
50  C CG2 . ILE A 9  ? 0.4840 0.4010 0.4484 -0.0764 -0.0398 0.0617  221 ILE A CG2 
51  C CD1 . ILE A 9  ? 0.6043 0.4639 0.5000 -0.1565 -0.0844 0.1018  221 ILE A CD1 
52  N N   . MET A 10 ? 0.3254 0.2362 0.4134 -0.0202 -0.0210 0.0271  222 MET A N   
53  C CA  . MET A 10 ? 0.3922 0.3316 0.4966 0.0182  -0.0009 -0.0242 222 MET A CA  
54  C C   . MET A 10 ? 0.3901 0.3623 0.5488 0.0553  0.0078  -0.0147 222 MET A C   
55  O O   . MET A 10 ? 0.3588 0.3819 0.5110 0.0917  0.0258  -0.0387 222 MET A O   
56  C CB  . MET A 10 ? 0.2515 0.1595 0.3789 0.0142  0.0013  -0.0686 222 MET A CB  
57  C CG  . MET A 10 ? 0.3044 0.1909 0.3822 -0.0161 -0.0008 -0.0859 222 MET A CG  
58  S SD  . MET A 10 ? 0.4760 0.3255 0.6056 -0.0241 0.0014  -0.1301 222 MET A SD  
59  C CE  . MET A 10 ? 0.5106 0.3286 0.5886 -0.0719 -0.0037 -0.1067 222 MET A CE  
60  N N   . ASP A 11 ? 0.3126 0.2617 0.5255 0.0484  -0.0036 0.0225  223 ASP A N   
61  C CA  . ASP A 11 ? 0.3254 0.3061 0.5983 0.0840  0.0059  0.0347  223 ASP A CA  
62  C C   . ASP A 11 ? 0.3736 0.4058 0.6321 0.0968  0.0123  0.0691  223 ASP A C   
63  O O   . ASP A 11 ? 0.4090 0.4925 0.6878 0.1382  0.0337  0.0578  223 ASP A O   
64  C CB  . ASP A 11 ? 0.2769 0.2242 0.6172 0.0723  -0.0100 0.0772  223 ASP A CB  
65  C CG  . ASP A 11 ? 0.5421 0.4435 0.9281 0.0692  -0.0105 0.0479  223 ASP A CG  
66  O OD1 . ASP A 11 ? 0.5219 0.4225 0.8985 0.0821  0.0024  -0.0149 223 ASP A OD1 
67  O OD2 . ASP A 11 ? 0.5228 0.3919 0.9616 0.0540  -0.0249 0.0905  223 ASP A OD2 
68  N N   . LEU A 12 ? 0.3423 0.3638 0.5718 0.0623  -0.0057 0.1111  224 LEU A N   
69  C CA  . LEU A 12 ? 0.3740 0.4390 0.6086 0.0696  -0.0019 0.1483  224 LEU A CA  
70  C C   . LEU A 12 ? 0.3834 0.4918 0.5775 0.0947  0.0227  0.1208  224 LEU A C   
71  O O   . LEU A 12 ? 0.3849 0.5502 0.6019 0.1278  0.0429  0.1370  224 LEU A O   
72  C CB  . LEU A 12 ? 0.4633 0.5042 0.6826 0.0249  -0.0309 0.1893  224 LEU A CB  
73  C CG  . LEU A 12 ? 0.5103 0.5250 0.7683 0.0019  -0.0592 0.2282  224 LEU A CG  
74  C CD1 . LEU A 12 ? 0.4911 0.4820 0.7095 -0.0441 -0.0904 0.2488  224 LEU A CD1 
75  C CD2 . LEU A 12 ? 0.4774 0.5292 0.8133 0.0246  -0.0578 0.2689  224 LEU A CD2 
76  N N   . LEU A 13 ? 0.3389 0.4268 0.4762 0.0810  0.0225  0.0826  225 LEU A N   
77  C CA  . LEU A 13 ? 0.3733 0.5067 0.4727 0.1063  0.0439  0.0581  225 LEU A CA  
78  C C   . LEU A 13 ? 0.3318 0.5171 0.4449 0.1575  0.0676  0.0219  225 LEU A C   
79  O O   . LEU A 13 ? 0.3737 0.6251 0.4774 0.1921  0.0892  0.0283  225 LEU A O   
80  C CB  . LEU A 13 ? 0.3621 0.4651 0.4048 0.0825  0.0379  0.0227  225 LEU A CB  
81  C CG  . LEU A 13 ? 0.3568 0.4186 0.3768 0.0369  0.0182  0.0507  225 LEU A CG  
82  C CD1 . LEU A 13 ? 0.2840 0.3154 0.2539 0.0162  0.0155  0.0116  225 LEU A CD1 
83  C CD2 . LEU A 13 ? 0.2659 0.3608 0.2941 0.0403  0.0237  0.0890  225 LEU A CD2 
84  N N   . ARG A 14 ? 0.5136 0.3722 0.2810 -0.1113 -0.0136 0.0505  226 ARG A N   
85  C CA  . ARG A 14 ? 0.4294 0.4021 0.2958 -0.0882 -0.0297 0.0297  226 ARG A CA  
86  C C   . ARG A 14 ? 0.4048 0.4364 0.3012 -0.0996 -0.0578 0.0197  226 ARG A C   
87  O O   . ARG A 14 ? 0.4137 0.5295 0.3598 -0.0884 -0.0539 0.0061  226 ARG A O   
88  C CB  . ARG A 14 ? 0.4016 0.3917 0.3249 -0.0767 -0.0478 0.0154  226 ARG A CB  
89  C CG  . ARG A 14 ? 0.3417 0.4428 0.3609 -0.0559 -0.0538 -0.0098 226 ARG A CG  
90  C CD  . ARG A 14 ? 0.3100 0.4271 0.3891 -0.0447 -0.0684 -0.0255 226 ARG A CD  
91  N NE  . ARG A 14 ? 0.4305 0.5022 0.4857 -0.0315 -0.0445 -0.0152 226 ARG A NE  
92  C CZ  . ARG A 14 ? 0.3632 0.3470 0.3711 -0.0396 -0.0443 -0.0023 226 ARG A CZ  
93  N NH1 . ARG A 14 ? 0.4061 0.3380 0.3815 -0.0644 -0.0728 0.0053  226 ARG A NH1 
94  N NH2 . ARG A 14 ? 0.3751 0.3222 0.3691 -0.0262 -0.0162 0.0051  226 ARG A NH2 
95  N N   . GLY A 15 ? 0.4521 0.4368 0.3164 -0.1255 -0.0859 0.0285  227 GLY A N   
96  C CA  . GLY A 15 ? 0.5157 0.5429 0.4051 -0.1391 -0.1105 0.0248  227 GLY A CA  
97  C C   . GLY A 15 ? 0.5151 0.5538 0.3636 -0.1411 -0.0863 0.0305  227 GLY A C   
98  O O   . GLY A 15 ? 0.5034 0.6206 0.4026 -0.1357 -0.0899 0.0163  227 GLY A O   
99  N N   . MET A 16 ? 0.5506 0.5077 0.3090 -0.1509 -0.0585 0.0508  228 MET A N   
100 C CA  . MET A 16 ? 0.5401 0.4996 0.2608 -0.1521 -0.0311 0.0605  228 MET A CA  
101 C C   . MET A 16 ? 0.5346 0.5817 0.3155 -0.1250 -0.0115 0.0521  228 MET A C   
102 O O   . MET A 16 ? 0.5049 0.6079 0.3000 -0.1253 -0.0096 0.0501  228 MET A O   
103 C CB  . MET A 16 ? 0.5848 0.4354 0.2104 -0.1651 0.0063  0.0817  228 MET A CB  
104 C CG  . MET A 16 ? 0.8063 0.5572 0.3447 -0.2044 -0.0090 0.0925  228 MET A CG  
105 S SD  . MET A 16 ? 1.1040 0.8700 0.6210 -0.2331 -0.0417 0.0974  228 MET A SD  
106 C CE  . MET A 16 ? 0.6791 0.5174 0.2906 -0.2336 -0.1043 0.0859  228 MET A CE  
107 N N   . ASP A 17 ? 0.4499 0.5078 0.2632 -0.1051 0.0011  0.0493  229 ASP A N   
108 C CA  . ASP A 17 ? 0.3942 0.5319 0.2607 -0.0855 0.0155  0.0470  229 ASP A CA  
109 C C   . ASP A 17 ? 0.3788 0.6181 0.3091 -0.0867 -0.0086 0.0199  229 ASP A C   
110 O O   . ASP A 17 ? 0.3693 0.6739 0.3171 -0.0867 -0.0012 0.0197  229 ASP A O   
111 C CB  . ASP A 17 ? 0.4456 0.5719 0.3374 -0.0671 0.0292  0.0497  229 ASP A CB  
112 C CG  . ASP A 17 ? 0.6111 0.8146 0.5537 -0.0525 0.0405  0.0550  229 ASP A CG  
113 O OD1 . ASP A 17 ? 0.7580 0.9565 0.6870 -0.0507 0.0642  0.0816  229 ASP A OD1 
114 O OD2 . ASP A 17 ? 0.5776 0.8461 0.5755 -0.0458 0.0252  0.0343  229 ASP A OD2 
115 N N   . ALA A 18 ? 0.3022 0.5525 0.2691 -0.0912 -0.0355 -0.0017 230 ALA A N   
116 C CA  . ALA A 18 ? 0.3738 0.7097 0.4078 -0.0954 -0.0508 -0.0310 230 ALA A CA  
117 C C   . ALA A 18 ? 0.3791 0.7335 0.3953 -0.1112 -0.0540 -0.0298 230 ALA A C   
118 O O   . ALA A 18 ? 0.2978 0.7269 0.3492 -0.1158 -0.0498 -0.0486 230 ALA A O   
119 C CB  . ALA A 18 ? 0.3047 0.6402 0.3954 -0.0963 -0.0761 -0.0492 230 ALA A CB  
120 N N   . ARG A 19 ? 0.3114 0.5956 0.2693 -0.1234 -0.0605 -0.0086 231 ARG A N   
121 C CA  . ARG A 19 ? 0.4167 0.7120 0.3553 -0.1393 -0.0651 -0.0055 231 ARG A CA  
122 C C   . ARG A 19 ? 0.4443 0.7642 0.3500 -0.1367 -0.0385 0.0062  231 ARG A C   
123 O O   . ARG A 19 ? 0.4521 0.8263 0.3719 -0.1451 -0.0383 -0.0030 231 ARG A O   
124 C CB  . ARG A 19 ? 0.3877 0.5964 0.2647 -0.1586 -0.0804 0.0162  231 ARG A CB  
125 C CG  . ARG A 19 ? 0.5303 0.7215 0.4465 -0.1684 -0.1163 0.0125  231 ARG A CG  
126 C CD  . ARG A 19 ? 0.7085 0.8026 0.5443 -0.1957 -0.1334 0.0400  231 ARG A CD  
127 N NE  . ARG A 19 ? 0.9219 1.0291 0.7810 -0.2174 -0.1655 0.0449  231 ARG A NE  
128 C CZ  . ARG A 19 ? 0.9604 1.0751 0.8827 -0.2288 -0.2053 0.0478  231 ARG A CZ  
129 N NH1 . ARG A 19 ? 0.9393 1.0483 0.9020 -0.2204 -0.2171 0.0447  231 ARG A NH1 
130 N NH2 . ARG A 19 ? 1.0014 1.1305 0.9540 -0.2489 -0.2339 0.0569  231 ARG A NH2 
131 N N   . LEU A 20 ? 0.4129 0.4322 0.5820 -0.1217 0.0782  -0.0013 232 LEU A N   
132 C CA  . LEU A 20 ? 0.4184 0.4048 0.5634 -0.1397 0.0515  0.0026  232 LEU A CA  
133 C C   . LEU A 20 ? 0.4339 0.4044 0.5463 -0.1385 0.0369  -0.0101 232 LEU A C   
134 O O   . LEU A 20 ? 0.5160 0.4765 0.5750 -0.1500 0.0245  -0.0027 232 LEU A O   
135 C CB  . LEU A 20 ? 0.2533 0.2207 0.4344 -0.1249 0.0339  0.0008  232 LEU A CB  
136 C CG  . LEU A 20 ? 0.3457 0.3178 0.5308 -0.1143 0.0371  0.0090  232 LEU A CG  
137 C CD1 . LEU A 20 ? 0.2708 0.2389 0.5043 -0.0981 0.0278  0.0090  232 LEU A CD1 
138 C CD2 . LEU A 20 ? 0.3279 0.2727 0.4608 -0.1353 0.0168  0.0187  232 LEU A CD2 
139 N N   . GLN A 21 ? 0.3599 0.3271 0.5046 -0.1228 0.0340  -0.0277 233 GLN A N   
140 C CA  . GLN A 21 ? 0.3739 0.3181 0.4825 -0.1132 0.0137  -0.0470 233 GLN A CA  
141 C C   . GLN A 21 ? 0.5366 0.5086 0.5764 -0.1098 0.0327  -0.0462 233 GLN A C   
142 O O   . GLN A 21 ? 0.5324 0.4946 0.5110 -0.1078 0.0190  -0.0482 233 GLN A O   
143 C CB  . GLN A 21 ? 0.3528 0.2848 0.5136 -0.0964 0.0012  -0.0653 233 GLN A CB  
144 C CG  . GLN A 21 ? 0.3582 0.2580 0.4730 -0.0786 -0.0261 -0.0929 233 GLN A CG  
145 C CD  . GLN A 21 ? 0.4043 0.2890 0.5665 -0.0608 -0.0421 -0.1119 233 GLN A CD  
146 O OE1 . GLN A 21 ? 0.5542 0.4393 0.8022 -0.0673 -0.0503 -0.0997 233 GLN A OE1 
147 N NE2 . GLN A 21 ? 0.4398 0.3134 0.5471 -0.0353 -0.0495 -0.1398 233 GLN A NE2 
148 N N   . HIS A 22 ? 0.4296 0.4429 0.4807 -0.1071 0.0653  -0.0396 234 HIS A N   
149 C CA  . HIS A 22 ? 0.4772 0.5325 0.4731 -0.1006 0.0882  -0.0324 234 HIS A CA  
150 C C   . HIS A 22 ? 0.4895 0.5641 0.4466 -0.1257 0.0903  0.0022  234 HIS A C   
151 O O   . HIS A 22 ? 0.4564 0.5589 0.3560 -0.1210 0.0952  0.0140  234 HIS A O   
152 C CB  . HIS A 22 ? 0.5611 0.6580 0.5872 -0.0927 0.1208  -0.0306 234 HIS A CB  
153 C CG  . HIS A 22 ? 0.7048 0.7815 0.7766 -0.0715 0.1135  -0.0587 234 HIS A CG  
154 N ND1 . HIS A 22 ? 0.8190 0.8478 0.8924 -0.0555 0.0783  -0.0860 234 HIS A ND1 
155 C CD2 . HIS A 22 ? 0.6893 0.7856 0.8120 -0.0657 0.1312  -0.0602 234 HIS A CD2 
156 C CE1 . HIS A 22 ? 0.8045 0.8228 0.9322 -0.0427 0.0717  -0.1004 234 HIS A CE1 
157 N NE2 . HIS A 22 ? 0.7536 0.8142 0.9112 -0.0483 0.1054  -0.0849 234 HIS A NE2 
158 N N   . LEU A 23 ? 0.4569 0.5170 0.4457 -0.1496 0.0829  0.0205  235 LEU A N   
159 C CA  . LEU A 23 ? 0.5205 0.5808 0.4818 -0.1765 0.0693  0.0532  235 LEU A CA  
160 C C   . LEU A 23 ? 0.4396 0.4718 0.3572 -0.1771 0.0419  0.0509  235 LEU A C   
161 O O   . LEU A 23 ? 0.4672 0.5223 0.3416 -0.1904 0.0384  0.0800  235 LEU A O   
162 C CB  . LEU A 23 ? 0.4737 0.5023 0.4724 -0.1917 0.0531  0.0603  235 LEU A CB  
163 C CG  . LEU A 23 ? 0.5182 0.5762 0.5393 -0.1977 0.0713  0.0755  235 LEU A CG  
164 C CD1 . LEU A 23 ? 0.4801 0.5033 0.5262 -0.1856 0.0526  0.0639  235 LEU A CD1 
165 C CD2 . LEU A 23 ? 0.5800 0.6674 0.5730 -0.2223 0.0658  0.1154  235 LEU A CD2 
166 N N   . GLU A 24 ? 0.3929 0.3793 0.3277 -0.1636 0.0208  0.0212  236 GLU A N   
167 C CA  . GLU A 24 ? 0.3958 0.3455 0.2959 -0.1627 -0.0111 0.0143  236 GLU A CA  
168 C C   . GLU A 24 ? 0.4406 0.4151 0.2731 -0.1450 -0.0051 0.0103  236 GLU A C   
169 O O   . GLU A 24 ? 0.5203 0.4943 0.3020 -0.1527 -0.0207 0.0276  236 GLU A O   
170 C CB  . GLU A 24 ? 0.3881 0.2927 0.3324 -0.1488 -0.0331 -0.0155 236 GLU A CB  
171 C CG  . GLU A 24 ? 0.5626 0.4216 0.5063 -0.1583 -0.0702 -0.0139 236 GLU A CG  
172 C CD  . GLU A 24 ? 0.6369 0.4680 0.6492 -0.1482 -0.0867 -0.0301 236 GLU A CD  
173 O OE1 . GLU A 24 ? 0.7382 0.5320 0.7524 -0.1485 -0.1203 -0.0355 236 GLU A OE1 
174 O OE2 . GLU A 24 ? 0.5525 0.4046 0.6202 -0.1402 -0.0665 -0.0325 236 GLU A OE2 
175 N N   . GLN A 25 ? 0.3328 0.5462 0.5446 -0.1458 0.0178  -0.0251 237 GLN A N   
176 C CA  . GLN A 25 ? 0.4308 0.5322 0.5519 -0.1554 0.0133  -0.0546 237 GLN A CA  
177 C C   . GLN A 25 ? 0.3765 0.4695 0.4575 -0.1205 0.0413  -0.0794 237 GLN A C   
178 O O   . GLN A 25 ? 0.3803 0.4108 0.3929 -0.1253 0.0329  -0.0994 237 GLN A O   
179 C CB  . GLN A 25 ? 0.4679 0.5006 0.5605 -0.1552 0.0249  -0.0566 237 GLN A CB  
180 C CG  . GLN A 25 ? 0.7075 0.7404 0.8425 -0.1895 -0.0066 -0.0271 237 GLN A CG  
181 C CD  . GLN A 25 ? 0.8906 0.8599 0.9954 -0.1869 0.0031  -0.0334 237 GLN A CD  
182 O OE1 . GLN A 25 ? 0.7690 0.7814 0.9367 -0.1925 0.0061  -0.0084 237 GLN A OE1 
183 N NE2 . GLN A 25 ? 0.9870 0.8528 0.9921 -0.1747 0.0102  -0.0657 237 GLN A NE2 
184 N N   . LYS A 26 ? 0.3220 0.4706 0.4464 -0.0831 0.0713  -0.0736 238 LYS A N   
185 C CA  . LYS A 26 ? 0.4070 0.5535 0.5160 -0.0485 0.0933  -0.0848 238 LYS A CA  
186 C C   . LYS A 26 ? 0.3173 0.5195 0.4383 -0.0503 0.0693  -0.0873 238 LYS A C   
187 O O   . LYS A 26 ? 0.3629 0.5397 0.4479 -0.0401 0.0753  -0.0990 238 LYS A O   
188 C CB  . LYS A 26 ? 0.3121 0.4892 0.4709 -0.0092 0.1180  -0.0725 238 LYS A CB  
189 C CG  . LYS A 26 ? 0.4289 0.5380 0.5676 -0.0018 0.1482  -0.0768 238 LYS A CG  
190 C CD  . LYS A 26 ? 0.5772 0.6899 0.7569 0.0247  0.1479  -0.0590 238 LYS A CD  
191 C CE  . LYS A 26 ? 0.5967 0.6526 0.7691 0.0251  0.1764  -0.0647 238 LYS A CE  
192 N NZ  . LYS A 26 ? 0.6894 0.6803 0.8198 0.0338  0.2044  -0.0743 238 LYS A NZ  
193 N N   . VAL A 27 ? 0.2214 0.5006 0.3929 -0.0609 0.0434  -0.0737 239 VAL A N   
194 C CA  . VAL A 27 ? 0.1781 0.5043 0.3522 -0.0660 0.0143  -0.0785 239 VAL A CA  
195 C C   . VAL A 27 ? 0.3046 0.5726 0.4255 -0.1059 -0.0049 -0.0990 239 VAL A C   
196 O O   . VAL A 27 ? 0.1870 0.4522 0.2806 -0.1039 -0.0135 -0.1147 239 VAL A O   
197 C CB  . VAL A 27 ? 0.2008 0.5592 0.3758 -0.0578 -0.0032 -0.0564 239 VAL A CB  
198 C CG1 . VAL A 27 ? 0.2585 0.6255 0.4005 -0.0639 -0.0208 -0.0615 239 VAL A CG1 
199 C CG2 . VAL A 27 ? 0.1603 0.5140 0.3223 -0.0136 0.0035  -0.0398 239 VAL A CG2 
200 N N   . ASP A 28 ? 0.2442 0.4505 0.3413 -0.1391 -0.0164 -0.0968 240 ASP A N   
201 C CA  . ASP A 28 ? 0.2942 0.4043 0.3165 -0.1712 -0.0431 -0.1157 240 ASP A CA  
202 C C   . ASP A 28 ? 0.4216 0.4481 0.3544 -0.1443 -0.0163 -0.1395 240 ASP A C   
203 O O   . ASP A 28 ? 0.4950 0.4710 0.3677 -0.1538 -0.0329 -0.1581 240 ASP A O   
204 C CB  . ASP A 28 ? 0.3341 0.3711 0.3416 -0.2040 -0.0674 -0.1037 240 ASP A CB  
205 C CG  . ASP A 28 ? 0.5634 0.6722 0.6604 -0.2378 -0.1010 -0.0717 240 ASP A CG  
206 O OD1 . ASP A 28 ? 0.6204 0.8152 0.7670 -0.2409 -0.1112 -0.0669 240 ASP A OD1 
207 O OD2 . ASP A 28 ? 0.5557 0.6356 0.6763 -0.2602 -0.1190 -0.0472 240 ASP A OD2 
208 N N   . LYS A 29 ? 0.4520 0.4593 0.3753 -0.1091 0.0267  -0.1360 241 LYS A N   
209 C CA  . LYS A 29 ? 0.5542 0.4857 0.3993 -0.0760 0.0613  -0.1480 241 LYS A CA  
210 C C   . LYS A 29 ? 0.4186 0.4186 0.2960 -0.0524 0.0721  -0.1453 241 LYS A C   
211 O O   . LYS A 29 ? 0.4619 0.4087 0.2736 -0.0384 0.0838  -0.1548 241 LYS A O   
212 C CB  . LYS A 29 ? 0.5600 0.4564 0.3977 -0.0445 0.1054  -0.1403 241 LYS A CB  
213 C CG  . LYS A 29 ? 0.8166 0.6268 0.6034 -0.0637 0.0928  -0.1452 241 LYS A CG  
214 C CD  . LYS A 29 ? 0.9584 0.7290 0.7294 -0.0314 0.1374  -0.1421 241 LYS A CD  
215 C CE  . LYS A 29 ? 1.0240 0.7604 0.7944 -0.0556 0.1178  -0.1408 241 LYS A CE  
216 N NZ  . LYS A 29 ? 1.1603 0.7925 0.8430 -0.0851 0.0686  -0.1509 241 LYS A NZ  
217 N N   . VAL A 30 ? 0.3899 0.5022 0.3642 -0.0442 0.0648  -0.1296 242 VAL A N   
218 C CA  . VAL A 30 ? 0.3999 0.5823 0.4137 -0.0255 0.0576  -0.1235 242 VAL A CA  
219 C C   . VAL A 30 ? 0.4178 0.6044 0.4004 -0.0583 0.0192  -0.1435 242 VAL A C   
220 O O   . VAL A 30 ? 0.3686 0.5415 0.3199 -0.0481 0.0233  -0.1495 242 VAL A O   
221 C CB  . VAL A 30 ? 0.2863 0.5657 0.3915 -0.0073 0.0400  -0.1025 242 VAL A CB  
222 C CG1 . VAL A 30 ? 0.3368 0.6319 0.4224 0.0018  0.0058  -0.0974 242 VAL A CG1 
223 C CG2 . VAL A 30 ? 0.2340 0.4716 0.3509 0.0229  0.0614  -0.0788 242 VAL A CG2 
224 N N   . LEU A 31 ? 0.4966 0.4767 0.5486 -0.0928 0.0485  -0.1771 243 LEU A N   
225 C CA  . LEU A 31 ? 0.4261 0.5305 0.5122 -0.1125 0.0221  -0.1744 243 LEU A CA  
226 C C   . LEU A 31 ? 0.4568 0.5767 0.4862 -0.1284 0.0378  -0.1611 243 LEU A C   
227 O O   . LEU A 31 ? 0.4359 0.6348 0.5123 -0.1112 0.0107  -0.1279 243 LEU A O   
228 C CB  . LEU A 31 ? 0.4410 0.6001 0.4991 -0.1650 0.0224  -0.2270 243 LEU A CB  
229 C CG  . LEU A 31 ? 0.3796 0.6268 0.5399 -0.1461 -0.0201 -0.2345 243 LEU A CG  
230 C CD1 . LEU A 31 ? 0.2699 0.5944 0.4013 -0.2046 -0.0165 -0.2949 243 LEU A CD1 
231 C CD2 . LEU A 31 ? 0.2511 0.5844 0.5081 -0.0984 -0.0683 -0.1904 243 LEU A CD2 
232 N N   . ALA A 32 ? 0.4105 0.4509 0.3329 -0.1608 0.0805  -0.1879 244 ALA A N   
233 C CA  . ALA A 32 ? 0.5231 0.5786 0.3843 -0.1789 0.0990  -0.1842 244 ALA A CA  
234 C C   . ALA A 32 ? 0.4993 0.5638 0.4057 -0.1334 0.0912  -0.1313 244 ALA A C   
235 O O   . ALA A 32 ? 0.5702 0.6708 0.4407 -0.1440 0.1002  -0.1203 244 ALA A O   
236 C CB  . ALA A 32 ? 0.6132 0.5609 0.3526 -0.2153 0.1459  -0.2254 244 ALA A CB  
237 N N   . GLN A 33 ? 0.6736 0.7106 0.6582 -0.0864 0.0761  -0.1016 245 GLN A N   
238 C CA  . GLN A 33 ? 0.5918 0.6426 0.6297 -0.0493 0.0701  -0.0534 245 GLN A CA  
239 C C   . GLN A 33 ? 0.5755 0.7233 0.6839 -0.0393 0.0308  -0.0099 245 GLN A C   
240 O O   . GLN A 33 ? 0.7180 0.8822 0.8527 -0.0220 0.0287  0.0334  245 GLN A O   
241 C CB  . GLN A 33 ? 0.6953 0.6815 0.7918 -0.0048 0.0705  -0.0453 245 GLN A CB  
242 C CG  . GLN A 33 ? 0.7786 0.7478 0.8915 0.0226  0.0876  -0.0205 245 GLN A CG  
243 C CD  . GLN A 33 ? 0.8779 0.7943 0.8897 0.0095  0.1270  -0.0498 245 GLN A CD  
244 O OE1 . GLN A 33 ? 0.9653 0.8234 0.8926 -0.0133 0.1437  -0.0904 245 GLN A OE1 
245 N NE2 . GLN A 33 ? 0.8487 0.7834 0.8660 0.0215  0.1429  -0.0318 245 GLN A NE2 
246 N N   . GLY A 34 ? 0.3671 0.5767 0.5009 -0.0502 -0.0006 -0.0234 246 GLY A N   
247 C CA  . GLY A 34 ? 0.3531 0.6445 0.5508 -0.0312 -0.0463 0.0132  246 GLY A CA  
248 C C   . GLY A 34 ? 0.5545 0.8892 0.7051 -0.0406 -0.0448 0.0451  246 GLY A C   
249 O O   . GLY A 34 ? 0.5448 0.8936 0.7341 -0.0157 -0.0653 0.0992  246 GLY A O   
250 N N   . SER A 35 ? 0.3501 0.7027 0.4115 -0.0790 -0.0189 0.0106  247 SER A N   
251 C CA  . SER A 35 ? 0.6882 1.0773 0.6904 -0.0909 -0.0083 0.0336  247 SER A CA  
252 C C   . SER A 35 ? 0.6335 0.9836 0.6589 -0.0667 0.0038  0.0893  247 SER A C   
253 O O   . SER A 35 ? 0.5948 0.9850 0.6043 -0.0636 -0.0056 0.1332  247 SER A O   
254 C CB  . SER A 35 ? 0.7879 1.1601 0.6934 -0.1334 0.0347  -0.0177 247 SER A CB  
255 O OG  . SER A 35 ? 0.9369 1.3709 0.7835 -0.1491 0.0390  -0.0076 247 SER A OG  
256 N N   . MET A 36 ? 0.4475 0.7229 0.5083 -0.0504 0.0247  0.0852  248 MET A N   
257 C CA  . MET A 36 ? 0.4853 0.7305 0.5722 -0.0325 0.0432  0.1232  248 MET A CA  
258 C C   . MET A 36 ? 0.4322 0.6817 0.6130 -0.0028 0.0105  0.1749  248 MET A C   
259 O O   . MET A 36 ? 0.4538 0.7124 0.6422 -0.0011 0.0147  0.2224  248 MET A O   
260 C CB  . MET A 36 ? 0.5784 0.7484 0.6587 -0.0234 0.0790  0.0876  248 MET A CB  
261 C CG  . MET A 36 ? 0.6424 0.7928 0.6239 -0.0476 0.1183  0.0491  248 MET A CG  
262 S SD  . MET A 36 ? 1.1348 1.2952 1.1062 -0.0413 0.1515  0.0714  248 MET A SD  
263 C CE  . MET A 36 ? 0.5062 0.6165 0.5768 0.0018  0.1499  0.0776  248 MET A CE  
264 N N   . VAL A 37 ? 0.2888 0.5297 0.5383 0.0177  -0.0202 0.1645  249 VAL A N   
265 C CA  . VAL A 37 ? 0.3579 0.5973 0.7000 0.0473  -0.0542 0.2082  249 VAL A CA  
266 C C   . VAL A 37 ? 0.4074 0.6938 0.7364 0.0479  -0.0901 0.2558  249 VAL A C   
267 O O   . VAL A 37 ? 0.4041 0.6743 0.7677 0.0601  -0.1018 0.3097  249 VAL A O   
268 C CB  . VAL A 37 ? 0.3034 0.5334 0.7220 0.0709  -0.0829 0.1807  249 VAL A CB  
269 C CG1 . VAL A 37 ? 0.2332 0.4674 0.7440 0.1015  -0.1247 0.2234  249 VAL A CG1 
270 C CG2 . VAL A 37 ? 0.2774 0.4479 0.7096 0.0795  -0.0506 0.1432  249 VAL A CG2 
271 N N   . THR A 38 ? 0.2531 0.6293 0.5150 -0.0981 -0.0590 0.2794  250 THR A N   
272 C CA  . THR A 38 ? 0.2726 0.6931 0.5401 -0.1083 -0.0744 0.3014  250 THR A CA  
273 C C   . THR A 38 ? 0.3359 0.6651 0.5456 -0.1117 -0.0640 0.2853  250 THR A C   
274 O O   . THR A 38 ? 0.3813 0.7265 0.6162 -0.0848 -0.0566 0.2894  250 THR A O   
275 C CB  . THR A 38 ? 0.3230 0.8031 0.5725 -0.1639 -0.1081 0.3359  250 THR A CB  
276 O OG1 . THR A 38 ? 0.3711 0.9456 0.6823 -0.1555 -0.1122 0.3587  250 THR A OG1 
277 C CG2 . THR A 38 ? 0.3889 0.9200 0.6433 -0.1695 -0.1260 0.3596  250 THR A CG2 
278 N N   . GLN A 39 ? 0.4531 0.6818 0.5800 -0.1412 -0.0603 0.2692  251 GLN A N   
279 C CA  . GLN A 39 ? 0.4493 0.5798 0.5095 -0.1381 -0.0444 0.2556  251 GLN A CA  
280 C C   . GLN A 39 ? 0.3629 0.4781 0.4795 -0.0817 -0.0096 0.2386  251 GLN A C   
281 O O   . GLN A 39 ? 0.4276 0.5162 0.5370 -0.0642 0.0045  0.2408  251 GLN A O   
282 C CB  . GLN A 39 ? 0.6562 0.6713 0.6149 -0.1680 -0.0392 0.2395  251 GLN A CB  
283 C CG  . GLN A 39 ? 0.8657 0.8441 0.7305 -0.2296 -0.0732 0.2517  251 GLN A CG  
284 C CD  . GLN A 39 ? 1.0920 0.9533 0.8563 -0.2590 -0.0684 0.2353  251 GLN A CD  
285 O OE1 . GLN A 39 ? 0.9673 0.8343 0.7517 -0.2619 -0.0624 0.2302  251 GLN A OE1 
286 N NE2 . GLN A 39 ? 1.3595 1.1063 1.0068 -0.2768 -0.0690 0.2275  251 GLN A NE2 
287 N N   . ILE A 40 ? 0.3046 0.4355 0.4771 -0.0535 0.0035  0.2228  252 ILE A N   
288 C CA  . ILE A 40 ? 0.3269 0.4466 0.5609 -0.0054 0.0304  0.2060  252 ILE A CA  
289 C C   . ILE A 40 ? 0.3166 0.5039 0.6195 0.0196  0.0277  0.2185  252 ILE A C   
290 O O   . ILE A 40 ? 0.3234 0.4832 0.6467 0.0421  0.0481  0.2163  252 ILE A O   
291 C CB  . ILE A 40 ? 0.2151 0.3413 0.4935 0.0203  0.0379  0.1852  252 ILE A CB  
292 C CG1 . ILE A 40 ? 0.2995 0.3456 0.5022 0.0017  0.0477  0.1739  252 ILE A CG1 
293 C CG2 . ILE A 40 ? 0.1890 0.3128 0.5423 0.0649  0.0577  0.1688  252 ILE A CG2 
294 C CD1 . ILE A 40 ? 0.2659 0.3260 0.4948 0.0206  0.0489  0.1590  252 ILE A CD1 
295 N N   . LYS A 41 ? 0.2439 0.5179 0.5799 0.0170  0.0053  0.2355  253 LYS A N   
296 C CA  . LYS A 41 ? 0.1796 0.5177 0.5734 0.0451  0.0036  0.2500  253 LYS A CA  
297 C C   . LYS A 41 ? 0.2690 0.5903 0.6273 0.0351  0.0060  0.2677  253 LYS A C   
298 O O   . LYS A 41 ? 0.3336 0.6472 0.7260 0.0655  0.0240  0.2683  253 LYS A O   
299 C CB  . LYS A 41 ? 0.2485 0.6840 0.6709 0.0445  -0.0187 0.2724  253 LYS A CB  
300 C CG  . LYS A 41 ? 0.3136 0.8109 0.7949 0.0859  -0.0161 0.2858  253 LYS A CG  
301 C CD  . LYS A 41 ? 0.4980 1.0966 0.9913 0.0806  -0.0362 0.3225  253 LYS A CD  
302 C CE  . LYS A 41 ? 0.6414 1.2635 1.0957 0.0449  -0.0521 0.3514  253 LYS A CE  
303 N NZ  . LYS A 41 ? 0.6146 1.3512 1.0985 0.0492  -0.0694 0.3933  253 LYS A NZ  
304 N N   . ASN A 42 ? 0.3088 0.6207 0.5954 -0.0080 -0.0133 0.2822  254 ASN A N   
305 C CA  . ASN A 42 ? 0.3286 0.6226 0.5648 -0.0191 -0.0173 0.2995  254 ASN A CA  
306 C C   . ASN A 42 ? 0.4595 0.6529 0.6582 -0.0028 0.0151  0.2852  254 ASN A C   
307 O O   . ASN A 42 ? 0.4678 0.6525 0.6628 0.0164  0.0280  0.2977  254 ASN A O   
308 C CB  . ASN A 42 ? 0.3304 0.6284 0.4909 -0.0741 -0.0526 0.3147  254 ASN A CB  
309 C CG  . ASN A 42 ? 0.5425 0.9590 0.7494 -0.0908 -0.0841 0.3417  254 ASN A CG  
310 O OD1 . ASN A 42 ? 0.4836 0.9803 0.7658 -0.0543 -0.0784 0.3550  254 ASN A OD1 
311 N ND2 . ASN A 42 ? 0.4525 0.8773 0.6129 -0.1456 -0.1165 0.3523  254 ASN A ND2 
312 N N   . GLU A 43 ? 0.4546 0.5726 0.6244 -0.0073 0.0314  0.2628  255 GLU A N   
313 C CA  . GLU A 43 ? 0.4751 0.5013 0.6128 0.0125  0.0672  0.2543  255 GLU A CA  
314 C C   . GLU A 43 ? 0.4683 0.5122 0.7046 0.0573  0.0967  0.2497  255 GLU A C   
315 O O   . GLU A 43 ? 0.3645 0.3695 0.6002 0.0787  0.1249  0.2581  255 GLU A O   
316 C CB  . GLU A 43 ? 0.5013 0.4426 0.5763 -0.0006 0.0788  0.2359  255 GLU A CB  
317 C CG  . GLU A 43 ? 0.8186 0.6966 0.7668 -0.0443 0.0574  0.2397  255 GLU A CG  
318 C CD  . GLU A 43 ? 0.9735 0.7857 0.8653 -0.0632 0.0595  0.2222  255 GLU A CD  
319 O OE1 . GLU A 43 ? 0.9451 0.7132 0.8551 -0.0331 0.0933  0.2086  255 GLU A OE1 
320 O OE2 . GLU A 43 ? 1.0502 0.8555 0.8808 -0.1088 0.0273  0.2241  255 GLU A OE2 
321 N N   . LEU A 44 ? 0.3352 0.4336 0.6537 0.0714  0.0899  0.2371  256 LEU A N   
322 C CA  . LEU A 44 ? 0.2867 0.3988 0.6986 0.1083  0.1098  0.2299  256 LEU A CA  
323 C C   . LEU A 44 ? 0.3261 0.4762 0.7648 0.1244  0.1109  0.2506  256 LEU A C   
324 O O   . LEU A 44 ? 0.3229 0.4486 0.8028 0.1484  0.1376  0.2546  256 LEU A O   
325 C CB  . LEU A 44 ? 0.2802 0.4359 0.7592 0.1210  0.0957  0.2096  256 LEU A CB  
326 C CG  . LEU A 44 ? 0.3614 0.5161 0.9227 0.1470  0.1086  0.1971  256 LEU A CG  
327 C CD1 . LEU A 44 ? 0.3797 0.4733 0.9582 0.1523  0.1414  0.1933  256 LEU A CD1 
328 C CD2 . LEU A 44 ? 0.2974 0.4622 0.8689 0.1395  0.0892  0.1741  256 LEU A CD2 
329 N N   . SER A 45 ? 0.2463 0.5967 0.5429 0.0523  0.0201  0.1833  257 SER A N   
330 C CA  . SER A 45 ? 0.3023 0.6424 0.5913 0.0603  0.0139  0.1735  257 SER A CA  
331 C C   . SER A 45 ? 0.3134 0.6296 0.6031 0.0499  0.0020  0.1664  257 SER A C   
332 O O   . SER A 45 ? 0.2993 0.5938 0.5697 0.0545  -0.0044 0.1561  257 SER A O   
333 C CB  . SER A 45 ? 0.3067 0.6724 0.6208 0.0704  0.0219  0.1817  257 SER A CB  
334 O OG  . SER A 45 ? 0.5125 0.8698 0.8157 0.0805  0.0165  0.1719  257 SER A OG  
335 N N   . THR A 46 ? 0.3249 0.6452 0.6375 0.0380  -0.0003 0.1724  258 THR A N   
336 C CA  . THR A 46 ? 0.3688 0.6671 0.6781 0.0314  -0.0112 0.1666  258 THR A CA  
337 C C   . THR A 46 ? 0.3844 0.6533 0.6658 0.0256  -0.0139 0.1613  258 THR A C   
338 O O   . THR A 46 ? 0.3788 0.6228 0.6448 0.0285  -0.0191 0.1551  258 THR A O   
339 C CB  . THR A 46 ? 0.3888 0.6988 0.7288 0.0209  -0.0145 0.1724  258 THR A CB  
340 O OG1 . THR A 46 ? 0.3994 0.7350 0.7746 0.0267  -0.0133 0.1751  258 THR A OG1 
341 C CG2 . THR A 46 ? 0.4178 0.7037 0.7475 0.0179  -0.0262 0.1661  258 THR A CG2 
342 N N   . VAL A 47 ? 0.3049 0.5769 0.5822 0.0189  -0.0094 0.1643  259 VAL A N   
343 C CA  . VAL A 47 ? 0.2806 0.5263 0.5387 0.0130  -0.0121 0.1582  259 VAL A CA  
344 C C   . VAL A 47 ? 0.2776 0.5065 0.5177 0.0239  -0.0136 0.1468  259 VAL A C   
345 O O   . VAL A 47 ? 0.3266 0.5274 0.5585 0.0224  -0.0165 0.1415  259 VAL A O   
346 C CB  . VAL A 47 ? 0.2657 0.5205 0.5236 0.0061  -0.0084 0.1614  259 VAL A CB  
347 C CG1 . VAL A 47 ? 0.2226 0.4504 0.4656 0.0013  -0.0124 0.1519  259 VAL A CG1 
348 C CG2 . VAL A 47 ? 0.2531 0.5207 0.5313 -0.0062 -0.0068 0.1726  259 VAL A CG2 
349 N N   . LYS A 48 ? 0.2541 0.5001 0.4901 0.0361  -0.0106 0.1440  260 LYS A N   
350 C CA  . LYS A 48 ? 0.2942 0.5285 0.5160 0.0484  -0.0129 0.1318  260 LYS A CA  
351 C C   . LYS A 48 ? 0.3060 0.5213 0.5259 0.0523  -0.0157 0.1290  260 LYS A C   
352 O O   . LYS A 48 ? 0.2541 0.4431 0.4671 0.0540  -0.0177 0.1208  260 LYS A O   
353 C CB  . LYS A 48 ? 0.2951 0.5561 0.5133 0.0637  -0.0084 0.1318  260 LYS A CB  
354 C CG  . LYS A 48 ? 0.3483 0.5999 0.5524 0.0785  -0.0121 0.1181  260 LYS A CG  
355 C CD  . LYS A 48 ? 0.4393 0.7159 0.6339 0.0958  -0.0081 0.1167  260 LYS A CD  
356 C CE  . LYS A 48 ? 0.5009 0.7979 0.7021 0.1057  -0.0013 0.1255  260 LYS A CE  
357 N NZ  . LYS A 48 ? 0.4532 0.7348 0.6499 0.1118  -0.0064 0.1161  260 LYS A NZ  
358 N N   . THR A 49 ? 0.2932 0.5221 0.5222 0.0552  -0.0151 0.1356  261 THR A N   
359 C CA  . THR A 49 ? 0.3064 0.5207 0.5310 0.0628  -0.0181 0.1329  261 THR A CA  
360 C C   . THR A 49 ? 0.2848 0.4701 0.5035 0.0567  -0.0202 0.1344  261 THR A C   
361 O O   . THR A 49 ? 0.2423 0.4027 0.4502 0.0638  -0.0195 0.1307  261 THR A O   
362 C CB  . THR A 49 ? 0.3324 0.5694 0.5728 0.0672  -0.0195 0.1380  261 THR A CB  
363 O OG1 . THR A 49 ? 0.3853 0.6474 0.6319 0.0756  -0.0146 0.1385  261 THR A OG1 
364 C CG2 . THR A 49 ? 0.5131 0.7346 0.7464 0.0771  -0.0244 0.1342  261 THR A CG2 
365 N N   . THR A 50 ? 0.2877 0.4758 0.5141 0.0450  -0.0211 0.1409  262 THR A N   
366 C CA  . THR A 50 ? 0.3470 0.5090 0.5667 0.0408  -0.0219 0.1441  262 THR A CA  
367 C C   . THR A 50 ? 0.3822 0.5162 0.5947 0.0376  -0.0174 0.1409  262 THR A C   
368 O O   . THR A 50 ? 0.3347 0.4410 0.5393 0.0429  -0.0141 0.1428  262 THR A O   
369 C CB  . THR A 50 ? 0.4019 0.5746 0.6329 0.0286  -0.0245 0.1509  262 THR A CB  
370 O OG1 . THR A 50 ? 0.3654 0.5614 0.6111 0.0326  -0.0299 0.1522  262 THR A OG1 
371 C CG2 . THR A 50 ? 0.4148 0.5597 0.6357 0.0259  -0.0243 0.1549  262 THR A CG2 
372 N N   . LEU A 51 ? 0.2270 0.3678 0.4441 0.0309  -0.0168 0.1359  263 LEU A N   
373 C CA  . LEU A 51 ? 0.2315 0.3471 0.4501 0.0284  -0.0147 0.1292  263 LEU A CA  
374 C C   . LEU A 51 ? 0.2066 0.3048 0.4228 0.0410  -0.0127 0.1219  263 LEU A C   
375 O O   . LEU A 51 ? 0.2193 0.2883 0.4407 0.0415  -0.0080 0.1215  263 LEU A O   
376 C CB  . LEU A 51 ? 0.1795 0.3079 0.4032 0.0227  -0.0175 0.1214  263 LEU A CB  
377 C CG  . LEU A 51 ? 0.3755 0.5052 0.6044 0.0080  -0.0175 0.1271  263 LEU A CG  
378 C CD1 . LEU A 51 ? 0.3614 0.5062 0.5917 0.0068  -0.0210 0.1186  263 LEU A CD1 
379 C CD2 . LEU A 51 ? 0.3877 0.4843 0.6222 0.0013  -0.0140 0.1296  263 LEU A CD2 
380 N N   . ALA A 52 ? 0.3675 0.2932 0.3401 0.0076  0.0597  0.0029  264 ALA A N   
381 C CA  . ALA A 52 ? 0.3768 0.3147 0.3609 0.0129  0.0502  -0.0063 264 ALA A CA  
382 C C   . ALA A 52 ? 0.4364 0.3843 0.4457 0.0063  0.0423  -0.0089 264 ALA A C   
383 O O   . ALA A 52 ? 0.4133 0.3650 0.4329 0.0102  0.0289  -0.0128 264 ALA A O   
384 C CB  . ALA A 52 ? 0.3022 0.2500 0.2850 0.0156  0.0616  -0.0119 264 ALA A CB  
385 N N   . THR A 53 ? 0.3999 0.3510 0.4181 -0.0043 0.0503  -0.0063 265 THR A N   
386 C CA  . THR A 53 ? 0.3632 0.3237 0.4014 -0.0119 0.0430  -0.0078 265 THR A CA  
387 C C   . THR A 53 ? 0.3670 0.3182 0.4025 -0.0114 0.0315  -0.0042 265 THR A C   
388 O O   . THR A 53 ? 0.4154 0.3734 0.4636 -0.0109 0.0195  -0.0059 265 THR A O   
389 C CB  . THR A 53 ? 0.4893 0.4530 0.5341 -0.0249 0.0539  -0.0064 265 THR A CB  
390 O OG1 . THR A 53 ? 0.4775 0.4535 0.5296 -0.0263 0.0648  -0.0094 265 THR A OG1 
391 C CG2 . THR A 53 ? 0.4190 0.3923 0.4805 -0.0331 0.0445  -0.0081 265 THR A CG2 
392 N N   . ILE A 54 ? 0.3623 0.2981 0.3824 -0.0110 0.0358  0.0015  266 ILE A N   
393 C CA  . ILE A 54 ? 0.3263 0.2543 0.3447 -0.0096 0.0269  0.0055  266 ILE A CA  
394 C C   . ILE A 54 ? 0.3553 0.2859 0.3766 -0.0008 0.0128  0.0037  266 ILE A C   
395 O O   . ILE A 54 ? 0.3522 0.2860 0.3838 -0.0022 0.0026  0.0042  266 ILE A O   
396 C CB  . ILE A 54 ? 0.3742 0.2859 0.3773 -0.0084 0.0350  0.0123  266 ILE A CB  
397 C CG1 . ILE A 54 ? 0.4488 0.3549 0.4519 -0.0190 0.0476  0.0131  266 ILE A CG1 
398 C CG2 . ILE A 54 ? 0.3725 0.2788 0.3763 -0.0048 0.0262  0.0164  266 ILE A CG2 
399 C CD1 . ILE A 54 ? 0.5251 0.4129 0.5144 -0.0173 0.0577  0.0201  266 ILE A CD1 
400 N N   . GLU A 55 ? 0.3383 0.2673 0.3496 0.0074  0.0124  0.0012  267 GLU A N   
401 C CA  . GLU A 55 ? 0.3355 0.2662 0.3500 0.0147  -0.0011 -0.0029 267 GLU A CA  
402 C C   . GLU A 55 ? 0.3226 0.2638 0.3578 0.0124  -0.0093 -0.0073 267 GLU A C   
403 O O   . GLU A 55 ? 0.3278 0.2681 0.3715 0.0138  -0.0217 -0.0069 267 GLU A O   
404 C CB  . GLU A 55 ? 0.3733 0.3022 0.3732 0.0228  0.0012  -0.0080 267 GLU A CB  
405 C CG  . GLU A 55 ? 0.3287 0.2575 0.3319 0.0298  -0.0128 -0.0149 267 GLU A CG  
406 C CD  . GLU A 55 ? 0.4372 0.3640 0.4233 0.0378  -0.0095 -0.0223 267 GLU A CD  
407 O OE1 . GLU A 55 ? 0.4274 0.3571 0.4201 0.0425  -0.0152 -0.0317 267 GLU A OE1 
408 O OE2 . GLU A 55 ? 0.5144 0.4361 0.4794 0.0396  -0.0009 -0.0185 267 GLU A OE2 
409 N N   . GLY A 56 ? 0.2848 0.2362 0.3294 0.0089  -0.0026 -0.0106 268 GLY A N   
410 C CA  . GLY A 56 ? 0.2724 0.2349 0.3374 0.0081  -0.0107 -0.0137 268 GLY A CA  
411 C C   . GLY A 56 ? 0.3368 0.3012 0.4113 0.0002  -0.0175 -0.0080 268 GLY A C   
412 O O   . GLY A 56 ? 0.2915 0.2587 0.3782 0.0014  -0.0291 -0.0072 268 GLY A O   
413 N N   . MET A 57 ? 0.2678 0.2295 0.3353 -0.0079 -0.0095 -0.0040 269 MET A N   
414 C CA  . MET A 57 ? 0.3905 0.3525 0.4615 -0.0157 -0.0136 0.0007  269 MET A CA  
415 C C   . MET A 57 ? 0.4065 0.3609 0.4759 -0.0124 -0.0225 0.0050  269 MET A C   
416 O O   . MET A 57 ? 0.3605 0.3180 0.4374 -0.0162 -0.0300 0.0086  269 MET A O   
417 C CB  . MET A 57 ? 0.3247 0.2813 0.3857 -0.0239 -0.0016 0.0022  269 MET A CB  
418 C CG  . MET A 57 ? 0.3986 0.3644 0.4647 -0.0309 0.0063  -0.0015 269 MET A CG  
419 S SD  . MET A 57 ? 0.5349 0.4892 0.5886 -0.0412 0.0210  -0.0007 269 MET A SD  
420 C CE  . MET A 57 ? 0.7799 0.7301 0.8307 -0.0474 0.0150  0.0017  269 MET A CE  
421 N N   . MET A 58 ? 0.4056 0.3507 0.4652 -0.0058 -0.0217 0.0056  270 MET A N   
422 C CA  . MET A 58 ? 0.3290 0.2688 0.3899 -0.0031 -0.0303 0.0098  270 MET A CA  
423 C C   . MET A 58 ? 0.3653 0.3077 0.4383 0.0009  -0.0437 0.0078  270 MET A C   
424 O O   . MET A 58 ? 0.4244 0.3659 0.5051 -0.0008 -0.0518 0.0123  270 MET A O   
425 C CB  . MET A 58 ? 0.2626 0.1935 0.3106 0.0031  -0.0271 0.0112  270 MET A CB  
426 C CG  . MET A 58 ? 0.3217 0.2463 0.3595 0.0000  -0.0146 0.0153  270 MET A CG  
427 S SD  . MET A 58 ? 0.4187 0.3333 0.4413 0.0088  -0.0121 0.0188  270 MET A SD  
428 C CE  . MET A 58 ? 0.4279 0.3444 0.4609 0.0124  -0.0262 0.0226  270 MET A CE  
429 N N   . ALA A 59 ? 0.3273 0.2719 0.4021 0.0063  -0.0452 0.0009  271 ALA A N   
430 C CA  . ALA A 59 ? 0.3368 0.2805 0.4228 0.0111  -0.0574 -0.0026 271 ALA A CA  
431 C C   . ALA A 59 ? 0.3612 0.3111 0.4640 0.0065  -0.0642 0.0016  271 ALA A C   
432 O O   . ALA A 59 ? 0.3109 0.2693 0.4168 0.0014  -0.0594 0.0033  271 ALA A O   
433 C CB  . ALA A 59 ? 0.3404 0.2847 0.4239 0.0187  -0.0551 -0.0122 271 ALA A CB  
434 N N   . THR A 60 ? 0.3802 0.3256 0.4935 0.0077  -0.0760 0.0037  272 THR A N   
435 C CA  . THR A 60 ? 0.4003 0.3494 0.5289 0.0046  -0.0839 0.0091  272 THR A CA  
436 C C   . THR A 60 ? 0.3388 0.2895 0.4791 0.0119  -0.0882 0.0024  272 THR A C   
437 O O   . THR A 60 ? 0.4158 0.3580 0.5574 0.0189  -0.0926 -0.0049 272 THR A O   
438 C CB  . THR A 60 ? 0.4109 0.3530 0.5473 0.0022  -0.0941 0.0156  272 THR A CB  
439 O OG1 . THR A 60 ? 0.4734 0.4157 0.6013 -0.0035 -0.0891 0.0218  272 THR A OG1 
440 C CG2 . THR A 60 ? 0.3562 0.3006 0.5071 -0.0008 -0.1025 0.0233  272 THR A CG2 
441 N N   . VAL A 61 ? 0.1486 0.3661 0.5682 0.1163  0.0363  0.1793  273 VAL A N   
442 C CA  . VAL A 61 ? 0.1637 0.3472 0.6291 0.0814  0.0521  0.2101  273 VAL A CA  
443 C C   . VAL A 61 ? 0.4081 0.5933 0.8521 0.0745  0.0608  0.2219  273 VAL A C   
444 O O   . VAL A 61 ? 0.3666 0.5395 0.7794 0.1004  0.0300  0.2121  273 VAL A O   
445 C CB  . VAL A 61 ? 0.2213 0.3463 0.7375 0.0818  0.0134  0.2251  273 VAL A CB  
446 C CG1 . VAL A 61 ? 0.2966 0.4018 0.8559 0.0592  0.0272  0.2592  273 VAL A CG1 
447 C CG2 . VAL A 61 ? 0.4199 0.5456 0.9692 0.0776  0.0139  0.2296  273 VAL A CG2 
448 N N   . LYS A 62 ? 0.5122 0.7038 0.9661 0.0425  0.0977  0.2423  274 LYS A N   
449 C CA  . LYS A 62 ? 0.6958 0.8790 1.1343 0.0296  0.1062  0.2609  274 LYS A CA  
450 C C   . LYS A 62 ? 0.6514 0.7777 1.1308 0.0218  0.1013  0.2821  274 LYS A C   
451 O O   . LYS A 62 ? 0.7157 0.8242 1.2240 0.0108  0.1208  0.2924  274 LYS A O   
452 C CB  . LYS A 62 ? 0.8855 1.1015 1.3060 -0.0023 0.1394  0.2736  274 LYS A CB  
453 C CG  . LYS A 62 ? 0.9429 1.1726 1.3752 -0.0182 0.1568  0.2652  274 LYS A CG  
454 C CD  . LYS A 62 ? 0.8864 1.0524 1.3340 -0.0303 0.1658  0.2719  274 LYS A CD  
455 C CE  . LYS A 62 ? 0.7362 0.9078 1.1721 -0.0366 0.1721  0.2569  274 LYS A CE  
456 N NZ  . LYS A 62 ? 0.4633 0.5768 0.8898 -0.0446 0.1807  0.2585  274 LYS A NZ  
457 N N   . ILE A 63 ? 0.4756 0.5786 0.9537 0.0337  0.0747  0.2897  275 ILE A N   
458 C CA  . ILE A 63 ? 0.4886 0.5518 1.0127 0.0298  0.0676  0.3150  275 ILE A CA  
459 C C   . ILE A 63 ? 0.5641 0.6090 1.0650 0.0338  0.0515  0.3263  275 ILE A C   
460 O O   . ILE A 63 ? 0.5945 0.6487 1.0518 0.0510  0.0268  0.3118  275 ILE A O   
461 C CB  . ILE A 63 ? 0.6076 0.6580 1.1904 0.0395  0.0340  0.3221  275 ILE A CB  
462 C CG1 . ILE A 63 ? 0.5765 0.6135 1.2229 0.0357  0.0348  0.3597  275 ILE A CG1 
463 C CG2 . ILE A 63 ? 0.7373 0.7703 1.2974 0.0592  -0.0218 0.3031  275 ILE A CG2 
464 C CD1 . ILE A 63 ? 0.6540 0.6938 1.3723 0.0352  -0.0075 0.3798  275 ILE A CD1 
465 N N   . MET A 64 ? 0.5617 0.5801 1.0830 0.0251  0.0650  0.3512  276 MET A N   
466 C CA  . MET A 64 ? 0.5524 0.5505 1.0516 0.0281  0.0502  0.3655  276 MET A CA  
467 C C   . MET A 64 ? 0.6584 0.6314 1.2149 0.0385  0.0243  0.3888  276 MET A C   
468 O O   . MET A 64 ? 0.5479 0.5272 1.1676 0.0408  0.0286  0.4031  276 MET A O   
469 C CB  . MET A 64 ? 0.6900 0.6740 1.1536 0.0080  0.0812  0.3794  276 MET A CB  
470 C CG  . MET A 64 ? 0.7284 0.6739 1.2202 0.0059  0.1022  0.3929  276 MET A CG  
471 S SD  . MET A 64 ? 1.4304 1.3333 1.8713 -0.0173 0.1185  0.4024  276 MET A SD  
472 C CE  . MET A 64 ? 1.0049 0.8601 1.4745 0.0121  0.1253  0.4081  276 MET A CE  
473 N N   . ASP A 65 ? 0.9113 0.8663 1.4478 0.0460  -0.0025 0.3976  277 ASP A N   
474 C CA  . ASP A 65 ? 1.1009 1.0380 1.6934 0.0541  -0.0297 0.4250  277 ASP A CA  
475 C C   . ASP A 65 ? 1.1129 1.0282 1.7016 0.0539  -0.0022 0.4486  277 ASP A C   
476 O O   . ASP A 65 ? 1.0903 1.0124 1.6930 0.0520  0.0356  0.4487  277 ASP A O   
477 C CB  . ASP A 65 ? 1.2681 1.1883 1.8379 0.0669  -0.0874 0.4186  277 ASP A CB  
478 C CG  . ASP A 65 ? 1.3281 1.2448 1.9311 0.0718  -0.1386 0.4059  277 ASP A CG  
479 O OD1 . ASP A 65 ? 1.2637 1.1941 1.9543 0.0609  -0.1450 0.4300  277 ASP A OD1 
480 O OD2 . ASP A 65 ? 1.4186 1.3184 1.9577 0.0894  -0.1752 0.3744  277 ASP A OD2 
481 N N   . GLN B 1  ? 1.7643 0.9555 0.8684 -0.2869 0.0652  -0.0505 213 GLN B N   
482 C CA  . GLN B 1  ? 1.7980 0.9669 0.9841 -0.2514 -0.0150 -0.0415 213 GLN B CA  
483 C C   . GLN B 1  ? 1.8192 0.9447 0.9275 -0.2216 0.0124  -0.0317 213 GLN B C   
484 O O   . GLN B 1  ? 1.8732 1.0395 0.9162 -0.2189 0.1069  -0.0347 213 GLN B O   
485 C CB  . GLN B 1  ? 1.9540 0.9209 1.0766 -0.2724 -0.1363 -0.0333 213 GLN B CB  
486 C CG  . GLN B 1  ? 1.8582 0.9148 1.1802 -0.2661 -0.1977 -0.0412 213 GLN B CG  
487 C CD  . GLN B 1  ? 1.7172 0.9327 1.2383 -0.2219 -0.1998 -0.0440 213 GLN B CD  
488 O OE1 . GLN B 1  ? 1.7416 0.9131 1.2387 -0.1967 -0.2214 -0.0327 213 GLN B OE1 
489 N NE2 . GLN B 1  ? 1.5031 0.8933 1.2098 -0.2165 -0.1751 -0.0599 213 GLN B NE2 
490 N N   . SER B 2  ? 1.7049 0.7499 0.8311 -0.1994 -0.0697 -0.0206 214 SER B N   
491 C CA  . SER B 2  ? 1.7509 0.7161 0.7826 -0.1744 -0.0607 -0.0098 214 SER B CA  
492 C C   . SER B 2  ? 1.4389 0.6141 0.6214 -0.1282 0.0046  -0.0127 214 SER B C   
493 O O   . SER B 2  ? 1.3411 0.5556 0.6264 -0.0994 -0.0431 -0.0071 214 SER B O   
494 C CB  . SER B 2  ? 2.0359 0.8329 0.8249 -0.2012 -0.0042 -0.0088 214 SER B CB  
495 O OG  . SER B 2  ? 2.1908 0.8280 0.8449 -0.1889 -0.0289 0.0032  214 SER B OG  
496 N N   . VAL B 3  ? 1.2754 0.5815 0.4733 -0.1237 0.1104  -0.0206 215 VAL B N   
497 C CA  . VAL B 3  ? 0.9573 0.4734 0.3098 -0.0839 0.1671  -0.0214 215 VAL B CA  
498 C C   . VAL B 3  ? 0.8152 0.5045 0.3693 -0.0826 0.1417  -0.0283 215 VAL B C   
499 O O   . VAL B 3  ? 0.7531 0.5641 0.4337 -0.0526 0.1415  -0.0263 215 VAL B O   
500 C CB  . VAL B 3  ? 1.0324 0.6488 0.3685 -0.0810 0.2808  -0.0263 215 VAL B CB  
501 C CG1 . VAL B 3  ? 0.8769 0.7290 0.4127 -0.0508 0.3158  -0.0258 215 VAL B CG1 
502 C CG2 . VAL B 3  ? 1.3550 0.8309 0.5273 -0.0678 0.3248  -0.0222 215 VAL B CG2 
503 N N   . ILE B 4  ? 0.7500 0.4395 0.3240 -0.1180 0.1232  -0.0374 216 ILE B N   
504 C CA  . ILE B 4  ? 0.5537 0.3866 0.3056 -0.1221 0.1048  -0.0475 216 ILE B CA  
505 C C   . ILE B 4  ? 0.5458 0.3448 0.3875 -0.1030 0.0241  -0.0460 216 ILE B C   
506 O O   . ILE B 4  ? 0.4436 0.3782 0.4289 -0.0847 0.0332  -0.0506 216 ILE B O   
507 C CB  . ILE B 4  ? 0.6282 0.4367 0.3714 -0.1643 0.0932  -0.0583 216 ILE B CB  
508 C CG1 . ILE B 4  ? 0.7252 0.6005 0.4097 -0.1874 0.1802  -0.0616 216 ILE B CG1 
509 C CG2 . ILE B 4  ? 0.4829 0.4080 0.4053 -0.1676 0.0683  -0.0713 216 ILE B CG2 
510 C CD1 . ILE B 4  ? 0.8892 0.7364 0.5486 -0.2327 0.1747  -0.0718 216 ILE B CD1 
511 N N   . SER B 5  ? 0.5903 0.2014 0.3439 -0.1109 -0.0560 -0.0388 217 SER B N   
512 C CA  . SER B 5  ? 0.6846 0.2515 0.5279 -0.0949 -0.1396 -0.0355 217 SER B CA  
513 C C   . SER B 5  ? 0.6358 0.2660 0.5218 -0.0585 -0.1228 -0.0285 217 SER B C   
514 O O   . SER B 5  ? 0.6319 0.3441 0.6686 -0.0446 -0.1467 -0.0342 217 SER B O   
515 C CB  . SER B 5  ? 0.8774 0.2129 0.5962 -0.1115 -0.2363 -0.0230 217 SER B CB  
516 O OG  . SER B 5  ? 1.0635 0.3585 0.8223 -0.1392 -0.2833 -0.0306 217 SER B OG  
517 N N   . ALA B 6  ? 0.6218 0.2077 0.3745 -0.0443 -0.0783 -0.0178 218 ALA B N   
518 C CA  . ALA B 6  ? 0.5485 0.1755 0.3245 -0.0086 -0.0649 -0.0097 218 ALA B CA  
519 C C   . ALA B 6  ? 0.4446 0.2931 0.3738 0.0078  -0.0015 -0.0178 218 ALA B C   
520 O O   . ALA B 6  ? 0.3636 0.2746 0.3845 0.0284  -0.0142 -0.0164 218 ALA B O   
521 C CB  . ALA B 6  ? 0.6645 0.1785 0.2580 0.0036  -0.0272 0.0018  218 ALA B CB  
522 N N   . ASN B 7  ? 0.2149 0.2466 0.4655 -0.1342 -0.0087 -0.1202 219 ASN B N   
523 C CA  . ASN B 7  ? 0.2179 0.2564 0.4535 -0.1412 -0.0566 -0.1194 219 ASN B CA  
524 C C   . ASN B 7  ? 0.4190 0.3947 0.5323 -0.1197 -0.0615 -0.1166 219 ASN B C   
525 O O   . ASN B 7  ? 0.3950 0.3799 0.4866 -0.1075 -0.0902 -0.1059 219 ASN B O   
526 C CB  . ASN B 7  ? 0.2670 0.3020 0.5280 -0.1858 -0.0817 -0.1381 219 ASN B CB  
527 C CG  . ASN B 7  ? 0.6132 0.7348 1.0143 -0.2034 -0.0967 -0.1346 219 ASN B CG  
528 O OD1 . ASN B 7  ? 0.4864 0.6497 0.9588 -0.1852 -0.0685 -0.1239 219 ASN B OD1 
529 N ND2 . ASN B 7  ? 0.6899 0.8368 1.1276 -0.2371 -0.1394 -0.1422 219 ASN B ND2 
530 N N   . GLU B 8  ? 0.3346 0.2415 0.3654 -0.1139 -0.0310 -0.1255 220 GLU B N   
531 C CA  . GLU B 8  ? 0.4375 0.2783 0.3526 -0.0906 -0.0258 -0.1231 220 GLU B CA  
532 C C   . GLU B 8  ? 0.4130 0.2843 0.3263 -0.0495 -0.0100 -0.1018 220 GLU B C   
533 O O   . GLU B 8  ? 0.4848 0.3340 0.3370 -0.0326 -0.0194 -0.0951 220 GLU B O   
534 C CB  . GLU B 8  ? 0.4776 0.2350 0.3104 -0.0905 0.0068  -0.1359 220 GLU B CB  
535 C CG  . GLU B 8  ? 0.5686 0.2754 0.3725 -0.1366 -0.0103 -0.1594 220 GLU B CG  
536 C CD  . GLU B 8  ? 0.6691 0.2847 0.3899 -0.1376 0.0269  -0.1721 220 GLU B CD  
537 O OE1 . GLU B 8  ? 0.6498 0.2584 0.3627 -0.1041 0.0639  -0.1614 220 GLU B OE1 
538 O OE2 . GLU B 8  ? 0.7083 0.2563 0.3677 -0.1730 0.0180  -0.1920 220 GLU B OE2 
539 N N   . ILE B 9  ? 0.3449 0.2646 0.3223 -0.0377 0.0145  -0.0917 221 ILE B N   
540 C CA  . ILE B 9  ? 0.3442 0.3019 0.3296 -0.0070 0.0279  -0.0719 221 ILE B CA  
541 C C   . ILE B 9  ? 0.2777 0.2787 0.3016 -0.0087 -0.0028 -0.0628 221 ILE B C   
542 O O   . ILE B 9  ? 0.3504 0.3470 0.3313 0.0112  -0.0055 -0.0520 221 ILE B O   
543 C CB  . ILE B 9  ? 0.3455 0.3397 0.3837 -0.0022 0.0577  -0.0639 221 ILE B CB  
544 C CG1 . ILE B 9  ? 0.4313 0.3779 0.4137 0.0101  0.0865  -0.0662 221 ILE B CG1 
545 C CG2 . ILE B 9  ? 0.2700 0.3135 0.3292 0.0180  0.0653  -0.0443 221 ILE B CG2 
546 C CD1 . ILE B 9  ? 0.3480 0.3144 0.3703 0.0055  0.1104  -0.0615 221 ILE B CD1 
547 N N   . MET B 10 ? 0.2217 0.2608 0.3247 -0.0316 -0.0247 -0.0665 222 MET B N   
548 C CA  . MET B 10 ? 0.2256 0.3032 0.3681 -0.0309 -0.0575 -0.0558 222 MET B CA  
549 C C   . MET B 10 ? 0.3750 0.4105 0.4362 -0.0302 -0.0927 -0.0564 222 MET B C   
550 O O   . MET B 10 ? 0.3256 0.3705 0.3721 -0.0154 -0.1080 -0.0424 222 MET B O   
551 C CB  . MET B 10 ? 0.1969 0.3227 0.4442 -0.0545 -0.0757 -0.0597 222 MET B CB  
552 C CG  . MET B 10 ? 0.4220 0.6014 0.7388 -0.0430 -0.0925 -0.0419 222 MET B CG  
553 S SD  . MET B 10 ? 0.3614 0.5616 0.6953 -0.0192 -0.0470 -0.0260 222 MET B SD  
554 C CE  . MET B 10 ? 0.5189 0.7529 0.9236 -0.0101 -0.0662 -0.0083 222 MET B CE  
555 N N   . ASP B 11 ? 0.3379 0.3182 0.3369 -0.0487 -0.1036 -0.0728 223 ASP B N   
556 C CA  . ASP B 11 ? 0.4757 0.3979 0.3760 -0.0525 -0.1328 -0.0755 223 ASP B CA  
557 C C   . ASP B 11 ? 0.4667 0.3483 0.2790 -0.0195 -0.1050 -0.0661 223 ASP B C   
558 O O   . ASP B 11 ? 0.5363 0.3926 0.2909 -0.0146 -0.1264 -0.0593 223 ASP B O   
559 C CB  . ASP B 11 ? 0.5427 0.3989 0.3785 -0.0825 -0.1424 -0.0969 223 ASP B CB  
560 C CG  . ASP B 11 ? 0.7332 0.6274 0.6427 -0.1232 -0.1845 -0.1058 223 ASP B CG  
561 O OD1 . ASP B 11 ? 0.7786 0.7525 0.7944 -0.1227 -0.2057 -0.0936 223 ASP B OD1 
562 O OD2 . ASP B 11 ? 0.8856 0.7295 0.7474 -0.1561 -0.1945 -0.1246 223 ASP B OD2 
563 N N   . LEU B 12 ? 0.3762 0.4332 0.2364 -0.1618 -0.0465 -0.0255 224 LEU B N   
564 C CA  . LEU B 12 ? 0.4733 0.4756 0.3119 -0.1608 -0.0424 -0.0299 224 LEU B CA  
565 C C   . LEU B 12 ? 0.4584 0.4513 0.3304 -0.1317 -0.0450 -0.0165 224 LEU B C   
566 O O   . LEU B 12 ? 0.4699 0.4467 0.3334 -0.1326 -0.0503 -0.0039 224 LEU B O   
567 C CB  . LEU B 12 ? 0.4648 0.4227 0.2850 -0.1604 -0.0263 -0.0533 224 LEU B CB  
568 C CG  . LEU B 12 ? 0.5055 0.4597 0.2944 -0.1880 -0.0140 -0.0592 224 LEU B CG  
569 C CD1 . LEU B 12 ? 0.5285 0.4611 0.3186 -0.1773 0.0102  -0.0642 224 LEU B CD1 
570 C CD2 . LEU B 12 ? 0.6056 0.5391 0.3646 -0.2088 -0.0105 -0.0496 224 LEU B CD2 
571 N N   . LEU B 13 ? 0.3232 0.3264 0.2354 -0.1065 -0.0386 -0.0200 225 LEU B N   
572 C CA  . LEU B 13 ? 0.3093 0.2991 0.2607 -0.0784 -0.0333 -0.0103 225 LEU B CA  
573 C C   . LEU B 13 ? 0.3085 0.3318 0.2801 -0.0725 -0.0443 0.0261  225 LEU B C   
574 O O   . LEU B 13 ? 0.3575 0.3564 0.3369 -0.0617 -0.0425 0.0390  225 LEU B O   
575 C CB  . LEU B 13 ? 0.3049 0.3049 0.2989 -0.0565 -0.0203 -0.0230 225 LEU B CB  
576 C CG  . LEU B 13 ? 0.3495 0.3227 0.3278 -0.0593 -0.0075 -0.0573 225 LEU B CG  
577 C CD1 . LEU B 13 ? 0.2332 0.2325 0.2487 -0.0452 0.0037  -0.0724 225 LEU B CD1 
578 C CD2 . LEU B 13 ? 0.3256 0.2494 0.2959 -0.0540 0.0025  -0.0703 225 LEU B CD2 
579 N N   . ARG B 14 ? 0.2836 0.3678 0.2632 -0.0803 -0.0555 0.0444  226 ARG B N   
580 C CA  . ARG B 14 ? 0.3785 0.5123 0.3795 -0.0746 -0.0664 0.0841  226 ARG B CA  
581 C C   . ARG B 14 ? 0.4729 0.6024 0.4336 -0.0977 -0.0776 0.0935  226 ARG B C   
582 O O   . ARG B 14 ? 0.3216 0.4690 0.3001 -0.0862 -0.0822 0.1251  226 ARG B O   
583 C CB  . ARG B 14 ? 0.3819 0.5932 0.3979 -0.0812 -0.0765 0.1010  226 ARG B CB  
584 C CG  . ARG B 14 ? 0.5388 0.7620 0.6007 -0.0563 -0.0658 0.0974  226 ARG B CG  
585 C CD  . ARG B 14 ? 0.6614 0.9691 0.7473 -0.0567 -0.0765 0.1263  226 ARG B CD  
586 N NE  . ARG B 14 ? 0.7557 1.0771 0.8719 -0.0432 -0.0684 0.1150  226 ARG B NE  
587 C CZ  . ARG B 14 ? 0.7496 1.0843 0.8412 -0.0644 -0.0717 0.0905  226 ARG B CZ  
588 N NH1 . ARG B 14 ? 0.6779 1.0099 0.7162 -0.1003 -0.0798 0.0742  226 ARG B NH1 
589 N NH2 . ARG B 14 ? 0.7981 1.1472 0.9203 -0.0502 -0.0641 0.0822  226 ARG B NH2 
590 N N   . GLY B 15 ? 0.3071 0.4144 0.2162 -0.1298 -0.0794 0.0676  227 GLY B N   
591 C CA  . GLY B 15 ? 0.3973 0.4947 0.2663 -0.1549 -0.0865 0.0707  227 GLY B CA  
592 C C   . GLY B 15 ? 0.3668 0.4022 0.2381 -0.1362 -0.0799 0.0709  227 GLY B C   
593 O O   . GLY B 15 ? 0.3795 0.4190 0.2437 -0.1393 -0.0869 0.0906  227 GLY B O   
594 N N   . MET B 16 ? 0.3443 0.3273 0.2262 -0.1178 -0.0657 0.0483  228 MET B N   
595 C CA  . MET B 16 ? 0.4648 0.3912 0.3521 -0.1004 -0.0568 0.0444  228 MET B CA  
596 C C   . MET B 16 ? 0.3799 0.3202 0.3190 -0.0697 -0.0534 0.0743  228 MET B C   
597 O O   . MET B 16 ? 0.4201 0.3301 0.3602 -0.0618 -0.0508 0.0845  228 MET B O   
598 C CB  . MET B 16 ? 0.4465 0.3255 0.3307 -0.0930 -0.0412 0.0105  228 MET B CB  
599 C CG  . MET B 16 ? 0.6223 0.4836 0.4583 -0.1196 -0.0402 -0.0124 228 MET B CG  
600 S SD  . MET B 16 ? 0.7590 0.5905 0.5969 -0.1092 -0.0227 -0.0449 228 MET B SD  
601 C CE  . MET B 16 ? 0.4814 0.2626 0.3233 -0.0935 -0.0137 -0.0506 228 MET B CE  
602 N N   . ASP B 17 ? 0.3222 0.3070 0.3062 -0.0517 -0.0510 0.0902  229 ASP B N   
603 C CA  . ASP B 17 ? 0.3808 0.3838 0.4213 -0.0204 -0.0433 0.1258  229 ASP B CA  
604 C C   . ASP B 17 ? 0.3499 0.3928 0.3809 -0.0280 -0.0590 0.1649  229 ASP B C   
605 O O   . ASP B 17 ? 0.3638 0.3943 0.4207 -0.0082 -0.0521 0.1905  229 ASP B O   
606 C CB  . ASP B 17 ? 0.4455 0.5011 0.5351 -0.0022 -0.0390 0.1424  229 ASP B CB  
607 C CG  . ASP B 17 ? 0.6054 0.6294 0.7162 0.0096  -0.0204 0.1077  229 ASP B CG  
608 O OD1 . ASP B 17 ? 0.5964 0.5605 0.6967 0.0103  -0.0070 0.0758  229 ASP B OD1 
609 O OD2 . ASP B 17 ? 0.5656 0.6312 0.7046 0.0171  -0.0190 0.1126  229 ASP B OD2 
610 N N   . ALA B 18 ? 0.4814 0.3934 0.3640 -0.1466 -0.0295 -0.1599 230 ALA B N   
611 C CA  . ALA B 18 ? 0.4098 0.3034 0.3096 -0.0957 -0.0503 -0.1229 230 ALA B CA  
612 C C   . ALA B 18 ? 0.5171 0.4342 0.3820 -0.0800 -0.0639 -0.0783 230 ALA B C   
613 O O   . ALA B 18 ? 0.4746 0.3845 0.3711 -0.0580 -0.0666 -0.0507 230 ALA B O   
614 C CB  . ALA B 18 ? 0.3744 0.2602 0.2534 -0.0663 -0.0711 -0.1206 230 ALA B CB  
615 N N   . ARG B 19 ? 0.4385 0.3891 0.2482 -0.0922 -0.0701 -0.0653 231 ARG B N   
616 C CA  . ARG B 19 ? 0.4645 0.4399 0.2505 -0.0801 -0.0775 -0.0211 231 ARG B CA  
617 C C   . ARG B 19 ? 0.4761 0.4538 0.3014 -0.1020 -0.0641 -0.0176 231 ARG B C   
618 O O   . ARG B 19 ? 0.4313 0.4096 0.2684 -0.0761 -0.0684 0.0197  231 ARG B O   
619 C CB  . ARG B 19 ? 0.4417 0.4604 0.1856 -0.0974 -0.0818 -0.0023 231 ARG B CB  
620 C CG  . ARG B 19 ? 0.5960 0.6124 0.3143 -0.0647 -0.0917 0.0113  231 ARG B CG  
621 C CD  . ARG B 19 ? 0.5947 0.6558 0.3051 -0.0697 -0.0900 0.0524  231 ARG B CD  
622 N NE  . ARG B 19 ? 0.5524 0.6049 0.2705 -0.0404 -0.0872 0.0588  231 ARG B NE  
623 C CZ  . ARG B 19 ? 0.5132 0.5364 0.2257 0.0022  -0.0852 0.0617  231 ARG B CZ  
624 N NH1 . ARG B 19 ? 0.5438 0.5510 0.2473 0.0215  -0.0865 0.0656  231 ARG B NH1 
625 N NH2 . ARG B 19 ? 0.6561 0.6696 0.3670 0.0231  -0.0818 0.0607  231 ARG B NH2 
626 N N   . LEU B 20 ? 0.4197 0.4008 0.2659 -0.1525 -0.0449 -0.0584 232 LEU B N   
627 C CA  . LEU B 20 ? 0.4435 0.4231 0.3367 -0.1820 -0.0266 -0.0669 232 LEU B CA  
628 C C   . LEU B 20 ? 0.4935 0.4323 0.4645 -0.1499 -0.0171 -0.0566 232 LEU B C   
629 O O   . LEU B 20 ? 0.4097 0.3507 0.4201 -0.1459 -0.0124 -0.0290 232 LEU B O   
630 C CB  . LEU B 20 ? 0.4808 0.4680 0.3809 -0.2481 -0.0013 -0.1279 232 LEU B CB  
631 C CG  . LEU B 20 ? 0.6330 0.6827 0.4801 -0.3002 -0.0082 -0.1235 232 LEU B CG  
632 C CD1 . LEU B 20 ? 0.4888 0.5522 0.3607 -0.3024 -0.0115 -0.0889 232 LEU B CD1 
633 C CD2 . LEU B 20 ? 0.6267 0.7201 0.4095 -0.2852 -0.0350 -0.0833 232 LEU B CD2 
634 N N   . GLN B 21 ? 0.4318 0.3396 0.4337 -0.1280 -0.0152 -0.0715 233 GLN B N   
635 C CA  . GLN B 21 ? 0.5556 0.4374 0.6450 -0.0989 -0.0084 -0.0492 233 GLN B CA  
636 C C   . GLN B 21 ? 0.4645 0.3668 0.5295 -0.0508 -0.0366 0.0170  233 GLN B C   
637 O O   . GLN B 21 ? 0.3958 0.2993 0.5257 -0.0342 -0.0323 0.0553  233 GLN B O   
638 C CB  . GLN B 21 ? 0.6662 0.5190 0.8034 -0.0897 -0.0014 -0.0738 233 GLN B CB  
639 C CG  . GLN B 21 ? 0.8955 0.7234 1.1612 -0.0775 0.0196  -0.0577 233 GLN B CG  
640 C CD  . GLN B 21 ? 1.1447 0.9534 1.4907 -0.1166 0.0629  -0.0876 233 GLN B CD  
641 O OE1 . GLN B 21 ? 1.2472 1.0431 1.7047 -0.1043 0.0804  -0.0580 233 GLN B OE1 
642 N NE2 . GLN B 21 ? 1.2048 1.0164 1.4991 -0.1673 0.0809  -0.1452 233 GLN B NE2 
643 N N   . HIS B 22 ? 0.4096 0.3307 0.3860 -0.0307 -0.0611 0.0301  234 HIS B N   
644 C CA  . HIS B 22 ? 0.4883 0.4311 0.4262 0.0096  -0.0813 0.0823  234 HIS B CA  
645 C C   . HIS B 22 ? 0.4946 0.4597 0.4294 0.0053  -0.0746 0.1160  234 HIS B C   
646 O O   . HIS B 22 ? 0.4929 0.4718 0.4502 0.0301  -0.0776 0.1626  234 HIS B O   
647 C CB  . HIS B 22 ? 0.4828 0.4327 0.3372 0.0276  -0.0991 0.0761  234 HIS B CB  
648 C CG  . HIS B 22 ? 0.6024 0.5332 0.4623 0.0324  -0.1087 0.0464  234 HIS B CG  
649 N ND1 . HIS B 22 ? 0.5947 0.5210 0.4061 0.0304  -0.1151 0.0190  234 HIS B ND1 
650 C CD2 . HIS B 22 ? 0.5612 0.4793 0.4829 0.0384  -0.1120 0.0450  234 HIS B CD2 
651 C CE1 . HIS B 22 ? 0.5837 0.4935 0.4194 0.0344  -0.1234 -0.0016 234 HIS B CE1 
652 N NE2 . HIS B 22 ? 0.6085 0.5145 0.5113 0.0391  -0.1223 0.0149  234 HIS B NE2 
653 N N   . LEU B 23 ? 0.1548 0.4211 0.3611 -0.1218 0.0109  -0.0545 235 LEU B N   
654 C CA  . LEU B 23 ? 0.2797 0.4911 0.4383 -0.1289 0.0135  -0.0384 235 LEU B CA  
655 C C   . LEU B 23 ? 0.2648 0.4310 0.3955 -0.1064 0.0140  -0.0395 235 LEU B C   
656 O O   . LEU B 23 ? 0.2587 0.3764 0.3466 -0.1066 0.0090  -0.0291 235 LEU B O   
657 C CB  . LEU B 23 ? 0.2556 0.4588 0.3888 -0.1479 0.0325  -0.0373 235 LEU B CB  
658 C CG  . LEU B 23 ? 0.3033 0.4917 0.3973 -0.1516 0.0298  -0.0251 235 LEU B CG  
659 C CD1 . LEU B 23 ? 0.4575 0.6486 0.5305 -0.1623 0.0444  -0.0261 235 LEU B CD1 
660 C CD2 . LEU B 23 ? 0.2023 0.3673 0.2606 -0.1486 0.0190  -0.0133 235 LEU B CD2 
661 N N   . GLU B 24 ? 0.2448 0.4205 0.3933 -0.0875 0.0233  -0.0538 236 GLU B N   
662 C CA  . GLU B 24 ? 0.3304 0.4447 0.4407 -0.0606 0.0291  -0.0546 236 GLU B CA  
663 C C   . GLU B 24 ? 0.3881 0.4730 0.4765 -0.0220 0.0073  -0.0447 236 GLU B C   
664 O O   . GLU B 24 ? 0.4302 0.4321 0.4562 -0.0122 0.0121  -0.0351 236 GLU B O   
665 C CB  . GLU B 24 ? 0.3263 0.4573 0.4601 -0.0419 0.0449  -0.0736 236 GLU B CB  
666 C CG  . GLU B 24 ? 0.6839 0.7879 0.7946 -0.0740 0.0736  -0.0803 236 GLU B CG  
667 C CD  . GLU B 24 ? 0.9298 1.0100 1.0365 -0.0497 0.0933  -0.0974 236 GLU B CD  
668 O OE1 . GLU B 24 ? 0.9964 1.0415 1.0730 -0.0758 0.1196  -0.1051 236 GLU B OE1 
669 O OE2 . GLU B 24 ? 1.0394 1.1417 1.1726 -0.0031 0.0832  -0.1056 236 GLU B OE2 
670 N N   . GLN B 25 ? 0.3314 0.4836 0.4649 -0.0030 -0.0142 -0.0487 237 GLN B N   
671 C CA  . GLN B 25 ? 0.3798 0.5190 0.4934 0.0358  -0.0383 -0.0392 237 GLN B CA  
672 C C   . GLN B 25 ? 0.3822 0.4692 0.4500 0.0104  -0.0450 -0.0200 237 GLN B C   
673 O O   . GLN B 25 ? 0.3816 0.3999 0.3917 0.0323  -0.0515 -0.0068 237 GLN B O   
674 C CB  . GLN B 25 ? 0.3744 0.6197 0.5515 0.0532  -0.0587 -0.0544 237 GLN B CB  
675 C CG  . GLN B 25 ? 0.6411 0.9554 0.8669 0.0812  -0.0530 -0.0797 237 GLN B CG  
676 C CD  . GLN B 25 ? 1.0243 1.3185 1.2250 0.1542  -0.0645 -0.0790 237 GLN B CD  
677 O OE1 . GLN B 25 ? 1.2180 1.4929 1.3854 0.1910  -0.0872 -0.0649 237 GLN B OE1 
678 N NE2 . GLN B 25 ? 1.1140 1.4103 1.3254 0.1792  -0.0481 -0.0942 237 GLN B NE2 
679 N N   . LYS B 26 ? 0.2870 0.4022 0.3742 -0.0340 -0.0414 -0.0191 238 LYS B N   
680 C CA  . LYS B 26 ? 0.3323 0.4122 0.3831 -0.0586 -0.0464 -0.0054 238 LYS B CA  
681 C C   . LYS B 26 ? 0.3709 0.3733 0.3590 -0.0751 -0.0275 -0.0012 238 LYS B C   
682 O O   . LYS B 26 ? 0.3821 0.3257 0.3161 -0.0754 -0.0304 0.0075  238 LYS B O   
683 C CB  . LYS B 26 ? 0.2941 0.4207 0.3763 -0.0931 -0.0444 -0.0064 238 LYS B CB  
684 C CG  . LYS B 26 ? 0.2519 0.4433 0.3829 -0.0904 -0.0567 -0.0144 238 LYS B CG  
685 C CD  . LYS B 26 ? 0.3487 0.5548 0.4877 -0.1193 -0.0417 -0.0146 238 LYS B CD  
686 C CE  . LYS B 26 ? 0.4642 0.7195 0.6368 -0.1232 -0.0383 -0.0301 238 LYS B CE  
687 N NZ  . LYS B 26 ? 0.3307 0.6071 0.5093 -0.1193 -0.0555 -0.0322 238 LYS B NZ  
688 N N   . VAL B 27 ? 0.3758 0.3796 0.3668 -0.0936 -0.0056 -0.0102 239 VAL B N   
689 C CA  . VAL B 27 ? 0.3639 0.3059 0.2956 -0.1184 0.0173  -0.0140 239 VAL B CA  
690 C C   . VAL B 27 ? 0.4814 0.3286 0.3501 -0.0930 0.0262  -0.0115 239 VAL B C   
691 O O   . VAL B 27 ? 0.5997 0.3765 0.4004 -0.1151 0.0403  -0.0111 239 VAL B O   
692 C CB  . VAL B 27 ? 0.4083 0.3783 0.3542 -0.1427 0.0395  -0.0270 239 VAL B CB  
693 C CG1 . VAL B 27 ? 0.3740 0.2795 0.2559 -0.1681 0.0682  -0.0384 239 VAL B CG1 
694 C CG2 . VAL B 27 ? 0.3481 0.3864 0.3241 -0.1674 0.0339  -0.0248 239 VAL B CG2 
695 N N   . ASP B 28 ? 0.3980 0.2417 0.2828 -0.0455 0.0198  -0.0112 240 ASP B N   
696 C CA  . ASP B 28 ? 0.5068 0.2512 0.3217 -0.0058 0.0256  -0.0040 240 ASP B CA  
697 C C   . ASP B 28 ? 0.6120 0.3105 0.3767 -0.0018 0.0095  0.0128  240 ASP B C   
698 O O   . ASP B 28 ? 0.6488 0.2337 0.3217 -0.0021 0.0271  0.0192  240 ASP B O   
699 C CB  . ASP B 28 ? 0.6834 0.4555 0.5317 0.0583  0.0134  -0.0064 240 ASP B CB  
700 C CG  . ASP B 28 ? 0.8439 0.6256 0.7156 0.0590  0.0380  -0.0246 240 ASP B CG  
701 O OD1 . ASP B 28 ? 0.8001 0.5541 0.6511 0.0106  0.0660  -0.0337 240 ASP B OD1 
702 O OD2 . ASP B 28 ? 0.8327 0.6598 0.7448 0.1077  0.0294  -0.0330 240 ASP B OD2 
703 N N   . LYS B 29 ? 0.3772 0.2143 0.4506 -0.0694 0.0261  -0.0665 241 LYS B N   
704 C CA  . LYS B 29 ? 0.4979 0.3334 0.5200 -0.0066 0.0217  -0.0315 241 LYS B CA  
705 C C   . LYS B 29 ? 0.4196 0.2772 0.4305 0.0054  0.0512  -0.0250 241 LYS B C   
706 O O   . LYS B 29 ? 0.3824 0.2541 0.4007 0.0444  0.0834  0.0119  241 LYS B O   
707 C CB  . LYS B 29 ? 0.5394 0.3541 0.4707 0.0287  -0.0458 -0.0357 241 LYS B CB  
708 C CG  . LYS B 29 ? 0.6642 0.4635 0.6063 0.0327  -0.0741 -0.0252 241 LYS B CG  
709 C CD  . LYS B 29 ? 0.8518 0.6292 0.7103 0.0570  -0.1465 -0.0415 241 LYS B CD  
710 C CE  . LYS B 29 ? 0.9942 0.7591 0.8736 0.0498  -0.1815 -0.0333 241 LYS B CE  
711 N NZ  . LYS B 29 ? 1.1217 0.8631 0.9299 0.0677  -0.2557 -0.0554 241 LYS B NZ  
712 N N   . VAL B 30 ? 0.3693 0.2377 0.3682 -0.0277 0.0403  -0.0534 242 VAL B N   
713 C CA  . VAL B 30 ? 0.3858 0.2802 0.3841 -0.0205 0.0679  -0.0437 242 VAL B CA  
714 C C   . VAL B 30 ? 0.3807 0.2963 0.4729 -0.0451 0.1334  -0.0329 242 VAL B C   
715 O O   . VAL B 30 ? 0.3710 0.3047 0.4786 -0.0183 0.1673  -0.0031 242 VAL B O   
716 C CB  . VAL B 30 ? 0.4124 0.3242 0.3907 -0.0547 0.0416  -0.0687 242 VAL B CB  
717 C CG1 . VAL B 30 ? 0.3121 0.2553 0.2981 -0.0456 0.0712  -0.0513 242 VAL B CG1 
718 C CG2 . VAL B 30 ? 0.4302 0.3162 0.3361 -0.0293 -0.0205 -0.0781 242 VAL B CG2 
719 N N   . LEU B 31 ? 0.3078 0.2216 0.4691 -0.0959 0.1533  -0.0583 243 LEU B N   
720 C CA  . LEU B 31 ? 0.4310 0.3563 0.6979 -0.1218 0.2177  -0.0569 243 LEU B CA  
721 C C   . LEU B 31 ? 0.3638 0.2804 0.6720 -0.0699 0.2508  -0.0034 243 LEU B C   
722 O O   . LEU B 31 ? 0.3376 0.2707 0.7179 -0.0655 0.3007  0.0205  243 LEU B O   
723 C CB  . LEU B 31 ? 0.4550 0.3763 0.7863 -0.1816 0.2339  -0.1010 243 LEU B CB  
724 C CG  . LEU B 31 ? 0.5014 0.4563 0.8019 -0.2225 0.2223  -0.1557 243 LEU B CG  
725 C CD1 . LEU B 31 ? 0.4236 0.3828 0.7428 -0.2436 0.2359  -0.1993 243 LEU B CD1 
726 C CD2 . LEU B 31 ? 0.4306 0.4099 0.7701 -0.2407 0.2587  -0.1666 243 LEU B CD2 
727 N N   . ALA B 32 ? 0.3766 0.2746 0.6464 -0.0317 0.2224  0.0203  244 ALA B N   
728 C CA  . ALA B 32 ? 0.4638 0.3698 0.7624 0.0214  0.2470  0.0819  244 ALA B CA  
729 C C   . ALA B 32 ? 0.4731 0.4052 0.7109 0.0729  0.2478  0.1181  244 ALA B C   
730 O O   . ALA B 32 ? 0.5042 0.4616 0.7964 0.1041  0.2907  0.1712  244 ALA B O   
731 C CB  . ALA B 32 ? 0.4205 0.3123 0.6820 0.0480  0.2084  0.0996  244 ALA B CB  
732 N N   . GLN B 33 ? 0.4878 0.4168 0.6218 0.0828  0.2032  0.0926  245 GLN B N   
733 C CA  . GLN B 33 ? 0.4545 0.4081 0.5320 0.1291  0.2077  0.1189  245 GLN B CA  
734 C C   . GLN B 33 ? 0.4591 0.4386 0.6256 0.1090  0.2644  0.1354  245 GLN B C   
735 O O   . GLN B 33 ? 0.4190 0.4287 0.6042 0.1507  0.2987  0.1870  245 GLN B O   
736 C CB  . GLN B 33 ? 0.5424 0.4831 0.5220 0.1316  0.1569  0.0806  245 GLN B CB  
737 C CG  . GLN B 33 ? 0.6320 0.5706 0.5033 0.1956  0.1215  0.0907  245 GLN B CG  
738 C CD  . GLN B 33 ? 0.6390 0.5498 0.4346 0.1908  0.0651  0.0439  245 GLN B CD  
739 O OE1 . GLN B 33 ? 0.5701 0.4551 0.3127 0.2013  0.0175  0.0229  245 GLN B OE1 
740 N NE2 . GLN B 33 ? 0.4750 0.3939 0.2754 0.1748  0.0697  0.0313  245 GLN B NE2 
741 N N   . GLY B 34 ? 0.3871 0.3613 0.6111 0.0432  0.2737  0.0921  246 GLY B N   
742 C CA  . GLY B 34 ? 0.4255 0.4250 0.7387 0.0117  0.3215  0.0957  246 GLY B CA  
743 C C   . GLY B 34 ? 0.4396 0.4467 0.8720 0.0201  0.3812  0.1375  246 GLY B C   
744 O O   . GLY B 34 ? 0.5512 0.5850 1.0477 0.0258  0.4213  0.1687  246 GLY B O   
745 N N   . SER B 35 ? 0.3025 0.3857 0.8766 0.2171  0.2867  0.1753  247 SER B N   
746 C CA  . SER B 35 ? 0.3013 0.3658 0.9737 0.2235  0.3230  0.2000  247 SER B CA  
747 C C   . SER B 35 ? 0.3428 0.4178 1.0054 0.2390  0.2977  0.2517  247 SER B C   
748 O O   . SER B 35 ? 0.4680 0.5269 1.1861 0.2394  0.3266  0.2667  247 SER B O   
749 C CB  . SER B 35 ? 0.5091 0.5648 1.2857 0.2339  0.3438  0.2218  247 SER B CB  
750 O OG  . SER B 35 ? 0.6263 0.7073 1.4074 0.2536  0.2992  0.2778  247 SER B OG  
751 N N   . MET B 36 ? 0.3343 0.4352 0.9242 0.2485  0.2461  0.2772  248 MET B N   
752 C CA  . MET B 36 ? 0.4365 0.5527 1.0035 0.2572  0.2243  0.3189  248 MET B CA  
753 C C   . MET B 36 ? 0.3929 0.5147 0.8793 0.2479  0.2226  0.2873  248 MET B C   
754 O O   . MET B 36 ? 0.3973 0.5278 0.8787 0.2502  0.2209  0.3138  248 MET B O   
755 C CB  . MET B 36 ? 0.6024 0.7474 1.1462 0.2693  0.1754  0.3703  248 MET B CB  
756 C CG  . MET B 36 ? 0.6338 0.7922 1.0808 0.2659  0.1354  0.3494  248 MET B CG  
757 S SD  . MET B 36 ? 0.7487 0.9455 1.1740 0.2651  0.0882  0.4091  248 MET B SD  
758 C CE  . MET B 36 ? 0.7014 0.9045 1.2683 0.2753  0.1078  0.4639  248 MET B CE  
759 N N   . VAL B 37 ? 0.2785 0.3997 0.7073 0.2365  0.2244  0.2342  249 VAL B N   
760 C CA  . VAL B 37 ? 0.3080 0.4397 0.6805 0.2268  0.2305  0.2034  249 VAL B CA  
761 C C   . VAL B 37 ? 0.2715 0.3867 0.7117 0.2128  0.2781  0.1950  249 VAL B C   
762 O O   . VAL B 37 ? 0.3121 0.4367 0.7370 0.2075  0.2855  0.1969  249 VAL B O   
763 C CB  . VAL B 37 ? 0.3759 0.5156 0.6868 0.2156  0.2259  0.1526  249 VAL B CB  
764 C CG1 . VAL B 37 ? 0.2954 0.4552 0.5637 0.2051  0.2345  0.1257  249 VAL B CG1 
765 C CG2 . VAL B 37 ? 0.3653 0.5128 0.6107 0.2289  0.1817  0.1601  249 VAL B CG2 
766 N N   . THR B 38 ? 0.3131 0.4021 0.8309 0.2056  0.3131  0.1843  250 THR B N   
767 C CA  . THR B 38 ? 0.3725 0.4347 0.9655 0.1906  0.3654  0.1720  250 THR B CA  
768 C C   . THR B 38 ? 0.3805 0.4340 1.0274 0.2050  0.3672  0.2311  250 THR B C   
769 O O   . THR B 38 ? 0.4001 0.4411 1.0716 0.1925  0.3963  0.2283  250 THR B O   
770 C CB  . THR B 38 ? 0.4180 0.4511 1.0887 0.1827  0.4049  0.1484  250 THR B CB  
771 O OG1 . THR B 38 ? 0.4960 0.5395 1.1150 0.1590  0.4129  0.0876  250 THR B OG1 
772 C CG2 . THR B 38 ? 0.3740 0.3682 1.1417 0.1731  0.4618  0.1467  250 THR B CG2 
773 N N   . GLN B 39 ? 0.2867 0.3508 0.9505 0.2281  0.3350  0.2867  251 GLN B N   
774 C CA  . GLN B 39 ? 0.3158 0.3831 1.0214 0.2403  0.3293  0.3511  251 GLN B CA  
775 C C   . GLN B 39 ? 0.3777 0.4748 0.9961 0.2365  0.3024  0.3590  251 GLN B C   
776 O O   . GLN B 39 ? 0.3434 0.4384 0.9867 0.2331  0.3159  0.3885  251 GLN B O   
777 C CB  . GLN B 39 ? 0.4418 0.5245 1.1891 0.2619  0.2992  0.4135  251 GLN B CB  
778 C CG  . GLN B 39 ? 0.6798 0.7772 1.4577 0.2710  0.2870  0.4866  251 GLN B CG  
779 C CD  . GLN B 39 ? 0.8024 0.9195 1.6472 0.2898  0.2641  0.5572  251 GLN B CD  
780 O OE1 . GLN B 39 ? 0.8681 0.9941 1.7249 0.2967  0.2500  0.5520  251 GLN B OE1 
781 N NE2 . GLN B 39 ? 0.8978 1.0278 1.7886 0.2964  0.2592  0.6275  251 GLN B NE2 
782 N N   . ILE B 40 ? 0.3407 0.4647 0.8608 0.2370  0.2672  0.3330  252 ILE B N   
783 C CA  . ILE B 40 ? 0.3856 0.5393 0.8247 0.2348  0.2465  0.3329  252 ILE B CA  
784 C C   . ILE B 40 ? 0.3519 0.5003 0.7965 0.2161  0.2827  0.3011  252 ILE B C   
785 O O   . ILE B 40 ? 0.4053 0.5674 0.8423 0.2124  0.2855  0.3250  252 ILE B O   
786 C CB  . ILE B 40 ? 0.3516 0.5270 0.6939 0.2399  0.2104  0.3031  252 ILE B CB  
787 C CG1 . ILE B 40 ? 0.2983 0.4848 0.6216 0.2534  0.1705  0.3401  252 ILE B CG1 
788 C CG2 . ILE B 40 ? 0.2642 0.4676 0.5339 0.2371  0.2021  0.2895  252 ILE B CG2 
789 C CD1 . ILE B 40 ? 0.3487 0.5390 0.5983 0.2572  0.1422  0.3059  252 ILE B CD1 
790 N N   . LYS B 41 ? 0.4987 0.4184 0.6620 0.2449  0.3907  0.1161  253 LYS B N   
791 C CA  . LYS B 41 ? 0.5752 0.4149 0.5813 0.2262  0.3720  0.1082  253 LYS B CA  
792 C C   . LYS B 41 ? 0.6496 0.4997 0.7134 0.2289  0.3522  0.1218  253 LYS B C   
793 O O   . LYS B 41 ? 0.6320 0.4990 0.6279 0.2139  0.2895  0.1302  253 LYS B O   
794 C CB  . LYS B 41 ? 0.7477 0.4193 0.6020 0.2145  0.4513  0.0808  253 LYS B CB  
795 C CG  . LYS B 41 ? 1.0122 0.5648 0.6939 0.1892  0.4374  0.0740  253 LYS B CG  
796 C CD  . LYS B 41 ? 0.9598 0.5503 0.5418 0.1671  0.3385  0.0859  253 LYS B CD  
797 C CE  . LYS B 41 ? 1.1594 0.5862 0.5366 0.1330  0.3312  0.0777  253 LYS B CE  
798 N NZ  . LYS B 41 ? 1.1748 0.6336 0.4821 0.1093  0.2292  0.0954  253 LYS B NZ  
799 N N   . ASN B 42 ? 0.6366 0.4755 0.8381 0.2479  0.4068  0.1257  254 ASN B N   
800 C CA  . ASN B 42 ? 0.5739 0.4224 0.8525 0.2530  0.3895  0.1412  254 ASN B CA  
801 C C   . ASN B 42 ? 0.5000 0.4762 0.8495 0.2478  0.2867  0.1700  254 ASN B C   
802 O O   . ASN B 42 ? 0.5351 0.5144 0.8331 0.2360  0.2391  0.1779  254 ASN B O   
803 C CB  . ASN B 42 ? 0.5996 0.4253 1.0582 0.2772  0.4658  0.1458  254 ASN B CB  
804 C CG  . ASN B 42 ? 0.9092 0.5770 1.2873 0.2791  0.5880  0.1148  254 ASN B CG  
805 O OD1 . ASN B 42 ? 1.0663 0.6252 1.2291 0.2570  0.6042  0.0917  254 ASN B OD1 
806 N ND2 . ASN B 42 ? 0.8768 0.5187 1.4281 0.3018  0.6759  0.1160  254 ASN B ND2 
807 N N   . GLU B 43 ? 0.4335 0.5015 0.8919 0.2531  0.2557  0.1856  255 GLU B N   
808 C CA  . GLU B 43 ? 0.3263 0.4900 0.8242 0.2407  0.1639  0.2116  255 GLU B CA  
809 C C   . GLU B 43 ? 0.3949 0.5699 0.7400 0.2198  0.1166  0.2049  255 GLU B C   
810 O O   . GLU B 43 ? 0.3196 0.5327 0.6600 0.2055  0.0572  0.2213  255 GLU B O   
811 C CB  . GLU B 43 ? 0.3011 0.5344 0.8965 0.2422  0.1419  0.2256  255 GLU B CB  
812 C CG  . GLU B 43 ? 0.3179 0.5662 1.1180 0.2577  0.1558  0.2480  255 GLU B CG  
813 C CD  . GLU B 43 ? 0.3891 0.6991 1.2774 0.2533  0.1241  0.2648  255 GLU B CD  
814 O OE1 . GLU B 43 ? 0.5251 0.8537 1.3068 0.2437  0.1163  0.2510  255 GLU B OE1 
815 O OE2 . GLU B 43 ? 0.4770 0.8133 1.5474 0.2580  0.1036  0.2943  255 GLU B OE2 
816 N N   . LEU B 44 ? 0.4618 0.5978 0.6889 0.2156  0.1425  0.1833  256 LEU B N   
817 C CA  . LEU B 44 ? 0.3886 0.5375 0.5025 0.1965  0.0971  0.1815  256 LEU B CA  
818 C C   . LEU B 44 ? 0.4759 0.5817 0.5333 0.1854  0.0788  0.1842  256 LEU B C   
819 O O   . LEU B 44 ? 0.4849 0.6347 0.5271 0.1705  0.0271  0.1962  256 LEU B O   
820 C CB  . LEU B 44 ? 0.3343 0.4395 0.3449 0.1922  0.1178  0.1637  256 LEU B CB  
821 C CG  . LEU B 44 ? 0.4769 0.6317 0.5169 0.1984  0.1240  0.1609  256 LEU B CG  
822 C CD1 . LEU B 44 ? 0.4750 0.5605 0.4051 0.1933  0.1477  0.1435  256 LEU B CD1 
823 C CD2 . LEU B 44 ? 0.3153 0.5604 0.3798 0.1885  0.0694  0.1754  256 LEU B CD2 
824 N N   . SER B 45 ? 0.4896 0.4986 0.5105 0.1904  0.1281  0.1718  257 SER B N   
825 C CA  . SER B 45 ? 0.4973 0.4489 0.4612 0.1795  0.1173  0.1736  257 SER B CA  
826 C C   . SER B 45 ? 0.4665 0.4863 0.5284 0.1809  0.0746  0.1953  257 SER B C   
827 O O   . SER B 45 ? 0.5446 0.5685 0.5606 0.1647  0.0321  0.2034  257 SER B O   
828 C CB  . SER B 45 ? 0.7323 0.5543 0.6526 0.1860  0.1947  0.1556  257 SER B CB  
829 O OG  . SER B 45 ? 0.9378 0.6985 0.8123 0.1766  0.1894  0.1579  257 SER B OG  
830 N N   . THR B 46 ? 0.4479 0.5142 0.6457 0.1970  0.0810  0.2076  258 THR B N   
831 C CA  . THR B 46 ? 0.3706 0.4822 0.6570 0.1938  0.0325  0.2326  258 THR B CA  
832 C C   . THR B 46 ? 0.4295 0.6106 0.6782 0.1715  -0.0347 0.2450  258 THR B C   
833 O O   . THR B 46 ? 0.3908 0.5786 0.6175 0.1552  -0.0769 0.2573  258 THR B O   
834 C CB  . THR B 46 ? 0.3268 0.4651 0.7814 0.2117  0.0419  0.2499  258 THR B CB  
835 O OG1 . THR B 46 ? 0.4473 0.5143 0.9521 0.2339  0.1245  0.2361  258 THR B OG1 
836 C CG2 . THR B 46 ? 0.3093 0.4760 0.8487 0.2031  -0.0222 0.2813  258 THR B CG2 
837 N N   . VAL B 47 ? 0.3385 0.4766 0.2435 0.0558  0.1302  0.1111  259 VAL B N   
838 C CA  . VAL B 47 ? 0.3204 0.4132 0.2384 0.0249  0.1219  0.1053  259 VAL B CA  
839 C C   . VAL B 47 ? 0.4015 0.4784 0.3018 0.0383  0.1019  0.0802  259 VAL B C   
840 O O   . VAL B 47 ? 0.3573 0.4054 0.2710 0.0193  0.0877  0.0634  259 VAL B O   
841 C CB  . VAL B 47 ? 0.4121 0.4885 0.3393 0.0092  0.1412  0.1373  259 VAL B CB  
842 C CG1 . VAL B 47 ? 0.3435 0.3700 0.2735 -0.0134 0.1333  0.1262  259 VAL B CG1 
843 C CG2 . VAL B 47 ? 0.3888 0.4727 0.3476 -0.0121 0.1532  0.1640  259 VAL B CG2 
844 N N   . LYS B 48 ? 0.4344 0.5296 0.3054 0.0718  0.0999  0.0805  260 LYS B N   
845 C CA  . LYS B 48 ? 0.4427 0.5235 0.3034 0.0853  0.0755  0.0600  260 LYS B CA  
846 C C   . LYS B 48 ? 0.4511 0.5283 0.3217 0.0860  0.0452  0.0273  260 LYS B C   
847 O O   . LYS B 48 ? 0.4637 0.5198 0.3525 0.0774  0.0249  0.0141  260 LYS B O   
848 C CB  . LYS B 48 ? 0.4046 0.5042 0.2258 0.1238  0.0732  0.0651  260 LYS B CB  
849 C CG  . LYS B 48 ? 0.5363 0.6303 0.3535 0.1227  0.0927  0.0946  260 LYS B CG  
850 C CD  . LYS B 48 ? 0.7101 0.8291 0.4813 0.1628  0.0956  0.1057  260 LYS B CD  
851 C CE  . LYS B 48 ? 0.7720 0.8827 0.5148 0.1912  0.0579  0.0769  260 LYS B CE  
852 N NZ  . LYS B 48 ? 0.8268 0.9522 0.5158 0.2309  0.0572  0.0874  260 LYS B NZ  
853 N N   . THR B 49 ? 0.3372 0.4366 0.2009 0.0975  0.0423  0.0171  261 THR B N   
854 C CA  . THR B 49 ? 0.5030 0.5989 0.3777 0.1001  0.0108  -0.0140 261 THR B CA  
855 C C   . THR B 49 ? 0.3769 0.4509 0.2926 0.0603  0.0075  -0.0168 261 THR B C   
856 O O   . THR B 49 ? 0.3037 0.3629 0.2400 0.0532  -0.0186 -0.0342 261 THR B O   
857 C CB  . THR B 49 ? 0.4689 0.5927 0.3261 0.1245  0.0108  -0.0241 261 THR B CB  
858 O OG1 . THR B 49 ? 0.6713 0.8081 0.4797 0.1689  0.0049  -0.0299 261 THR B OG1 
859 C CG2 . THR B 49 ? 0.4522 0.5689 0.3318 0.1188  -0.0205 -0.0537 261 THR B CG2 
860 N N   . THR B 50 ? 0.2729 0.3435 0.2004 0.0349  0.0327  0.0029  262 THR B N   
861 C CA  . THR B 50 ? 0.2984 0.3421 0.2527 -0.0013 0.0312  0.0019  262 THR B CA  
862 C C   . THR B 50 ? 0.3841 0.3979 0.3440 -0.0117 0.0295  0.0034  262 THR B C   
863 O O   . THR B 50 ? 0.3932 0.3905 0.3727 -0.0266 0.0158  -0.0072 262 THR B O   
864 C CB  . THR B 50 ? 0.3409 0.3796 0.3023 -0.0248 0.0539  0.0241  262 THR B CB  
865 O OG1 . THR B 50 ? 0.3873 0.4598 0.3530 -0.0134 0.0582  0.0282  262 THR B OG1 
866 C CG2 . THR B 50 ? 0.3241 0.3285 0.3024 -0.0599 0.0477  0.0199  262 THR B CG2 
867 N N   . LEU B 51 ? 0.3742 0.3826 0.3198 -0.0024 0.0446  0.0191  263 LEU B N   
868 C CA  . LEU B 51 ? 0.3764 0.3587 0.3312 -0.0086 0.0463  0.0231  263 LEU B CA  
869 C C   . LEU B 51 ? 0.2971 0.2850 0.2703 0.0043  0.0177  0.0072  263 LEU B C   
870 O O   . LEU B 51 ? 0.3372 0.3079 0.3346 -0.0075 0.0139  0.0076  263 LEU B O   
871 C CB  . LEU B 51 ? 0.3946 0.3734 0.3344 0.0027  0.0644  0.0429  263 LEU B CB  
872 C CG  . LEU B 51 ? 0.5173 0.4761 0.4498 -0.0145 0.0910  0.0640  263 LEU B CG  
873 C CD1 . LEU B 51 ? 0.5529 0.5160 0.4742 0.0016  0.1041  0.0836  263 LEU B CD1 
874 C CD2 . LEU B 51 ? 0.4781 0.3948 0.4176 -0.0383 0.0978  0.0625  263 LEU B CD2 
875 N N   . ALA B 52 ? 0.2916 0.3025 0.2533 0.0307  -0.0034 -0.0050 264 ALA B N   
876 C CA  . ALA B 52 ? 0.2608 0.2735 0.2423 0.0445  -0.0397 -0.0206 264 ALA B CA  
877 C C   . ALA B 52 ? 0.2475 0.2569 0.2623 0.0274  -0.0594 -0.0350 264 ALA B C   
878 O O   . ALA B 52 ? 0.3349 0.3381 0.3862 0.0243  -0.0816 -0.0370 264 ALA B O   
879 C CB  . ALA B 52 ? 0.2930 0.3225 0.2432 0.0791  -0.0616 -0.0344 264 ALA B CB  
880 N N   . THR B 53 ? 0.2591 0.2747 0.2671 0.0163  -0.0523 -0.0416 265 THR B N   
881 C CA  . THR B 53 ? 0.2977 0.3104 0.3371 -0.0012 -0.0708 -0.0532 265 THR B CA  
882 C C   . THR B 53 ? 0.3345 0.3249 0.3949 -0.0284 -0.0544 -0.0380 265 THR B C   
883 O O   . THR B 53 ? 0.3054 0.2920 0.4016 -0.0353 -0.0718 -0.0385 265 THR B O   
884 C CB  . THR B 53 ? 0.3245 0.3491 0.3543 -0.0072 -0.0664 -0.0613 265 THR B CB  
885 O OG1 . THR B 53 ? 0.3432 0.3889 0.3524 0.0242  -0.0815 -0.0768 265 THR B OG1 
886 C CG2 . THR B 53 ? 0.1820 0.2008 0.2462 -0.0294 -0.0847 -0.0703 265 THR B CG2 
887 N N   . ILE B 54 ? 0.4819 0.2884 0.2454 -0.0240 -0.0127 -0.0440 266 ILE B N   
888 C CA  . ILE B 54 ? 0.5210 0.2975 0.2559 -0.0237 0.0088  -0.0480 266 ILE B CA  
889 C C   . ILE B 54 ? 0.4597 0.2806 0.2304 0.0153  0.0197  -0.0579 266 ILE B C   
890 O O   . ILE B 54 ? 0.4118 0.2498 0.1998 0.0108  0.0362  -0.0625 266 ILE B O   
891 C CB  . ILE B 54 ? 0.5689 0.2523 0.2184 -0.0263 0.0212  -0.0435 266 ILE B CB  
892 C CG1 . ILE B 54 ? 0.5779 0.2346 0.2096 -0.0708 0.0095  -0.0316 266 ILE B CG1 
893 C CG2 . ILE B 54 ? 0.5572 0.2019 0.1678 -0.0238 0.0450  -0.0491 266 ILE B CG2 
894 C CD1 . ILE B 54 ? 0.6105 0.1799 0.1653 -0.0816 0.0183  -0.0270 266 ILE B CD1 
895 N N   . GLU B 55 ? 0.4232 0.2663 0.2071 0.0542  0.0104  -0.0605 267 GLU B N   
896 C CA  . GLU B 55 ? 0.4123 0.3164 0.2447 0.0929  0.0148  -0.0700 267 GLU B CA  
897 C C   . GLU B 55 ? 0.3695 0.3628 0.2903 0.0741  0.0070  -0.0791 267 GLU B C   
898 O O   . GLU B 55 ? 0.3216 0.3561 0.2823 0.0825  0.0241  -0.0857 267 GLU B O   
899 C CB  . GLU B 55 ? 0.3483 0.2587 0.1719 0.1408  0.0006  -0.0704 267 GLU B CB  
900 C CG  . GLU B 55 ? 0.4928 0.3152 0.2312 0.1715  0.0199  -0.0630 267 GLU B CG  
901 C CD  . GLU B 55 ? 0.6516 0.4569 0.3593 0.2167  0.0066  -0.0588 267 GLU B CD  
902 O OE1 . GLU B 55 ? 0.6296 0.4823 0.3727 0.2184  -0.0202 -0.0609 267 GLU B OE1 
903 O OE2 . GLU B 55 ? 0.6936 0.4304 0.3339 0.2520  0.0242  -0.0530 267 GLU B OE2 
904 N N   . GLY B 56 ? 0.3223 0.3407 0.2709 0.0484  -0.0152 -0.0792 268 GLY B N   
905 C CA  . GLY B 56 ? 0.3136 0.3992 0.3346 0.0231  -0.0202 -0.0874 268 GLY B CA  
906 C C   . GLY B 56 ? 0.3206 0.3913 0.3394 -0.0070 0.0051  -0.0842 268 GLY B C   
907 O O   . GLY B 56 ? 0.2724 0.3937 0.3460 -0.0125 0.0183  -0.0918 268 GLY B O   
908 N N   . MET B 57 ? 0.3523 0.3529 0.3063 -0.0272 0.0122  -0.0731 269 MET B N   
909 C CA  . MET B 57 ? 0.3630 0.3367 0.2963 -0.0521 0.0342  -0.0693 269 MET B CA  
910 C C   . MET B 57 ? 0.4438 0.4210 0.3778 -0.0280 0.0636  -0.0750 269 MET B C   
911 O O   . MET B 57 ? 0.3803 0.3866 0.3481 -0.0389 0.0838  -0.0778 269 MET B O   
912 C CB  . MET B 57 ? 0.4508 0.3471 0.3069 -0.0730 0.0319  -0.0586 269 MET B CB  
913 C CG  . MET B 57 ? 0.3855 0.2828 0.2457 -0.1011 0.0086  -0.0501 269 MET B CG  
914 S SD  . MET B 57 ? 0.5312 0.3638 0.3187 -0.1204 0.0076  -0.0281 269 MET B SD  
915 C CE  . MET B 57 ? 0.5896 0.4669 0.3969 -0.1313 -0.0035 -0.0062 269 MET B CE  
916 N N   . MET B 58 ? 0.3609 0.3049 0.2547 0.0063  0.0698  -0.0754 270 MET B N   
917 C CA  . MET B 58 ? 0.4172 0.3548 0.3013 0.0351  0.1015  -0.0789 270 MET B CA  
918 C C   . MET B 58 ? 0.4043 0.4398 0.3829 0.0560  0.1083  -0.0881 270 MET B C   
919 O O   . MET B 58 ? 0.4292 0.4803 0.4237 0.0686  0.1401  -0.0903 270 MET B O   
920 C CB  . MET B 58 ? 0.5221 0.3940 0.3358 0.0711  0.1072  -0.0764 270 MET B CB  
921 C CG  . MET B 58 ? 0.5202 0.2893 0.2376 0.0459  0.1082  -0.0698 270 MET B CG  
922 S SD  . MET B 58 ? 0.6577 0.3867 0.3369 0.0113  0.1323  -0.0691 270 MET B SD  
923 C CE  . MET B 58 ? 0.7806 0.5128 0.4590 0.0575  0.1755  -0.0744 270 MET B CE  
924 N N   . ALA B 59 ? 0.3911 0.4933 0.4324 0.0585  0.0790  -0.0941 271 ALA B N   
925 C CA  . ALA B 59 ? 0.4577 0.6612 0.5948 0.0756  0.0781  -0.1056 271 ALA B CA  
926 C C   . ALA B 59 ? 0.3644 0.6125 0.5617 0.0363  0.0937  -0.1097 271 ALA B C   
927 O O   . ALA B 59 ? 0.2151 0.5413 0.4914 0.0433  0.1068  -0.1185 271 ALA B O   
928 C CB  . ALA B 59 ? 0.3985 0.6513 0.5728 0.0892  0.0378  -0.1128 271 ALA B CB  
929 N N   . THR B 60 ? 0.3490 0.5479 0.5095 -0.0046 0.0924  -0.1026 272 THR B N   
930 C CA  . THR B 60 ? 0.5125 0.7340 0.7125 -0.0429 0.1082  -0.1035 272 THR B CA  
931 C C   . THR B 60 ? 0.6375 0.7838 0.7663 -0.0585 0.1387  -0.0919 272 THR B C   
932 O O   . THR B 60 ? 0.5221 0.6391 0.6310 -0.0927 0.1401  -0.0853 272 THR B O   
933 C CB  . THR B 60 ? 0.4233 0.6504 0.6381 -0.0750 0.0788  -0.1040 272 THR B CB  
934 O OG1 . THR B 60 ? 0.3887 0.5479 0.5293 -0.0773 0.0596  -0.0933 272 THR B OG1 
935 C CG2 . THR B 60 ? 0.3256 0.6294 0.6133 -0.0650 0.0501  -0.1188 272 THR B CG2 
936 N N   . VAL B 61 ? 0.8129 0.9241 0.8976 -0.0302 0.1627  -0.0897 273 VAL B N   
937 C CA  . VAL B 61 ? 0.8795 0.9121 0.8845 -0.0401 0.1914  -0.0811 273 VAL B CA  
938 C C   . VAL B 61 ? 0.8496 0.7990 0.7649 -0.0546 0.1679  -0.0733 273 VAL B C   
939 O O   . VAL B 61 ? 0.8988 0.7786 0.7365 -0.0407 0.1772  -0.0711 273 VAL B O   
940 C CB  . VAL B 61 ? 0.7710 0.8129 0.7975 -0.0726 0.2159  -0.0778 273 VAL B CB  
941 C CG1 . VAL B 61 ? 0.7272 0.6785 0.6573 -0.0960 0.2182  -0.0667 273 VAL B CG1 
942 C CG2 . VAL B 61 ? 0.8717 0.9527 0.9419 -0.0556 0.2610  -0.0815 273 VAL B CG2 
# 
